data_9OA8
#
_entry.id   9OA8
#
_cell.length_a   1.00
_cell.length_b   1.00
_cell.length_c   1.00
_cell.angle_alpha   90.00
_cell.angle_beta   90.00
_cell.angle_gamma   90.00
#
_symmetry.space_group_name_H-M   'P 1'
#
loop_
_entity.id
_entity.type
_entity.pdbx_description
1 polymer 'Intermediate conductance calcium-activated potassium channel protein 4'
2 polymer Calmodulin-1
3 non-polymer 'POTASSIUM ION'
4 non-polymer (3E)-6,7-dichloro-3-(hydroxyimino)-1,3-dihydro-2H-indol-2-one
5 non-polymer 'CALCIUM ION'
#
loop_
_entity_poly.entity_id
_entity_poly.type
_entity_poly.pdbx_seq_one_letter_code
_entity_poly.pdbx_strand_id
1 'polypeptide(L)'
;LGALRRRKRLLEQEKSLAGWALVLAGTGIGLMVLHAEMLWFGGCSWALYLFLVKCTISISTFLLLCLIVAFHAKEVQLFM
TDNGLRDWRVALTGRQAAQIVLELVVCGLHPAPVRGPPCVQDLGAPLTSPQPWPGFLGQGEALLSLAMLLRLYLVPRAVL
LRSGVLLNASYRSIGALNQVRFRHWFVAKLYMNTHPGRLLLGLTLGLWLTTAWVLSVAERQAVNATGHLSDTLWLIPITF
LTIGYGDVVPGTMWGKIVCLCTGVMGVCCTALLVAVVARKLEFNKAEKHVHNFMMDIQYTKEMKESAARVLQEAWMFYKH
TRRKESHAARRHQRKLLAAINAFRQVRLKHRKLREQVNSMVDISKMHMILYDLQQNLS
;
A,B,C,D
2 'polypeptide(L)'
;DQLTEEQIAEFKEAFSLFDKDGDGTITTKELGTVMRSLGQNPTEAELQDMINEVDADGNGTIDFPEFLTMMARKMKDTDS
EEEIREAFRVFDKDGNGYISAAELRHVMTNLGEKLTDEEVDEMIREADIDGDGQVNYEEFVQMMTA
;
E,F,G,H
#
loop_
_chem_comp.id
_chem_comp.type
_chem_comp.name
_chem_comp.formula
1KP non-polymer (3E)-6,7-dichloro-3-(hydroxyimino)-1,3-dihydro-2H-indol-2-one 'C8 H4 Cl2 N2 O2'
CA non-polymer 'CALCIUM ION' 'Ca 2'
K non-polymer 'POTASSIUM ION' 'K 1'
#
# COMPACT_ATOMS: atom_id res chain seq x y z
N LEU A 1 10.00 1.90 -51.87
CA LEU A 1 9.36 2.00 -50.57
C LEU A 1 7.91 2.44 -50.68
N GLY A 2 7.16 1.78 -51.56
CA GLY A 2 5.74 2.07 -51.71
C GLY A 2 4.88 1.57 -50.57
N ALA A 3 5.43 0.71 -49.71
CA ALA A 3 4.68 0.25 -48.54
C ALA A 3 4.38 1.41 -47.60
N LEU A 4 5.34 2.31 -47.39
CA LEU A 4 5.15 3.43 -46.49
C LEU A 4 4.12 4.44 -47.01
N ARG A 5 3.72 4.34 -48.27
CA ARG A 5 2.64 5.15 -48.83
C ARG A 5 1.32 4.41 -48.83
N ARG A 6 1.33 3.15 -49.28
CA ARG A 6 0.12 2.35 -49.32
C ARG A 6 -0.37 1.94 -47.95
N ARG A 7 0.44 2.13 -46.91
CA ARG A 7 -0.04 1.96 -45.55
C ARG A 7 -0.69 3.22 -45.01
N LYS A 8 -0.06 4.38 -45.23
CA LYS A 8 -0.63 5.63 -44.76
C LYS A 8 -1.98 5.92 -45.43
N ARG A 9 -2.06 5.69 -46.75
CA ARG A 9 -3.32 5.96 -47.44
C ARG A 9 -4.44 5.08 -46.91
N LEU A 10 -4.17 3.78 -46.75
CA LEU A 10 -5.19 2.86 -46.25
C LEU A 10 -5.57 3.19 -44.82
N LEU A 11 -4.59 3.56 -43.98
CA LEU A 11 -4.90 3.90 -42.61
C LEU A 11 -5.80 5.13 -42.53
N GLU A 12 -5.51 6.16 -43.34
CA GLU A 12 -6.36 7.34 -43.35
C GLU A 12 -7.76 7.01 -43.84
N GLN A 13 -7.86 6.20 -44.89
CA GLN A 13 -9.18 5.83 -45.42
C GLN A 13 -10.00 5.09 -44.37
N GLU A 14 -9.40 4.08 -43.72
CA GLU A 14 -10.16 3.32 -42.75
C GLU A 14 -10.46 4.13 -41.49
N LYS A 15 -9.61 5.11 -41.16
CA LYS A 15 -9.95 6.03 -40.09
C LYS A 15 -11.19 6.85 -40.43
N SER A 16 -11.27 7.35 -41.67
CA SER A 16 -12.44 8.10 -42.08
C SER A 16 -13.70 7.24 -42.03
N LEU A 17 -13.62 6.00 -42.52
CA LEU A 17 -14.78 5.12 -42.48
C LEU A 17 -15.19 4.78 -41.06
N ALA A 18 -14.22 4.52 -40.18
CA ALA A 18 -14.55 4.23 -38.79
C ALA A 18 -15.11 5.43 -38.06
N GLY A 19 -14.75 6.65 -38.48
CA GLY A 19 -15.34 7.83 -37.89
C GLY A 19 -16.72 8.13 -38.41
N TRP A 20 -17.01 7.77 -39.66
CA TRP A 20 -18.33 7.97 -40.23
C TRP A 20 -19.30 6.83 -39.95
N ALA A 21 -18.82 5.71 -39.41
CA ALA A 21 -19.71 4.63 -39.00
C ALA A 21 -20.27 4.80 -37.60
N LEU A 22 -19.94 5.89 -36.92
CA LEU A 22 -20.46 6.16 -35.59
C LEU A 22 -21.63 7.13 -35.58
N VAL A 23 -21.67 8.08 -36.52
CA VAL A 23 -22.77 9.03 -36.61
C VAL A 23 -24.07 8.30 -36.90
N LEU A 24 -24.03 7.33 -37.81
CA LEU A 24 -25.24 6.57 -38.14
C LEU A 24 -25.75 5.78 -36.95
N ALA A 25 -24.84 5.15 -36.19
CA ALA A 25 -25.27 4.42 -34.99
C ALA A 25 -25.86 5.37 -33.95
N GLY A 26 -25.23 6.54 -33.78
CA GLY A 26 -25.79 7.52 -32.85
C GLY A 26 -27.18 7.98 -33.25
N THR A 27 -27.39 8.24 -34.54
CA THR A 27 -28.71 8.64 -35.02
C THR A 27 -29.72 7.51 -34.84
N GLY A 28 -29.29 6.27 -35.09
CA GLY A 28 -30.19 5.14 -34.91
C GLY A 28 -30.63 4.99 -33.47
N ILE A 29 -29.70 5.14 -32.53
CA ILE A 29 -30.07 5.09 -31.11
C ILE A 29 -30.95 6.28 -30.74
N GLY A 30 -30.67 7.45 -31.31
CA GLY A 30 -31.44 8.63 -30.99
C GLY A 30 -32.89 8.54 -31.46
N LEU A 31 -33.11 7.95 -32.64
CA LEU A 31 -34.46 7.86 -33.20
C LEU A 31 -35.28 6.74 -32.58
N MET A 32 -34.88 6.21 -31.44
CA MET A 32 -35.66 5.23 -30.70
C MET A 32 -36.34 5.81 -29.47
N VAL A 33 -35.67 6.73 -28.77
CA VAL A 33 -36.32 7.42 -27.65
C VAL A 33 -37.48 8.27 -28.16
N LEU A 34 -37.27 8.99 -29.26
CA LEU A 34 -38.35 9.80 -29.84
C LEU A 34 -39.50 8.95 -30.37
N HIS A 35 -39.32 7.64 -30.50
CA HIS A 35 -40.42 6.76 -30.86
C HIS A 35 -41.11 6.19 -29.63
N ALA A 36 -40.33 5.73 -28.65
CA ALA A 36 -40.90 5.16 -27.44
C ALA A 36 -41.68 6.21 -26.64
N GLU A 37 -41.08 7.38 -26.41
CA GLU A 37 -41.75 8.41 -25.65
C GLU A 37 -42.98 8.94 -26.40
N MET A 38 -42.89 9.04 -27.72
CA MET A 38 -44.04 9.47 -28.50
C MET A 38 -45.18 8.46 -28.41
N LEU A 39 -44.87 7.16 -28.45
CA LEU A 39 -45.90 6.15 -28.29
C LEU A 39 -46.50 6.19 -26.88
N TRP A 40 -45.70 6.51 -25.88
CA TRP A 40 -46.23 6.62 -24.51
C TRP A 40 -47.16 7.81 -24.37
N PHE A 41 -46.66 9.01 -24.64
CA PHE A 41 -47.47 10.23 -24.57
C PHE A 41 -48.23 10.44 -25.88
N GLY A 42 -49.01 9.44 -26.25
CA GLY A 42 -49.75 9.47 -27.50
C GLY A 42 -50.61 8.24 -27.71
N GLY A 43 -50.55 7.66 -28.91
CA GLY A 43 -51.33 6.48 -29.21
C GLY A 43 -51.91 6.49 -30.61
N CYS A 44 -53.23 6.35 -30.71
CA CYS A 44 -53.89 6.36 -32.02
C CYS A 44 -53.85 7.72 -32.68
N SER A 45 -53.66 8.80 -31.90
CA SER A 45 -53.58 10.13 -32.49
C SER A 45 -52.38 10.25 -33.42
N TRP A 46 -51.23 9.72 -33.02
CA TRP A 46 -50.02 9.70 -33.83
C TRP A 46 -49.92 8.31 -34.46
N ALA A 47 -50.46 8.17 -35.66
CA ALA A 47 -50.40 6.91 -36.39
C ALA A 47 -49.50 6.96 -37.61
N LEU A 48 -49.08 8.14 -38.05
CA LEU A 48 -48.15 8.29 -39.16
C LEU A 48 -46.74 8.66 -38.71
N TYR A 49 -46.61 9.43 -37.63
CA TYR A 49 -45.30 9.75 -37.08
C TYR A 49 -44.69 8.59 -36.30
N LEU A 50 -45.47 7.57 -35.98
CA LEU A 50 -44.93 6.32 -35.45
C LEU A 50 -44.56 5.34 -36.56
N PHE A 51 -44.87 5.67 -37.80
CA PHE A 51 -44.43 4.91 -38.97
C PHE A 51 -43.25 5.54 -39.67
N LEU A 52 -43.21 6.88 -39.74
CA LEU A 52 -42.09 7.56 -40.36
C LEU A 52 -40.78 7.27 -39.62
N VAL A 53 -40.80 7.33 -38.29
CA VAL A 53 -39.61 7.07 -37.50
C VAL A 53 -39.18 5.61 -37.63
N LYS A 54 -40.15 4.68 -37.56
CA LYS A 54 -39.83 3.27 -37.66
C LYS A 54 -39.41 2.86 -39.07
N CYS A 55 -39.69 3.69 -40.08
CA CYS A 55 -39.12 3.48 -41.39
C CYS A 55 -37.76 4.14 -41.57
N THR A 56 -37.51 5.23 -40.84
CA THR A 56 -36.19 5.87 -40.90
C THR A 56 -35.12 5.08 -40.16
N ILE A 57 -35.51 4.34 -39.12
CA ILE A 57 -34.53 3.61 -38.33
C ILE A 57 -34.11 2.32 -39.04
N SER A 58 -34.59 2.14 -40.27
CA SER A 58 -34.09 1.08 -41.16
C SER A 58 -33.18 1.62 -42.25
N ILE A 59 -33.50 2.79 -42.80
CA ILE A 59 -32.60 3.46 -43.72
C ILE A 59 -31.30 3.84 -43.01
N SER A 60 -31.40 4.26 -41.75
CA SER A 60 -30.21 4.62 -41.00
C SER A 60 -29.37 3.42 -40.60
N THR A 61 -29.86 2.20 -40.79
CA THR A 61 -29.12 0.98 -40.49
C THR A 61 -28.57 0.29 -41.74
N PHE A 62 -29.27 0.45 -42.88
CA PHE A 62 -28.78 -0.14 -44.12
C PHE A 62 -27.45 0.47 -44.57
N LEU A 63 -27.11 1.66 -44.08
CA LEU A 63 -25.82 2.26 -44.39
C LEU A 63 -24.73 1.81 -43.44
N LEU A 64 -25.07 1.60 -42.16
CA LEU A 64 -24.10 1.03 -41.22
C LEU A 64 -23.70 -0.37 -41.63
N LEU A 65 -24.67 -1.16 -42.10
CA LEU A 65 -24.37 -2.53 -42.51
C LEU A 65 -23.41 -2.58 -43.70
N CYS A 66 -23.28 -1.50 -44.46
CA CYS A 66 -22.31 -1.42 -45.55
C CYS A 66 -20.99 -0.79 -45.13
N LEU A 67 -21.04 0.20 -44.22
CA LEU A 67 -19.81 0.79 -43.73
C LEU A 67 -18.97 -0.23 -42.98
N ILE A 68 -19.62 -1.11 -42.21
CA ILE A 68 -18.87 -2.15 -41.49
C ILE A 68 -18.14 -3.06 -42.47
N VAL A 69 -18.82 -3.49 -43.53
CA VAL A 69 -18.20 -4.37 -44.52
C VAL A 69 -17.06 -3.67 -45.23
N ALA A 70 -17.23 -2.37 -45.56
CA ALA A 70 -16.15 -1.64 -46.21
C ALA A 70 -14.92 -1.55 -45.31
N PHE A 71 -15.13 -1.27 -44.02
CA PHE A 71 -13.99 -1.22 -43.09
C PHE A 71 -13.29 -2.57 -42.99
N HIS A 72 -14.07 -3.65 -42.91
CA HIS A 72 -13.44 -4.96 -42.80
C HIS A 72 -12.77 -5.40 -44.10
N ALA A 73 -13.18 -4.85 -45.24
CA ALA A 73 -12.44 -5.10 -46.48
C ALA A 73 -11.13 -4.32 -46.51
N LYS A 74 -11.15 -3.06 -46.06
CA LYS A 74 -9.92 -2.28 -46.05
C LYS A 74 -8.89 -2.84 -45.07
N GLU A 75 -9.34 -3.42 -43.95
CA GLU A 75 -8.38 -4.03 -43.03
C GLU A 75 -7.65 -5.20 -43.69
N VAL A 76 -8.37 -6.04 -44.43
CA VAL A 76 -7.73 -7.15 -45.13
C VAL A 76 -6.81 -6.63 -46.22
N GLN A 77 -7.23 -5.58 -46.93
CA GLN A 77 -6.37 -5.01 -47.96
C GLN A 77 -5.08 -4.44 -47.36
N LEU A 78 -5.14 -3.96 -46.12
CA LEU A 78 -3.94 -3.49 -45.44
C LEU A 78 -3.07 -4.65 -45.00
N PHE A 79 -3.68 -5.73 -44.52
CA PHE A 79 -2.92 -6.91 -44.11
C PHE A 79 -2.15 -7.49 -45.29
N MET A 80 -2.78 -7.55 -46.46
CA MET A 80 -2.11 -8.06 -47.65
C MET A 80 -0.87 -7.23 -47.99
N THR A 81 -0.99 -5.91 -47.91
CA THR A 81 0.17 -5.05 -48.15
C THR A 81 1.24 -5.27 -47.09
N ASP A 82 0.84 -5.49 -45.84
CA ASP A 82 1.80 -5.73 -44.78
C ASP A 82 2.63 -6.98 -45.05
N ASN A 83 1.97 -8.07 -45.46
CA ASN A 83 2.68 -9.32 -45.69
C ASN A 83 3.13 -9.52 -47.14
N GLY A 84 2.78 -8.61 -48.03
CA GLY A 84 3.23 -8.72 -49.42
C GLY A 84 2.70 -9.93 -50.15
N LEU A 85 1.42 -10.26 -49.96
CA LEU A 85 0.80 -11.37 -50.67
C LEU A 85 0.20 -10.87 -51.99
N ARG A 86 -0.41 -11.79 -52.73
CA ARG A 86 -1.02 -11.42 -54.00
C ARG A 86 -2.45 -11.92 -54.11
N ASP A 87 -2.77 -13.05 -53.47
CA ASP A 87 -4.09 -13.65 -53.53
C ASP A 87 -4.80 -13.45 -52.21
N TRP A 88 -6.04 -12.96 -52.28
CA TRP A 88 -6.80 -12.65 -51.07
C TRP A 88 -7.39 -13.89 -50.40
N ARG A 89 -7.33 -15.06 -51.04
CA ARG A 89 -7.84 -16.27 -50.43
C ARG A 89 -6.98 -16.76 -49.27
N VAL A 90 -5.80 -16.18 -49.08
CA VAL A 90 -4.85 -16.67 -48.07
C VAL A 90 -4.98 -15.86 -46.79
N ALA A 91 -5.30 -14.56 -46.92
CA ALA A 91 -5.27 -13.65 -45.79
C ALA A 91 -6.47 -13.78 -44.86
N LEU A 92 -7.48 -14.56 -45.23
CA LEU A 92 -8.69 -14.71 -44.43
C LEU A 92 -8.67 -16.03 -43.67
N THR A 93 -8.73 -15.95 -42.35
CA THR A 93 -8.87 -17.12 -41.50
C THR A 93 -10.36 -17.37 -41.23
N GLY A 94 -10.66 -18.26 -40.29
CA GLY A 94 -12.04 -18.50 -39.92
C GLY A 94 -12.51 -17.59 -38.79
N ARG A 95 -11.59 -17.23 -37.90
CA ARG A 95 -11.93 -16.35 -36.79
C ARG A 95 -12.38 -14.99 -37.29
N GLN A 96 -11.71 -14.46 -38.32
CA GLN A 96 -12.11 -13.17 -38.86
C GLN A 96 -13.50 -13.24 -39.49
N ALA A 97 -13.81 -14.35 -40.17
CA ALA A 97 -15.14 -14.51 -40.73
C ALA A 97 -16.19 -14.57 -39.62
N ALA A 98 -15.90 -15.28 -38.53
CA ALA A 98 -16.81 -15.32 -37.41
C ALA A 98 -17.04 -13.93 -36.83
N GLN A 99 -15.96 -13.15 -36.68
CA GLN A 99 -16.10 -11.79 -36.17
C GLN A 99 -16.96 -10.94 -37.10
N ILE A 100 -16.75 -11.06 -38.41
CA ILE A 100 -17.53 -10.27 -39.36
C ILE A 100 -19.01 -10.63 -39.27
N VAL A 101 -19.32 -11.93 -39.22
CA VAL A 101 -20.73 -12.34 -39.13
C VAL A 101 -21.35 -11.87 -37.83
N LEU A 102 -20.62 -11.99 -36.72
CA LEU A 102 -21.15 -11.54 -35.43
C LEU A 102 -21.41 -10.04 -35.44
N GLU A 103 -20.50 -9.26 -36.00
CA GLU A 103 -20.72 -7.82 -36.07
C GLU A 103 -21.91 -7.49 -36.96
N LEU A 104 -22.06 -8.21 -38.08
CA LEU A 104 -23.18 -7.95 -38.97
C LEU A 104 -24.51 -8.24 -38.29
N VAL A 105 -24.58 -9.32 -37.50
CA VAL A 105 -25.86 -9.62 -36.86
C VAL A 105 -26.11 -8.74 -35.64
N VAL A 106 -25.05 -8.33 -34.93
CA VAL A 106 -25.24 -7.47 -33.76
C VAL A 106 -25.67 -6.07 -34.18
N CYS A 107 -25.05 -5.54 -35.24
CA CYS A 107 -25.39 -4.21 -35.72
C CYS A 107 -26.56 -4.22 -36.70
N GLY A 108 -27.42 -5.23 -36.65
CA GLY A 108 -28.54 -5.31 -37.56
C GLY A 108 -29.85 -5.66 -36.88
N LEU A 109 -29.95 -5.38 -35.58
CA LEU A 109 -31.18 -5.61 -34.82
C LEU A 109 -31.85 -4.26 -34.56
N HIS A 110 -33.10 -4.13 -35.00
CA HIS A 110 -33.84 -2.89 -34.85
C HIS A 110 -35.32 -3.20 -34.99
N PRO A 111 -36.21 -2.33 -34.50
CA PRO A 111 -37.65 -2.53 -34.72
C PRO A 111 -38.00 -2.51 -36.20
N ALA A 112 -38.44 -3.65 -36.72
CA ALA A 112 -38.74 -3.76 -38.14
C ALA A 112 -40.08 -3.11 -38.45
N PRO A 113 -40.13 -2.16 -39.39
CA PRO A 113 -41.43 -1.55 -39.73
C PRO A 113 -42.31 -2.49 -40.53
N VAL A 114 -42.78 -3.56 -39.88
CA VAL A 114 -43.64 -4.55 -40.52
C VAL A 114 -44.99 -4.55 -39.83
N ARG A 115 -45.38 -3.41 -39.28
CA ARG A 115 -46.66 -3.29 -38.60
C ARG A 115 -47.82 -3.24 -39.60
N PRO A 134 -53.91 1.54 -25.00
CA PRO A 134 -53.39 0.94 -26.23
C PRO A 134 -51.91 1.27 -26.47
N GLY A 135 -51.36 2.17 -25.65
CA GLY A 135 -49.97 2.55 -25.80
C GLY A 135 -49.04 1.74 -24.93
N PHE A 136 -48.43 0.72 -25.52
CA PHE A 136 -47.50 -0.15 -24.82
C PHE A 136 -46.57 -0.80 -25.84
N LEU A 137 -45.29 -0.89 -25.49
CA LEU A 137 -44.34 -1.63 -26.32
C LEU A 137 -44.63 -3.11 -26.19
N GLY A 138 -45.18 -3.72 -27.24
CA GLY A 138 -45.55 -5.12 -27.17
C GLY A 138 -44.35 -6.01 -26.95
N GLN A 139 -44.56 -7.10 -26.21
CA GLN A 139 -43.49 -8.04 -25.94
C GLN A 139 -43.01 -8.66 -27.25
N GLY A 140 -41.72 -8.49 -27.54
CA GLY A 140 -41.15 -8.96 -28.79
C GLY A 140 -40.34 -7.90 -29.49
N GLU A 141 -40.78 -6.65 -29.41
CA GLU A 141 -40.02 -5.53 -29.96
C GLU A 141 -39.39 -4.65 -28.89
N ALA A 142 -39.83 -4.75 -27.64
CA ALA A 142 -39.13 -4.06 -26.56
C ALA A 142 -37.71 -4.59 -26.41
N LEU A 143 -37.54 -5.90 -26.52
CA LEU A 143 -36.20 -6.49 -26.47
C LEU A 143 -35.36 -6.03 -27.65
N LEU A 144 -35.94 -5.94 -28.84
CA LEU A 144 -35.21 -5.44 -30.00
C LEU A 144 -34.77 -4.00 -29.78
N SER A 145 -35.67 -3.17 -29.25
CA SER A 145 -35.31 -1.77 -28.99
C SER A 145 -34.20 -1.66 -27.95
N LEU A 146 -34.32 -2.42 -26.86
CA LEU A 146 -33.28 -2.39 -25.84
C LEU A 146 -31.99 -3.09 -26.28
N ALA A 147 -32.02 -3.81 -27.41
CA ALA A 147 -30.84 -4.45 -27.96
C ALA A 147 -30.06 -3.53 -28.88
N MET A 148 -30.50 -2.30 -29.07
CA MET A 148 -29.77 -1.32 -29.86
C MET A 148 -28.76 -0.54 -29.02
N LEU A 149 -28.66 -0.84 -27.73
CA LEU A 149 -27.64 -0.26 -26.87
C LEU A 149 -26.33 -1.03 -26.90
N LEU A 150 -26.26 -2.10 -27.68
CA LEU A 150 -25.03 -2.86 -27.86
C LEU A 150 -24.14 -2.28 -28.95
N ARG A 151 -24.57 -1.22 -29.61
CA ARG A 151 -23.77 -0.55 -30.63
C ARG A 151 -22.71 0.36 -30.04
N LEU A 152 -22.41 0.24 -28.75
CA LEU A 152 -21.39 1.06 -28.10
C LEU A 152 -20.01 0.42 -28.15
N TYR A 153 -19.86 -0.73 -28.79
CA TYR A 153 -18.53 -1.32 -28.98
C TYR A 153 -17.76 -0.66 -30.11
N LEU A 154 -18.37 0.28 -30.84
CA LEU A 154 -17.69 1.00 -31.90
C LEU A 154 -16.86 2.17 -31.39
N VAL A 155 -17.08 2.61 -30.14
CA VAL A 155 -16.36 3.78 -29.63
C VAL A 155 -14.84 3.55 -29.56
N PRO A 156 -14.34 2.47 -28.94
CA PRO A 156 -12.87 2.29 -28.92
C PRO A 156 -12.24 2.21 -30.30
N ARG A 157 -12.92 1.57 -31.25
CA ARG A 157 -12.36 1.44 -32.60
C ARG A 157 -12.28 2.78 -33.32
N ALA A 158 -13.22 3.68 -33.04
CA ALA A 158 -13.21 5.00 -33.65
C ALA A 158 -12.40 6.01 -32.83
N VAL A 159 -11.97 5.64 -31.63
CA VAL A 159 -11.12 6.53 -30.84
C VAL A 159 -9.64 6.20 -31.03
N LEU A 160 -9.29 4.91 -31.09
CA LEU A 160 -7.89 4.54 -31.26
C LEU A 160 -7.33 5.04 -32.58
N LEU A 161 -8.11 4.92 -33.66
CA LEU A 161 -7.65 5.36 -34.97
C LEU A 161 -7.52 6.87 -35.08
N ARG A 162 -8.05 7.62 -34.12
CA ARG A 162 -8.01 9.08 -34.17
C ARG A 162 -7.12 9.71 -33.11
N SER A 163 -6.57 8.93 -32.19
CA SER A 163 -5.71 9.49 -31.16
C SER A 163 -4.46 10.10 -31.77
N GLY A 164 -3.87 9.43 -32.76
CA GLY A 164 -2.71 9.94 -33.46
C GLY A 164 -1.37 9.42 -33.00
N VAL A 165 -1.34 8.44 -32.10
CA VAL A 165 -0.06 7.85 -31.67
C VAL A 165 0.37 6.70 -32.55
N LEU A 166 -0.46 6.27 -33.50
CA LEU A 166 -0.11 5.21 -34.43
C LEU A 166 0.59 5.72 -35.68
N LEU A 167 0.74 7.05 -35.82
CA LEU A 167 1.31 7.64 -37.02
C LEU A 167 2.61 8.40 -36.79
N ASN A 168 2.96 8.71 -35.54
CA ASN A 168 4.20 9.41 -35.27
C ASN A 168 5.40 8.54 -35.64
N ALA A 169 6.38 9.15 -36.29
CA ALA A 169 7.62 8.45 -36.61
C ALA A 169 8.62 8.49 -35.48
N SER A 170 8.50 9.45 -34.56
CA SER A 170 9.37 9.55 -33.40
C SER A 170 8.82 8.81 -32.19
N TYR A 171 7.74 8.04 -32.36
CA TYR A 171 7.08 7.38 -31.26
C TYR A 171 6.96 5.88 -31.45
N ARG A 172 7.24 5.36 -32.65
CA ARG A 172 7.26 3.93 -32.92
C ARG A 172 8.64 3.32 -32.85
N SER A 173 9.68 4.12 -32.65
CA SER A 173 11.04 3.62 -32.46
C SER A 173 11.43 3.57 -30.98
N ILE A 174 11.07 4.59 -30.21
CA ILE A 174 11.23 4.52 -28.76
C ILE A 174 10.38 3.38 -28.20
N GLY A 175 9.19 3.17 -28.77
CA GLY A 175 8.38 2.04 -28.35
C GLY A 175 8.90 0.71 -28.85
N ALA A 176 9.65 0.72 -29.96
CA ALA A 176 10.23 -0.51 -30.47
C ALA A 176 11.43 -0.95 -29.64
N LEU A 177 12.24 0.00 -29.17
CA LEU A 177 13.39 -0.35 -28.35
C LEU A 177 12.96 -1.01 -27.05
N ASN A 178 11.90 -0.52 -26.44
CA ASN A 178 11.40 -1.07 -25.18
C ASN A 178 10.40 -2.20 -25.39
N GLN A 179 10.06 -2.52 -26.64
CA GLN A 179 9.17 -3.63 -26.98
C GLN A 179 7.80 -3.48 -26.32
N VAL A 180 7.10 -2.43 -26.73
CA VAL A 180 5.71 -2.20 -26.33
C VAL A 180 4.87 -2.07 -27.59
N ARG A 181 3.67 -2.65 -27.55
CA ARG A 181 2.74 -2.59 -28.67
C ARG A 181 1.53 -1.76 -28.28
N PHE A 182 1.02 -0.99 -29.25
CA PHE A 182 -0.07 -0.06 -29.01
C PHE A 182 -1.38 -0.73 -29.39
N ARG A 183 -2.31 -0.79 -28.43
CA ARG A 183 -3.60 -1.42 -28.62
C ARG A 183 -4.66 -0.58 -27.92
N HIS A 184 -5.85 -1.15 -27.73
CA HIS A 184 -6.93 -0.45 -27.05
C HIS A 184 -6.66 -0.21 -25.58
N TRP A 185 -5.64 -0.84 -25.00
CA TRP A 185 -5.37 -0.72 -23.58
C TRP A 185 -4.37 0.38 -23.25
N PHE A 186 -3.34 0.56 -24.08
CA PHE A 186 -2.35 1.59 -23.81
C PHE A 186 -2.97 2.98 -23.84
N VAL A 187 -3.81 3.26 -24.84
CA VAL A 187 -4.45 4.55 -24.94
C VAL A 187 -5.41 4.76 -23.77
N ALA A 188 -6.12 3.70 -23.37
CA ALA A 188 -7.02 3.81 -22.21
C ALA A 188 -6.24 4.12 -20.94
N LYS A 189 -5.10 3.47 -20.74
CA LYS A 189 -4.26 3.76 -19.58
C LYS A 189 -3.75 5.20 -19.63
N LEU A 190 -3.35 5.66 -20.81
CA LEU A 190 -2.87 7.04 -20.94
C LEU A 190 -3.96 8.03 -20.56
N TYR A 191 -5.18 7.83 -21.07
CA TYR A 191 -6.28 8.73 -20.75
C TYR A 191 -6.66 8.64 -19.27
N MET A 192 -6.59 7.44 -18.68
CA MET A 192 -6.89 7.30 -17.26
C MET A 192 -5.88 8.04 -16.41
N ASN A 193 -4.60 7.96 -16.76
CA ASN A 193 -3.55 8.55 -15.94
C ASN A 193 -3.27 10.01 -16.25
N THR A 194 -3.80 10.54 -17.35
CA THR A 194 -3.64 11.97 -17.61
C THR A 194 -4.50 12.80 -16.67
N HIS A 195 -5.76 12.40 -16.47
CA HIS A 195 -6.66 13.07 -15.54
C HIS A 195 -7.74 12.09 -15.08
N PRO A 196 -7.52 11.38 -13.97
CA PRO A 196 -8.47 10.33 -13.57
C PRO A 196 -9.79 10.87 -13.04
N GLY A 197 -9.80 12.06 -12.43
CA GLY A 197 -11.03 12.57 -11.83
C GLY A 197 -12.11 12.86 -12.85
N ARG A 198 -11.71 13.45 -13.99
CA ARG A 198 -12.69 13.84 -15.00
C ARG A 198 -13.43 12.62 -15.55
N LEU A 199 -12.70 11.53 -15.80
CA LEU A 199 -13.33 10.34 -16.35
C LEU A 199 -14.38 9.78 -15.40
N LEU A 200 -14.04 9.68 -14.11
CA LEU A 200 -15.00 9.16 -13.14
C LEU A 200 -16.20 10.08 -13.00
N LEU A 201 -15.96 11.40 -12.94
CA LEU A 201 -17.06 12.33 -12.79
C LEU A 201 -17.94 12.41 -14.02
N GLY A 202 -17.42 12.05 -15.20
CA GLY A 202 -18.24 12.03 -16.40
C GLY A 202 -18.87 10.69 -16.68
N LEU A 203 -18.39 9.64 -16.01
CA LEU A 203 -18.96 8.31 -16.18
C LEU A 203 -20.04 8.02 -15.14
N THR A 204 -19.86 8.46 -13.90
CA THR A 204 -20.88 8.24 -12.89
C THR A 204 -22.13 9.09 -13.13
N LEU A 205 -22.01 10.16 -13.91
CA LEU A 205 -23.17 10.97 -14.30
C LEU A 205 -23.78 10.50 -15.61
N GLY A 206 -23.16 9.54 -16.29
CA GLY A 206 -23.74 8.96 -17.49
C GLY A 206 -24.41 7.63 -17.19
N LEU A 207 -23.82 6.87 -16.26
CA LEU A 207 -24.43 5.62 -15.83
C LEU A 207 -25.63 5.83 -14.92
N TRP A 208 -25.74 6.98 -14.28
CA TRP A 208 -26.92 7.31 -13.49
C TRP A 208 -28.09 7.76 -14.35
N LEU A 209 -27.87 7.99 -15.64
CA LEU A 209 -28.91 8.48 -16.53
C LEU A 209 -29.25 7.52 -17.66
N THR A 210 -28.27 6.79 -18.21
CA THR A 210 -28.59 5.80 -19.23
C THR A 210 -29.20 4.54 -18.64
N THR A 211 -29.18 4.39 -17.32
CA THR A 211 -29.83 3.28 -16.64
C THR A 211 -31.19 3.64 -16.08
N ALA A 212 -31.40 4.91 -15.72
CA ALA A 212 -32.70 5.37 -15.23
C ALA A 212 -33.79 5.32 -16.29
N TRP A 213 -33.42 5.19 -17.56
CA TRP A 213 -34.38 5.00 -18.63
C TRP A 213 -34.61 3.53 -18.96
N VAL A 214 -33.56 2.70 -18.90
CA VAL A 214 -33.74 1.27 -19.10
C VAL A 214 -34.58 0.68 -17.97
N LEU A 215 -34.42 1.20 -16.76
CA LEU A 215 -35.28 0.74 -15.66
C LEU A 215 -36.68 1.31 -15.78
N SER A 216 -36.83 2.47 -16.44
CA SER A 216 -38.15 3.06 -16.60
C SER A 216 -38.96 2.30 -17.65
N VAL A 217 -38.33 1.89 -18.75
CA VAL A 217 -39.05 1.23 -19.82
C VAL A 217 -39.57 -0.14 -19.39
N ALA A 218 -38.99 -0.74 -18.35
CA ALA A 218 -39.40 -2.06 -17.90
C ALA A 218 -40.46 -2.03 -16.80
N GLU A 219 -40.83 -0.85 -16.30
CA GLU A 219 -41.83 -0.76 -15.24
C GLU A 219 -42.82 0.38 -15.47
N ARG A 220 -43.12 0.70 -16.73
CA ARG A 220 -44.13 1.71 -17.00
C ARG A 220 -45.50 1.17 -16.61
N GLN A 221 -46.26 1.97 -15.84
CA GLN A 221 -47.57 1.58 -15.36
C GLN A 221 -48.60 2.59 -15.85
N ALA A 222 -49.73 2.08 -16.35
CA ALA A 222 -50.75 2.93 -16.95
C ALA A 222 -51.77 3.43 -15.94
N VAL A 223 -52.22 2.54 -15.05
CA VAL A 223 -53.27 2.91 -14.09
C VAL A 223 -52.77 3.99 -13.14
N ASN A 224 -51.56 3.84 -12.62
CA ASN A 224 -50.98 4.81 -11.69
C ASN A 224 -49.52 5.00 -12.03
N ALA A 225 -48.83 5.81 -11.23
CA ALA A 225 -47.41 6.06 -11.40
C ALA A 225 -46.58 5.13 -10.51
N THR A 226 -46.74 3.83 -10.75
CA THR A 226 -45.97 2.85 -9.99
C THR A 226 -44.48 2.98 -10.27
N GLY A 227 -44.11 3.25 -11.52
CA GLY A 227 -42.72 3.46 -11.86
C GLY A 227 -42.56 4.27 -13.14
N HIS A 228 -41.76 5.33 -13.07
CA HIS A 228 -41.50 6.18 -14.23
C HIS A 228 -40.18 6.90 -14.00
N LEU A 229 -39.89 7.89 -14.84
CA LEU A 229 -38.64 8.63 -14.72
C LEU A 229 -38.60 9.54 -13.50
N SER A 230 -39.75 9.78 -12.86
CA SER A 230 -39.76 10.59 -11.65
C SER A 230 -39.25 9.82 -10.43
N ASP A 231 -39.43 8.51 -10.41
CA ASP A 231 -39.03 7.68 -9.28
C ASP A 231 -37.72 6.93 -9.52
N THR A 232 -37.42 6.55 -10.76
CA THR A 232 -36.17 5.85 -11.04
C THR A 232 -34.96 6.73 -10.80
N LEU A 233 -35.08 8.03 -11.07
CA LEU A 233 -33.98 8.95 -10.82
C LEU A 233 -33.65 9.08 -9.34
N TRP A 234 -34.59 8.72 -8.47
CA TRP A 234 -34.33 8.66 -7.03
C TRP A 234 -33.92 7.27 -6.58
N LEU A 235 -34.42 6.23 -7.26
CA LEU A 235 -34.11 4.85 -6.88
C LEU A 235 -32.69 4.46 -7.26
N ILE A 236 -32.23 4.84 -8.45
CA ILE A 236 -30.94 4.38 -8.97
C ILE A 236 -29.77 4.86 -8.13
N PRO A 237 -29.65 6.16 -7.79
CA PRO A 237 -28.51 6.57 -6.94
C PRO A 237 -28.50 5.93 -5.58
N ILE A 238 -29.67 5.69 -4.99
CA ILE A 238 -29.74 5.06 -3.68
C ILE A 238 -29.17 3.64 -3.73
N THR A 239 -29.56 2.87 -4.75
CA THR A 239 -29.00 1.53 -4.91
C THR A 239 -27.52 1.60 -5.25
N PHE A 240 -27.12 2.60 -6.03
CA PHE A 240 -25.72 2.76 -6.41
C PHE A 240 -24.83 3.00 -5.19
N LEU A 241 -25.30 3.79 -4.23
CA LEU A 241 -24.54 4.13 -3.05
C LEU A 241 -24.74 3.14 -1.91
N THR A 242 -25.51 2.08 -2.12
CA THR A 242 -25.80 1.06 -1.10
C THR A 242 -26.41 1.67 0.15
N ILE A 243 -27.34 2.61 -0.04
CA ILE A 243 -28.08 3.23 1.06
C ILE A 243 -29.55 2.90 0.90
N GLY A 244 -29.84 1.69 0.40
CA GLY A 244 -31.20 1.29 0.09
C GLY A 244 -32.20 1.56 1.20
N TYR A 245 -33.12 2.50 0.96
CA TYR A 245 -34.10 2.88 1.96
C TYR A 245 -35.24 1.86 2.03
N GLY A 246 -35.98 1.73 0.95
CA GLY A 246 -37.11 0.82 0.91
C GLY A 246 -38.42 1.49 0.58
N ASP A 247 -38.37 2.78 0.24
CA ASP A 247 -39.60 3.50 -0.10
C ASP A 247 -40.16 3.03 -1.44
N VAL A 248 -39.29 2.78 -2.42
CA VAL A 248 -39.68 2.25 -3.72
C VAL A 248 -38.81 1.04 -4.04
N VAL A 249 -39.44 -0.03 -4.51
CA VAL A 249 -38.72 -1.26 -4.85
C VAL A 249 -39.21 -1.77 -6.20
N PRO A 250 -38.37 -2.46 -6.96
CA PRO A 250 -38.81 -2.98 -8.26
C PRO A 250 -39.87 -4.06 -8.11
N GLY A 251 -40.68 -4.21 -9.15
CA GLY A 251 -41.76 -5.18 -9.13
C GLY A 251 -41.89 -6.02 -10.38
N THR A 252 -40.77 -6.30 -11.04
CA THR A 252 -40.77 -7.11 -12.26
C THR A 252 -39.44 -7.82 -12.38
N MET A 253 -39.47 -9.03 -12.91
CA MET A 253 -38.24 -9.83 -13.04
C MET A 253 -37.18 -9.10 -13.86
N TRP A 254 -37.59 -8.31 -14.85
CA TRP A 254 -36.64 -7.54 -15.64
C TRP A 254 -36.16 -6.28 -14.96
N GLY A 255 -36.81 -5.87 -13.87
CA GLY A 255 -36.36 -4.71 -13.12
C GLY A 255 -35.55 -5.08 -11.90
N LYS A 256 -35.48 -6.36 -11.59
CA LYS A 256 -34.73 -6.86 -10.44
C LYS A 256 -33.34 -7.34 -10.80
N ILE A 257 -32.93 -7.17 -12.07
CA ILE A 257 -31.57 -7.45 -12.48
C ILE A 257 -30.78 -6.16 -12.74
N VAL A 258 -31.43 -5.12 -13.24
CA VAL A 258 -30.77 -3.83 -13.46
C VAL A 258 -30.24 -3.27 -12.14
N CYS A 259 -31.02 -3.43 -11.06
CA CYS A 259 -30.58 -2.95 -9.75
C CYS A 259 -29.35 -3.70 -9.27
N LEU A 260 -29.31 -5.01 -9.47
CA LEU A 260 -28.13 -5.79 -9.10
C LEU A 260 -26.91 -5.35 -9.90
N CYS A 261 -27.09 -5.11 -11.20
CA CYS A 261 -25.97 -4.61 -12.02
C CYS A 261 -25.49 -3.27 -11.52
N THR A 262 -26.42 -2.37 -11.17
CA THR A 262 -26.04 -1.05 -10.68
C THR A 262 -25.27 -1.16 -9.38
N GLY A 263 -25.72 -2.02 -8.46
CA GLY A 263 -24.98 -2.21 -7.22
C GLY A 263 -23.59 -2.76 -7.44
N VAL A 264 -23.46 -3.74 -8.34
CA VAL A 264 -22.16 -4.31 -8.64
C VAL A 264 -21.22 -3.25 -9.19
N MET A 265 -21.70 -2.41 -10.10
CA MET A 265 -20.86 -1.34 -10.63
C MET A 265 -20.48 -0.34 -9.55
N GLY A 266 -21.44 0.02 -8.69
CA GLY A 266 -21.16 1.04 -7.68
C GLY A 266 -20.14 0.58 -6.66
N VAL A 267 -20.17 -0.70 -6.29
CA VAL A 267 -19.24 -1.20 -5.28
C VAL A 267 -17.79 -0.99 -5.74
N CYS A 268 -17.53 -1.08 -7.04
CA CYS A 268 -16.19 -0.83 -7.56
C CYS A 268 -15.92 0.66 -7.79
N CYS A 269 -16.91 1.39 -8.31
CA CYS A 269 -16.70 2.80 -8.63
C CYS A 269 -16.39 3.61 -7.38
N THR A 270 -17.09 3.32 -6.26
CA THR A 270 -16.84 4.07 -5.04
C THR A 270 -15.40 3.88 -4.55
N ALA A 271 -14.90 2.65 -4.59
CA ALA A 271 -13.53 2.39 -4.17
C ALA A 271 -12.54 3.08 -5.10
N LEU A 272 -12.78 3.02 -6.41
CA LEU A 272 -11.89 3.70 -7.35
C LEU A 272 -11.84 5.19 -7.10
N LEU A 273 -12.97 5.80 -6.71
CA LEU A 273 -12.97 7.24 -6.44
C LEU A 273 -12.24 7.55 -5.13
N VAL A 274 -12.52 6.78 -4.07
CA VAL A 274 -11.92 7.09 -2.78
C VAL A 274 -10.41 6.88 -2.81
N ALA A 275 -9.93 5.93 -3.62
CA ALA A 275 -8.48 5.73 -3.72
C ALA A 275 -7.79 6.99 -4.24
N VAL A 276 -8.32 7.59 -5.30
CA VAL A 276 -7.74 8.80 -5.86
C VAL A 276 -7.87 9.96 -4.87
N VAL A 277 -9.04 10.06 -4.21
CA VAL A 277 -9.24 11.16 -3.27
C VAL A 277 -8.21 11.08 -2.13
N ALA A 278 -7.97 9.86 -1.61
CA ALA A 278 -6.96 9.70 -0.58
C ALA A 278 -5.55 9.96 -1.11
N ARG A 279 -5.27 9.54 -2.34
CA ARG A 279 -3.93 9.71 -2.89
C ARG A 279 -3.58 11.18 -3.09
N LYS A 280 -4.57 12.02 -3.43
CA LYS A 280 -4.27 13.40 -3.78
C LYS A 280 -3.64 14.17 -2.62
N LEU A 281 -4.11 13.93 -1.39
CA LEU A 281 -3.76 14.79 -0.25
C LEU A 281 -2.35 14.59 0.26
N GLU A 282 -1.62 13.58 -0.20
CA GLU A 282 -0.33 13.25 0.38
C GLU A 282 0.76 14.24 -0.08
N PHE A 283 1.82 14.30 0.72
CA PHE A 283 2.99 15.12 0.38
C PHE A 283 3.76 14.52 -0.79
N ASN A 284 4.53 15.36 -1.46
CA ASN A 284 5.49 14.93 -2.45
C ASN A 284 6.88 14.84 -1.81
N LYS A 285 7.90 14.63 -2.64
CA LYS A 285 9.26 14.45 -2.14
C LYS A 285 10.05 15.75 -2.08
N ALA A 286 9.43 16.89 -2.41
CA ALA A 286 10.13 18.17 -2.40
C ALA A 286 9.77 19.07 -1.22
N GLU A 287 8.82 18.66 -0.38
CA GLU A 287 8.43 19.45 0.77
C GLU A 287 8.66 18.76 2.11
N LYS A 288 8.75 17.44 2.13
CA LYS A 288 9.01 16.72 3.37
C LYS A 288 10.38 17.10 3.95
N HIS A 289 11.38 17.29 3.07
CA HIS A 289 12.70 17.68 3.54
C HIS A 289 12.67 19.06 4.19
N VAL A 290 11.95 20.00 3.58
CA VAL A 290 11.82 21.33 4.17
C VAL A 290 11.12 21.25 5.51
N HIS A 291 10.06 20.43 5.60
CA HIS A 291 9.34 20.27 6.85
C HIS A 291 10.27 19.74 7.95
N ASN A 292 11.08 18.73 7.60
CA ASN A 292 12.00 18.16 8.59
C ASN A 292 13.04 19.19 9.03
N PHE A 293 13.59 19.96 8.07
CA PHE A 293 14.59 20.96 8.41
C PHE A 293 14.02 22.00 9.36
N MET A 294 12.82 22.50 9.07
CA MET A 294 12.25 23.55 9.90
C MET A 294 11.70 23.03 11.22
N MET A 295 11.44 21.72 11.33
CA MET A 295 11.12 21.17 12.64
C MET A 295 12.38 21.00 13.48
N ASP A 296 13.49 20.60 12.85
CA ASP A 296 14.75 20.49 13.57
C ASP A 296 15.19 21.84 14.11
N ILE A 297 15.01 22.90 13.31
CA ILE A 297 15.38 24.25 13.77
C ILE A 297 14.58 24.63 15.01
N GLN A 298 13.33 24.19 15.11
CA GLN A 298 12.52 24.52 16.29
C GLN A 298 12.94 23.70 17.51
N TYR A 299 13.19 22.40 17.31
CA TYR A 299 13.57 21.55 18.45
C TYR A 299 14.91 21.98 19.04
N THR A 300 15.86 22.36 18.18
CA THR A 300 17.19 22.72 18.68
C THR A 300 17.19 24.01 19.49
N LYS A 301 16.11 24.78 19.46
CA LYS A 301 15.96 25.91 20.37
C LYS A 301 15.02 25.62 21.53
N GLU A 302 14.08 24.68 21.37
CA GLU A 302 13.28 24.26 22.52
C GLU A 302 14.16 23.63 23.60
N MET A 303 15.15 22.81 23.19
CA MET A 303 16.06 22.23 24.17
C MET A 303 16.83 23.31 24.93
N LYS A 304 17.31 24.32 24.20
CA LYS A 304 18.03 25.42 24.83
C LYS A 304 17.13 26.17 25.80
N GLU A 305 15.86 26.35 25.44
CA GLU A 305 14.92 27.01 26.32
C GLU A 305 14.73 26.24 27.62
N SER A 306 14.64 24.90 27.54
CA SER A 306 14.35 24.13 28.74
C SER A 306 15.56 24.00 29.67
N ALA A 307 16.77 23.88 29.09
CA ALA A 307 17.95 23.67 29.92
C ALA A 307 18.20 24.85 30.85
N ALA A 308 18.01 26.08 30.34
CA ALA A 308 18.24 27.26 31.15
C ALA A 308 17.29 27.31 32.34
N ARG A 309 16.01 26.95 32.13
CA ARG A 309 15.07 26.92 33.23
C ARG A 309 15.48 25.88 34.27
N VAL A 310 15.93 24.71 33.81
CA VAL A 310 16.38 23.68 34.76
C VAL A 310 17.49 24.24 35.64
N LEU A 311 18.51 24.85 35.01
CA LEU A 311 19.66 25.30 35.77
C LEU A 311 19.29 26.44 36.72
N GLN A 312 18.47 27.39 36.27
CA GLN A 312 18.17 28.52 37.14
C GLN A 312 17.26 28.09 38.29
N GLU A 313 16.38 27.12 38.07
CA GLU A 313 15.61 26.58 39.19
C GLU A 313 16.52 25.88 40.19
N ALA A 314 17.51 25.15 39.71
CA ALA A 314 18.46 24.51 40.63
C ALA A 314 19.19 25.56 41.45
N TRP A 315 19.65 26.63 40.81
CA TRP A 315 20.37 27.67 41.56
C TRP A 315 19.46 28.36 42.56
N MET A 316 18.20 28.63 42.19
CA MET A 316 17.26 29.22 43.13
C MET A 316 17.05 28.32 44.34
N PHE A 317 16.92 27.01 44.11
CA PHE A 317 16.76 26.08 45.22
C PHE A 317 17.98 26.12 46.13
N TYR A 318 19.17 26.11 45.55
CA TYR A 318 20.38 26.13 46.37
C TYR A 318 20.48 27.40 47.20
N LYS A 319 20.22 28.55 46.58
CA LYS A 319 20.36 29.81 47.29
C LYS A 319 19.29 29.96 48.37
N HIS A 320 18.08 29.42 48.14
CA HIS A 320 17.06 29.53 49.17
C HIS A 320 17.27 28.55 50.31
N THR A 321 17.81 27.36 50.02
CA THR A 321 18.10 26.42 51.11
C THR A 321 19.37 26.78 51.86
N ARG A 322 20.23 27.61 51.29
CA ARG A 322 21.39 28.10 52.04
C ARG A 322 20.99 29.05 53.17
N ARG A 323 19.76 29.58 53.14
CA ARG A 323 19.29 30.52 54.14
C ARG A 323 18.26 29.89 55.09
N LYS A 324 18.23 28.56 55.16
CA LYS A 324 17.34 27.83 56.07
C LYS A 324 15.87 28.17 55.83
N GLU A 325 15.48 28.24 54.56
CA GLU A 325 14.08 28.44 54.22
C GLU A 325 13.28 27.18 54.50
N SER A 326 11.95 27.34 54.56
CA SER A 326 11.05 26.25 54.89
C SER A 326 10.29 25.72 53.68
N HIS A 327 9.57 26.60 52.96
CA HIS A 327 8.77 26.18 51.81
C HIS A 327 9.34 26.60 50.46
N ALA A 328 10.24 27.58 50.44
CA ALA A 328 10.86 27.98 49.18
C ALA A 328 11.67 26.85 48.58
N ALA A 329 12.43 26.14 49.41
CA ALA A 329 13.21 24.99 48.91
C ALA A 329 12.29 23.91 48.38
N ARG A 330 11.19 23.64 49.08
CA ARG A 330 10.24 22.63 48.62
C ARG A 330 9.64 23.01 47.27
N ARG A 331 9.23 24.27 47.12
CA ARG A 331 8.66 24.72 45.86
C ARG A 331 9.67 24.62 44.72
N HIS A 332 10.91 25.06 44.97
CA HIS A 332 11.92 25.01 43.93
C HIS A 332 12.25 23.57 43.53
N GLN A 333 12.35 22.67 44.52
CA GLN A 333 12.59 21.26 44.20
C GLN A 333 11.45 20.67 43.39
N ARG A 334 10.22 20.99 43.76
CA ARG A 334 9.07 20.47 43.03
C ARG A 334 9.06 20.97 41.59
N LYS A 335 9.43 22.24 41.39
CA LYS A 335 9.49 22.77 40.02
C LYS A 335 10.63 22.14 39.23
N LEU A 336 11.76 21.89 39.89
CA LEU A 336 12.90 21.24 39.23
C LEU A 336 12.53 19.84 38.75
N LEU A 337 11.79 19.09 39.59
CA LEU A 337 11.45 17.72 39.24
C LEU A 337 10.47 17.62 38.08
N ALA A 338 9.85 18.73 37.67
CA ALA A 338 9.04 18.76 36.45
C ALA A 338 9.78 19.35 35.26
N ALA A 339 10.66 20.33 35.52
CA ALA A 339 11.50 20.86 34.45
C ALA A 339 12.38 19.76 33.86
N ILE A 340 12.89 18.87 34.71
CA ILE A 340 13.70 17.75 34.23
C ILE A 340 12.88 16.86 33.30
N ASN A 341 11.63 16.57 33.67
CA ASN A 341 10.78 15.74 32.83
C ASN A 341 10.50 16.38 31.49
N ALA A 342 10.23 17.69 31.49
CA ALA A 342 9.99 18.38 30.21
C ALA A 342 11.23 18.33 29.33
N PHE A 343 12.40 18.56 29.92
CA PHE A 343 13.64 18.48 29.15
C PHE A 343 13.85 17.08 28.57
N ARG A 344 13.54 16.04 29.36
CA ARG A 344 13.69 14.68 28.86
C ARG A 344 12.77 14.42 27.67
N GLN A 345 11.52 14.86 27.76
CA GLN A 345 10.59 14.64 26.65
C GLN A 345 11.07 15.34 25.39
N VAL A 346 11.51 16.59 25.50
CA VAL A 346 11.97 17.32 24.33
C VAL A 346 13.21 16.67 23.73
N ARG A 347 14.14 16.22 24.59
CA ARG A 347 15.33 15.56 24.10
C ARG A 347 15.00 14.28 23.36
N LEU A 348 14.05 13.49 23.88
CA LEU A 348 13.66 12.26 23.20
C LEU A 348 13.04 12.56 21.84
N LYS A 349 12.18 13.57 21.76
CA LYS A 349 11.59 13.92 20.47
C LYS A 349 12.66 14.32 19.46
N HIS A 350 13.61 15.16 19.88
CA HIS A 350 14.67 15.59 18.97
C HIS A 350 15.52 14.40 18.51
N ARG A 351 15.86 13.50 19.44
CA ARG A 351 16.67 12.35 19.09
C ARG A 351 15.93 11.44 18.10
N LYS A 352 14.62 11.28 18.29
CA LYS A 352 13.84 10.49 17.35
C LYS A 352 13.82 11.12 15.96
N LEU A 353 13.65 12.44 15.90
CA LEU A 353 13.56 13.10 14.60
C LEU A 353 14.91 13.11 13.87
N ARG A 354 16.02 13.11 14.62
CA ARG A 354 17.33 13.08 13.98
C ARG A 354 17.54 11.79 13.19
N GLU A 355 16.97 10.68 13.66
CA GLU A 355 17.09 9.42 12.92
C GLU A 355 16.45 9.53 11.55
N GLN A 356 15.26 10.13 11.47
CA GLN A 356 14.63 10.31 10.17
C GLN A 356 15.42 11.28 9.30
N VAL A 357 15.89 12.39 9.87
CA VAL A 357 16.61 13.36 9.04
C VAL A 357 17.99 12.88 8.64
N ASN A 358 18.50 11.81 9.24
CA ASN A 358 19.75 11.22 8.81
C ASN A 358 19.59 9.85 8.17
N SER A 359 18.37 9.36 8.00
CA SER A 359 18.18 8.06 7.37
C SER A 359 17.22 8.13 6.17
N MET A 360 16.19 8.97 6.27
CA MET A 360 15.22 9.07 5.18
C MET A 360 15.79 9.83 3.98
N VAL A 361 16.31 11.04 4.22
CA VAL A 361 16.97 11.81 3.17
C VAL A 361 18.38 11.32 2.92
N ASP A 362 18.82 10.27 3.62
CA ASP A 362 20.13 9.66 3.45
C ASP A 362 21.25 10.61 3.87
N ILE A 363 21.52 11.62 3.06
CA ILE A 363 22.59 12.61 3.29
C ILE A 363 23.93 11.89 3.37
N SER A 364 24.12 11.06 4.40
CA SER A 364 25.34 10.29 4.52
C SER A 364 25.49 9.31 3.36
N LYS A 365 24.40 8.68 2.95
CA LYS A 365 24.46 7.76 1.80
C LYS A 365 24.81 8.50 0.52
N MET A 366 24.25 9.68 0.31
CA MET A 366 24.60 10.47 -0.87
C MET A 366 26.06 10.88 -0.84
N HIS A 367 26.56 11.28 0.33
CA HIS A 367 27.98 11.63 0.45
C HIS A 367 28.86 10.43 0.17
N MET A 368 28.48 9.25 0.67
CA MET A 368 29.25 8.04 0.41
C MET A 368 29.25 7.69 -1.08
N ILE A 369 28.09 7.86 -1.75
CA ILE A 369 28.02 7.59 -3.17
C ILE A 369 28.91 8.54 -3.95
N LEU A 370 28.88 9.83 -3.58
CA LEU A 370 29.75 10.80 -4.24
C LEU A 370 31.23 10.48 -4.02
N TYR A 371 31.58 10.07 -2.78
CA TYR A 371 32.96 9.71 -2.49
C TYR A 371 33.39 8.48 -3.29
N ASP A 372 32.50 7.49 -3.42
CA ASP A 372 32.82 6.31 -4.21
C ASP A 372 33.00 6.67 -5.68
N LEU A 373 32.15 7.54 -6.21
CA LEU A 373 32.30 7.98 -7.59
C LEU A 373 33.62 8.73 -7.79
N GLN A 374 33.98 9.59 -6.84
CA GLN A 374 35.25 10.32 -6.93
C GLN A 374 36.43 9.36 -6.87
N GLN A 375 36.37 8.37 -6.00
CA GLN A 375 37.44 7.39 -5.89
C GLN A 375 37.57 6.58 -7.17
N ASN A 376 36.44 6.18 -7.77
CA ASN A 376 36.48 5.47 -9.04
C ASN A 376 37.08 6.33 -10.14
N LEU A 377 36.71 7.62 -10.17
CA LEU A 377 37.27 8.51 -11.17
C LEU A 377 38.78 8.69 -10.99
N SER A 378 39.23 8.81 -9.74
CA SER A 378 40.64 9.00 -9.45
C SER A 378 41.05 8.22 -8.20
N LEU B 1 15.97 48.81 -1.76
CA LEU B 1 15.62 48.15 -0.51
C LEU B 1 14.35 48.74 0.08
N GLY B 2 13.76 49.71 -0.61
CA GLY B 2 12.49 50.27 -0.18
C GLY B 2 11.33 49.32 -0.38
N ALA B 3 11.47 48.34 -1.28
CA ALA B 3 10.42 47.34 -1.45
C ALA B 3 10.23 46.52 -0.19
N LEU B 4 11.33 46.15 0.47
CA LEU B 4 11.23 45.37 1.70
C LEU B 4 10.56 46.14 2.82
N ARG B 5 10.54 47.48 2.74
CA ARG B 5 9.84 48.28 3.73
C ARG B 5 8.40 48.55 3.34
N ARG B 6 8.12 48.73 2.05
CA ARG B 6 6.76 49.02 1.60
C ARG B 6 5.92 47.76 1.38
N ARG B 7 6.52 46.57 1.47
CA ARG B 7 5.72 45.36 1.34
C ARG B 7 5.19 44.87 2.68
N LYS B 8 5.99 44.94 3.73
CA LYS B 8 5.57 44.44 5.03
C LYS B 8 4.55 45.34 5.72
N ARG B 9 4.30 46.53 5.19
CA ARG B 9 3.20 47.36 5.65
C ARG B 9 1.90 47.02 4.93
N LEU B 10 1.97 46.89 3.60
CA LEU B 10 0.79 46.52 2.82
C LEU B 10 0.30 45.13 3.20
N LEU B 11 1.21 44.20 3.50
CA LEU B 11 0.78 42.85 3.85
C LEU B 11 0.05 42.85 5.19
N GLU B 12 0.52 43.64 6.16
CA GLU B 12 -0.18 43.75 7.43
C GLU B 12 -1.54 44.42 7.26
N GLN B 13 -1.62 45.45 6.39
CA GLN B 13 -2.90 46.07 6.12
C GLN B 13 -3.87 45.07 5.49
N GLU B 14 -3.39 44.25 4.56
CA GLU B 14 -4.23 43.21 3.97
C GLU B 14 -4.69 42.20 5.02
N LYS B 15 -3.78 41.83 5.92
CA LYS B 15 -4.16 40.89 6.98
C LYS B 15 -5.27 41.45 7.85
N SER B 16 -5.16 42.73 8.24
CA SER B 16 -6.21 43.34 9.05
C SER B 16 -7.52 43.43 8.29
N LEU B 17 -7.48 43.86 7.02
CA LEU B 17 -8.69 44.04 6.25
C LEU B 17 -9.33 42.71 5.85
N ALA B 18 -8.58 41.61 5.89
CA ALA B 18 -9.14 40.30 5.64
C ALA B 18 -9.60 39.60 6.91
N GLY B 19 -9.05 40.00 8.06
CA GLY B 19 -9.55 39.48 9.33
C GLY B 19 -10.79 40.20 9.83
N TRP B 20 -10.97 41.45 9.42
CA TRP B 20 -12.16 42.20 9.81
C TRP B 20 -13.32 42.06 8.83
N ALA B 21 -13.12 41.34 7.72
CA ALA B 21 -14.20 41.06 6.78
C ALA B 21 -14.85 39.71 7.01
N LEU B 22 -14.43 38.98 8.04
CA LEU B 22 -15.05 37.71 8.41
C LEU B 22 -16.01 37.84 9.58
N VAL B 23 -15.76 38.79 10.48
CA VAL B 23 -16.68 39.02 11.59
C VAL B 23 -18.03 39.49 11.08
N LEU B 24 -18.04 40.38 10.09
CA LEU B 24 -19.30 40.84 9.52
C LEU B 24 -20.05 39.72 8.81
N ALA B 25 -19.33 38.86 8.09
CA ALA B 25 -19.97 37.72 7.46
C ALA B 25 -20.57 36.77 8.48
N GLY B 26 -19.83 36.51 9.56
CA GLY B 26 -20.38 35.67 10.63
C GLY B 26 -21.62 36.27 11.27
N THR B 27 -21.60 37.57 11.52
CA THR B 27 -22.77 38.23 12.10
C THR B 27 -23.95 38.19 11.14
N GLY B 28 -23.71 38.41 9.85
CA GLY B 28 -24.78 38.33 8.88
C GLY B 28 -25.39 36.95 8.79
N ILE B 29 -24.56 35.91 8.83
CA ILE B 29 -25.09 34.55 8.82
C ILE B 29 -25.85 34.26 10.11
N GLY B 30 -25.36 34.77 11.24
CA GLY B 30 -26.02 34.52 12.51
C GLY B 30 -27.39 35.18 12.59
N LEU B 31 -27.52 36.39 12.06
CA LEU B 31 -28.78 37.12 12.14
C LEU B 31 -29.82 36.64 11.14
N MET B 32 -29.62 35.47 10.54
CA MET B 32 -30.60 34.83 9.67
C MET B 32 -31.26 33.63 10.29
N VAL B 33 -30.50 32.79 11.00
CA VAL B 33 -31.10 31.67 11.72
C VAL B 33 -32.06 32.18 12.77
N LEU B 34 -31.69 33.24 13.49
CA LEU B 34 -32.57 33.84 14.48
C LEU B 34 -33.85 34.34 13.84
N HIS B 35 -33.74 35.02 12.70
CA HIS B 35 -34.92 35.53 12.02
C HIS B 35 -35.84 34.40 11.58
N ALA B 36 -35.27 33.34 11.01
CA ALA B 36 -36.09 32.22 10.55
C ALA B 36 -36.79 31.52 11.71
N GLU B 37 -36.05 31.26 12.79
CA GLU B 37 -36.67 30.60 13.95
C GLU B 37 -37.73 31.48 14.59
N MET B 38 -37.49 32.80 14.66
CA MET B 38 -38.48 33.70 15.22
C MET B 38 -39.74 33.73 14.36
N LEU B 39 -39.59 33.73 13.03
CA LEU B 39 -40.76 33.71 12.17
C LEU B 39 -41.52 32.40 12.29
N TRP B 40 -40.82 31.29 12.50
CA TRP B 40 -41.50 29.99 12.62
C TRP B 40 -42.24 29.89 13.95
N PHE B 41 -41.50 29.99 15.06
CA PHE B 41 -42.12 29.85 16.37
C PHE B 41 -42.97 31.05 16.77
N GLY B 42 -42.93 32.15 16.02
CA GLY B 42 -43.72 33.31 16.34
C GLY B 42 -44.92 33.48 15.42
N GLY B 43 -44.82 34.39 14.47
CA GLY B 43 -45.89 34.62 13.52
C GLY B 43 -46.18 36.08 13.27
N CYS B 44 -47.46 36.41 13.05
CA CYS B 44 -47.86 37.79 12.85
C CYS B 44 -47.91 38.60 14.14
N SER B 45 -47.75 37.97 15.29
CA SER B 45 -47.74 38.70 16.55
C SER B 45 -46.55 39.64 16.63
N TRP B 46 -45.39 39.21 16.14
CA TRP B 46 -44.17 40.01 16.15
C TRP B 46 -43.89 40.46 14.71
N ALA B 47 -43.95 41.76 14.49
CA ALA B 47 -43.62 42.35 13.19
C ALA B 47 -42.48 43.34 13.27
N LEU B 48 -42.47 44.20 14.29
CA LEU B 48 -41.34 45.11 14.47
C LEU B 48 -40.05 44.37 14.74
N TYR B 49 -40.11 43.32 15.55
CA TYR B 49 -38.92 42.54 15.85
C TYR B 49 -38.41 41.73 14.66
N LEU B 50 -39.25 41.51 13.64
CA LEU B 50 -38.76 40.92 12.40
C LEU B 50 -38.24 41.98 11.44
N PHE B 51 -38.89 43.14 11.38
CA PHE B 51 -38.41 44.23 10.54
C PHE B 51 -37.07 44.78 11.00
N LEU B 52 -36.78 44.70 12.30
CA LEU B 52 -35.47 45.13 12.78
C LEU B 52 -34.37 44.14 12.37
N VAL B 53 -34.63 42.84 12.51
CA VAL B 53 -33.62 41.85 12.16
C VAL B 53 -33.42 41.81 10.65
N LYS B 54 -34.48 41.96 9.87
CA LYS B 54 -34.35 41.98 8.42
C LYS B 54 -33.79 43.29 7.90
N CYS B 55 -33.67 44.31 8.74
CA CYS B 55 -33.02 45.56 8.36
C CYS B 55 -31.57 45.63 8.80
N THR B 56 -31.20 44.92 9.87
CA THR B 56 -29.81 44.93 10.32
C THR B 56 -28.89 44.21 9.34
N ILE B 57 -29.42 43.25 8.58
CA ILE B 57 -28.58 42.41 7.73
C ILE B 57 -28.34 43.09 6.39
N SER B 58 -28.72 44.36 6.27
CA SER B 58 -28.29 45.21 5.17
C SER B 58 -27.18 46.17 5.59
N ILE B 59 -27.28 46.71 6.81
CA ILE B 59 -26.18 47.48 7.37
C ILE B 59 -24.96 46.60 7.56
N SER B 60 -25.17 45.35 7.99
CA SER B 60 -24.07 44.42 8.17
C SER B 60 -23.59 43.78 6.86
N THR B 61 -24.10 44.24 5.72
CA THR B 61 -23.65 43.80 4.41
C THR B 61 -23.02 44.92 3.59
N PHE B 62 -23.48 46.16 3.77
CA PHE B 62 -22.82 47.28 3.11
C PHE B 62 -21.36 47.39 3.55
N LEU B 63 -21.10 47.23 4.85
CA LEU B 63 -19.73 47.27 5.35
C LEU B 63 -18.91 46.13 4.78
N LEU B 64 -19.51 44.95 4.63
CA LEU B 64 -18.78 43.82 4.04
C LEU B 64 -18.40 44.11 2.60
N LEU B 65 -19.31 44.68 1.82
CA LEU B 65 -18.97 45.06 0.45
C LEU B 65 -17.84 46.07 0.41
N CYS B 66 -17.91 47.08 1.28
CA CYS B 66 -16.85 48.09 1.33
C CYS B 66 -15.50 47.46 1.69
N LEU B 67 -15.50 46.52 2.66
CA LEU B 67 -14.26 45.88 3.05
C LEU B 67 -13.70 45.01 1.94
N ILE B 68 -14.57 44.32 1.20
CA ILE B 68 -14.10 43.51 0.08
C ILE B 68 -13.44 44.38 -0.98
N VAL B 69 -14.08 45.51 -1.31
CA VAL B 69 -13.49 46.41 -2.29
C VAL B 69 -12.16 46.97 -1.79
N ALA B 70 -12.11 47.34 -0.51
CA ALA B 70 -10.87 47.88 0.05
C ALA B 70 -9.74 46.86 0.00
N PHE B 71 -10.04 45.60 0.35
CA PHE B 71 -9.01 44.56 0.30
C PHE B 71 -8.55 44.32 -1.13
N HIS B 72 -9.47 44.26 -2.09
CA HIS B 72 -9.07 44.07 -3.47
C HIS B 72 -8.38 45.30 -4.07
N ALA B 73 -8.44 46.44 -3.38
CA ALA B 73 -7.69 47.61 -3.80
C ALA B 73 -6.24 47.58 -3.32
N LYS B 74 -5.83 46.55 -2.58
CA LYS B 74 -4.46 46.44 -2.09
C LYS B 74 -3.61 45.45 -2.89
N GLU B 75 -4.22 44.40 -3.45
CA GLU B 75 -3.45 43.47 -4.27
C GLU B 75 -3.03 44.08 -5.60
N VAL B 76 -3.59 45.22 -5.98
CA VAL B 76 -3.09 45.94 -7.15
C VAL B 76 -1.90 46.80 -6.78
N GLN B 77 -1.97 47.47 -5.63
CA GLN B 77 -0.84 48.27 -5.18
C GLN B 77 0.37 47.40 -4.86
N LEU B 78 0.13 46.21 -4.29
CA LEU B 78 1.22 45.28 -4.05
C LEU B 78 1.87 44.83 -5.36
N PHE B 79 1.06 44.55 -6.38
CA PHE B 79 1.61 44.18 -7.68
C PHE B 79 2.43 45.32 -8.28
N MET B 80 1.92 46.56 -8.16
CA MET B 80 2.66 47.71 -8.66
C MET B 80 3.99 47.86 -7.95
N THR B 81 4.01 47.69 -6.63
CA THR B 81 5.27 47.77 -5.89
C THR B 81 6.22 46.64 -6.29
N ASP B 82 5.69 45.44 -6.51
CA ASP B 82 6.54 44.32 -6.89
C ASP B 82 7.20 44.55 -8.24
N ASN B 83 6.43 44.99 -9.24
CA ASN B 83 6.95 45.14 -10.58
C ASN B 83 7.48 46.53 -10.88
N GLY B 84 7.35 47.47 -9.96
CA GLY B 84 7.91 48.80 -10.17
C GLY B 84 7.19 49.65 -11.19
N LEU B 85 5.91 49.39 -11.44
CA LEU B 85 5.14 50.18 -12.39
C LEU B 85 4.79 51.53 -11.78
N ARG B 86 4.15 52.39 -12.59
CA ARG B 86 3.77 53.72 -12.13
C ARG B 86 2.30 54.02 -12.41
N ASP B 87 1.73 53.38 -13.42
CA ASP B 87 0.35 53.62 -13.83
C ASP B 87 -0.48 52.38 -13.52
N TRP B 88 -1.58 52.57 -12.79
CA TRP B 88 -2.41 51.45 -12.37
C TRP B 88 -3.22 50.84 -13.52
N ARG B 89 -3.28 51.50 -14.68
CA ARG B 89 -4.03 50.97 -15.79
C ARG B 89 -3.39 49.75 -16.42
N VAL B 90 -2.16 49.41 -16.04
CA VAL B 90 -1.43 48.30 -16.64
C VAL B 90 -1.51 47.08 -15.73
N ALA B 91 -1.55 47.31 -14.42
CA ALA B 91 -1.52 46.20 -13.47
C ALA B 91 -2.78 45.34 -13.58
N LEU B 92 -3.94 45.95 -13.76
CA LEU B 92 -5.19 45.18 -13.80
C LEU B 92 -5.25 44.36 -15.07
N THR B 93 -5.64 43.09 -14.94
CA THR B 93 -5.79 42.18 -16.06
C THR B 93 -7.28 41.96 -16.35
N GLY B 94 -7.55 41.14 -17.36
CA GLY B 94 -8.93 40.86 -17.71
C GLY B 94 -9.66 40.02 -16.68
N ARG B 95 -8.98 39.03 -16.11
CA ARG B 95 -9.63 38.09 -15.21
C ARG B 95 -9.92 38.69 -13.83
N GLN B 96 -9.10 39.65 -13.39
CA GLN B 96 -9.27 40.22 -12.06
C GLN B 96 -10.58 40.98 -11.94
N ALA B 97 -10.98 41.68 -13.01
CA ALA B 97 -12.26 42.38 -12.98
C ALA B 97 -13.42 41.41 -12.82
N ALA B 98 -13.37 40.28 -13.55
CA ALA B 98 -14.41 39.28 -13.40
C ALA B 98 -14.42 38.70 -11.99
N GLN B 99 -13.25 38.45 -11.42
CA GLN B 99 -13.19 37.93 -10.06
C GLN B 99 -13.80 38.92 -9.08
N ILE B 100 -13.51 40.22 -9.22
CA ILE B 100 -14.04 41.22 -8.32
C ILE B 100 -15.56 41.31 -8.45
N VAL B 101 -16.06 41.29 -9.68
CA VAL B 101 -17.51 41.37 -9.89
C VAL B 101 -18.20 40.14 -9.30
N LEU B 102 -17.63 38.96 -9.51
CA LEU B 102 -18.21 37.75 -8.95
C LEU B 102 -18.23 37.79 -7.43
N GLU B 103 -17.14 38.26 -6.81
CA GLU B 103 -17.12 38.35 -5.36
C GLU B 103 -18.16 39.35 -4.85
N LEU B 104 -18.30 40.48 -5.53
CA LEU B 104 -19.31 41.46 -5.10
C LEU B 104 -20.72 40.90 -5.22
N VAL B 105 -20.99 40.16 -6.30
CA VAL B 105 -22.33 39.59 -6.47
C VAL B 105 -22.60 38.51 -5.43
N VAL B 106 -21.64 37.60 -5.23
CA VAL B 106 -21.85 36.49 -4.30
C VAL B 106 -22.00 37.00 -2.87
N CYS B 107 -21.17 37.96 -2.47
CA CYS B 107 -21.23 38.51 -1.12
C CYS B 107 -22.27 39.61 -0.97
N GLY B 108 -23.26 39.68 -1.85
CA GLY B 108 -24.27 40.70 -1.77
C GLY B 108 -25.69 40.19 -1.95
N LEU B 109 -25.94 38.95 -1.54
CA LEU B 109 -27.26 38.35 -1.58
C LEU B 109 -27.77 38.17 -0.15
N HIS B 110 -28.96 38.70 0.12
CA HIS B 110 -29.54 38.65 1.46
C HIS B 110 -31.02 38.97 1.34
N PRO B 111 -31.83 38.61 2.35
CA PRO B 111 -33.24 39.01 2.34
C PRO B 111 -33.40 40.52 2.41
N ALA B 112 -33.89 41.12 1.34
CA ALA B 112 -34.01 42.58 1.28
C ALA B 112 -35.22 43.02 2.08
N PRO B 113 -35.06 43.95 3.03
CA PRO B 113 -36.21 44.42 3.79
C PRO B 113 -37.11 45.33 2.96
N VAL B 114 -37.80 44.74 1.99
CA VAL B 114 -38.69 45.49 1.11
C VAL B 114 -40.11 44.97 1.31
N ARG B 115 -40.41 44.48 2.51
CA ARG B 115 -41.74 43.98 2.82
C ARG B 115 -42.73 45.10 3.02
N PRO B 134 -49.71 31.51 9.08
CA PRO B 134 -49.13 32.51 8.18
C PRO B 134 -47.61 32.59 8.29
N GLY B 135 -47.01 31.70 9.07
CA GLY B 135 -45.58 31.69 9.22
C GLY B 135 -44.88 30.76 8.26
N PHE B 136 -44.38 31.31 7.16
CA PHE B 136 -43.68 30.53 6.14
C PHE B 136 -42.75 31.47 5.37
N LEU B 137 -41.80 30.87 4.67
CA LEU B 137 -40.87 31.60 3.82
C LEU B 137 -41.22 31.35 2.37
N GLY B 138 -41.32 32.43 1.60
CA GLY B 138 -41.56 32.29 0.18
C GLY B 138 -40.35 31.72 -0.55
N GLN B 139 -40.57 31.35 -1.80
CA GLN B 139 -39.50 30.73 -2.59
C GLN B 139 -38.29 31.65 -2.70
N GLY B 140 -38.53 32.91 -3.07
CA GLY B 140 -37.42 33.84 -3.24
C GLY B 140 -36.68 34.10 -1.95
N GLU B 141 -37.41 34.35 -0.86
CA GLU B 141 -36.76 34.61 0.42
C GLU B 141 -36.01 33.38 0.92
N ALA B 142 -36.60 32.19 0.77
CA ALA B 142 -35.92 30.98 1.21
C ALA B 142 -34.63 30.77 0.42
N LEU B 143 -34.68 30.97 -0.90
CA LEU B 143 -33.49 30.79 -1.71
C LEU B 143 -32.42 31.82 -1.35
N LEU B 144 -32.82 33.07 -1.13
CA LEU B 144 -31.85 34.09 -0.74
C LEU B 144 -31.22 33.77 0.60
N SER B 145 -32.03 33.33 1.57
CA SER B 145 -31.48 32.99 2.88
C SER B 145 -30.53 31.79 2.80
N LEU B 146 -30.91 30.75 2.07
CA LEU B 146 -30.03 29.60 1.92
C LEU B 146 -28.84 29.89 1.02
N ALA B 147 -28.84 31.02 0.32
CA ALA B 147 -27.70 31.43 -0.50
C ALA B 147 -26.68 32.25 0.27
N MET B 148 -26.89 32.47 1.57
CA MET B 148 -25.94 33.18 2.40
C MET B 148 -24.92 32.26 3.06
N LEU B 149 -24.98 30.96 2.77
CA LEU B 149 -23.98 30.01 3.24
C LEU B 149 -22.80 29.89 2.28
N LEU B 150 -22.78 30.68 1.21
CA LEU B 150 -21.66 30.70 0.28
C LEU B 150 -20.56 31.67 0.69
N ARG B 151 -20.73 32.37 1.80
CA ARG B 151 -19.71 33.27 2.31
C ARG B 151 -18.64 32.56 3.12
N LEU B 152 -18.53 31.24 2.98
CA LEU B 152 -17.50 30.47 3.67
C LEU B 152 -16.23 30.34 2.86
N TYR B 153 -16.16 30.93 1.67
CA TYR B 153 -14.92 30.95 0.91
C TYR B 153 -13.92 31.97 1.44
N LEU B 154 -14.32 32.80 2.40
CA LEU B 154 -13.43 33.77 3.00
C LEU B 154 -12.51 33.18 4.07
N VAL B 155 -12.81 31.96 4.55
CA VAL B 155 -11.99 31.37 5.62
C VAL B 155 -10.56 31.11 5.17
N PRO B 156 -10.30 30.44 4.04
CA PRO B 156 -8.88 30.23 3.65
C PRO B 156 -8.11 31.52 3.46
N ARG B 157 -8.74 32.55 2.90
CA ARG B 157 -8.04 33.80 2.67
C ARG B 157 -7.67 34.49 3.98
N ALA B 158 -8.54 34.40 4.98
CA ALA B 158 -8.26 35.00 6.27
C ALA B 158 -7.41 34.12 7.18
N VAL B 159 -7.21 32.85 6.81
CA VAL B 159 -6.34 31.97 7.59
C VAL B 159 -4.92 31.99 7.06
N LEU B 160 -4.75 32.00 5.72
CA LEU B 160 -3.41 31.99 5.15
C LEU B 160 -2.63 33.24 5.53
N LEU B 161 -3.26 34.40 5.50
CA LEU B 161 -2.56 35.65 5.80
C LEU B 161 -2.18 35.74 7.28
N ARG B 162 -3.00 35.18 8.17
CA ARG B 162 -2.75 35.32 9.60
C ARG B 162 -1.60 34.42 10.05
N SER B 163 -1.49 33.22 9.49
CA SER B 163 -0.42 32.31 9.88
C SER B 163 0.93 32.88 9.46
N GLY B 164 1.89 32.87 10.39
CA GLY B 164 3.19 33.47 10.14
C GLY B 164 4.14 32.57 9.37
N VAL B 165 3.80 32.27 8.12
CA VAL B 165 4.67 31.50 7.25
C VAL B 165 5.09 32.27 6.00
N LEU B 166 4.32 33.26 5.57
CA LEU B 166 4.67 34.09 4.42
C LEU B 166 5.61 35.22 4.78
N LEU B 167 5.93 35.41 6.06
CA LEU B 167 6.71 36.55 6.51
C LEU B 167 8.05 36.19 7.11
N ASN B 168 8.29 34.93 7.47
CA ASN B 168 9.58 34.54 8.01
C ASN B 168 10.68 34.72 6.97
N ALA B 169 11.86 35.12 7.45
CA ALA B 169 13.02 35.27 6.58
C ALA B 169 13.79 33.97 6.39
N SER B 170 13.40 32.90 7.08
CA SER B 170 14.02 31.60 6.94
C SER B 170 13.24 30.66 6.03
N TYR B 171 11.91 30.67 6.13
CA TYR B 171 11.09 29.83 5.25
C TYR B 171 11.29 30.21 3.79
N ARG B 172 11.25 31.51 3.49
CA ARG B 172 11.39 31.97 2.11
C ARG B 172 12.82 31.80 1.60
N SER B 173 13.81 31.68 2.48
CA SER B 173 15.16 31.42 2.05
C SER B 173 15.39 29.94 1.79
N ILE B 174 14.83 29.07 2.63
CA ILE B 174 14.97 27.63 2.41
C ILE B 174 14.17 27.18 1.21
N GLY B 175 12.95 27.72 1.04
CA GLY B 175 12.10 27.29 -0.05
C GLY B 175 12.59 27.71 -1.43
N ALA B 176 13.43 28.75 -1.50
CA ALA B 176 13.97 29.17 -2.79
C ALA B 176 14.87 28.09 -3.39
N LEU B 177 15.65 27.41 -2.55
CA LEU B 177 16.54 26.35 -3.01
C LEU B 177 15.78 25.10 -3.45
N ASN B 178 14.47 25.01 -3.16
CA ASN B 178 13.71 23.81 -3.48
C ASN B 178 12.43 24.13 -4.25
N GLN B 179 12.07 25.41 -4.39
CA GLN B 179 10.95 25.85 -5.22
C GLN B 179 9.63 25.23 -4.73
N VAL B 180 9.24 25.64 -3.53
CA VAL B 180 8.00 25.15 -2.93
C VAL B 180 6.83 26.09 -3.23
N ARG B 181 7.04 27.40 -3.19
CA ARG B 181 6.04 28.40 -3.54
C ARG B 181 4.78 28.25 -2.66
N PHE B 182 4.98 28.56 -1.38
CA PHE B 182 3.93 28.51 -0.37
C PHE B 182 2.62 29.11 -0.88
N ARG B 183 1.55 28.33 -0.77
CA ARG B 183 0.22 28.74 -1.20
C ARG B 183 -0.80 28.19 -0.20
N HIS B 184 -2.07 28.21 -0.60
CA HIS B 184 -3.12 27.65 0.26
C HIS B 184 -2.92 26.17 0.48
N TRP B 185 -2.55 25.43 -0.57
CA TRP B 185 -2.49 23.98 -0.48
C TRP B 185 -1.39 23.51 0.46
N PHE B 186 -0.25 24.20 0.45
CA PHE B 186 0.85 23.81 1.35
C PHE B 186 0.44 23.95 2.81
N VAL B 187 -0.20 25.07 3.15
CA VAL B 187 -0.63 25.29 4.53
C VAL B 187 -1.73 24.29 4.90
N ALA B 188 -2.65 24.01 3.97
CA ALA B 188 -3.69 23.04 4.25
C ALA B 188 -3.10 21.65 4.50
N LYS B 189 -2.11 21.25 3.70
CA LYS B 189 -1.46 19.96 3.90
C LYS B 189 -0.71 19.92 5.22
N LEU B 190 -0.05 21.01 5.59
CA LEU B 190 0.65 21.08 6.86
C LEU B 190 -0.33 20.90 8.03
N TYR B 191 -1.46 21.60 7.97
CA TYR B 191 -2.46 21.46 9.04
C TYR B 191 -3.04 20.06 9.07
N MET B 192 -3.27 19.47 7.90
CA MET B 192 -3.80 18.12 7.84
C MET B 192 -2.83 17.11 8.47
N ASN B 193 -1.54 17.25 8.17
CA ASN B 193 -0.56 16.28 8.65
C ASN B 193 -0.11 16.54 10.08
N THR B 194 -0.36 17.73 10.61
CA THR B 194 -0.01 17.97 12.01
C THR B 194 -0.99 17.28 12.96
N HIS B 195 -2.30 17.38 12.69
CA HIS B 195 -3.34 16.76 13.51
C HIS B 195 -4.32 16.04 12.60
N PRO B 196 -3.96 14.84 12.11
CA PRO B 196 -4.87 14.13 11.21
C PRO B 196 -6.21 13.78 11.81
N GLY B 197 -6.29 13.51 13.11
CA GLY B 197 -7.52 13.06 13.72
C GLY B 197 -8.47 14.16 14.15
N ARG B 198 -7.91 15.22 14.73
CA ARG B 198 -8.75 16.30 15.25
C ARG B 198 -9.54 16.97 14.13
N LEU B 199 -8.92 17.19 12.98
CA LEU B 199 -9.62 17.84 11.88
C LEU B 199 -10.83 17.02 11.42
N LEU B 200 -10.66 15.71 11.29
CA LEU B 200 -11.78 14.86 10.88
C LEU B 200 -12.86 14.81 11.96
N LEU B 201 -12.45 14.69 13.23
CA LEU B 201 -13.43 14.62 14.30
C LEU B 201 -14.18 15.94 14.49
N GLY B 202 -13.61 17.04 14.02
CA GLY B 202 -14.32 18.31 14.05
C GLY B 202 -15.21 18.51 12.85
N LEU B 203 -14.71 18.12 11.67
CA LEU B 203 -15.50 18.30 10.44
C LEU B 203 -16.73 17.40 10.42
N THR B 204 -16.59 16.14 10.87
CA THR B 204 -17.72 15.23 10.85
C THR B 204 -18.80 15.62 11.85
N LEU B 205 -18.47 16.46 12.84
CA LEU B 205 -19.48 16.99 13.75
C LEU B 205 -20.02 18.33 13.28
N GLY B 206 -19.20 19.14 12.60
CA GLY B 206 -19.72 20.37 12.04
C GLY B 206 -20.71 20.15 10.92
N LEU B 207 -20.42 19.19 10.03
CA LEU B 207 -21.33 18.89 8.92
C LEU B 207 -22.65 18.30 9.41
N TRP B 208 -22.61 17.37 10.37
CA TRP B 208 -23.81 16.74 10.88
C TRP B 208 -24.79 17.73 11.48
N LEU B 209 -24.32 18.91 11.89
CA LEU B 209 -25.19 19.93 12.46
C LEU B 209 -25.49 21.07 11.50
N THR B 210 -24.59 21.39 10.57
CA THR B 210 -24.89 22.42 9.58
C THR B 210 -25.72 21.90 8.42
N THR B 211 -25.87 20.59 8.28
CA THR B 211 -26.77 20.03 7.28
C THR B 211 -28.15 19.70 7.84
N ALA B 212 -28.23 19.37 9.13
CA ALA B 212 -29.50 19.07 9.77
C ALA B 212 -30.44 20.27 9.83
N TRP B 213 -29.93 21.48 9.67
CA TRP B 213 -30.79 22.66 9.61
C TRP B 213 -31.19 23.00 8.19
N VAL B 214 -30.28 22.82 7.23
CA VAL B 214 -30.64 23.04 5.83
C VAL B 214 -31.67 22.03 5.38
N LEU B 215 -31.59 20.79 5.88
CA LEU B 215 -32.63 19.82 5.58
C LEU B 215 -33.91 20.11 6.33
N SER B 216 -33.81 20.74 7.51
CA SER B 216 -35.02 21.07 8.27
C SER B 216 -35.81 22.17 7.60
N VAL B 217 -35.12 23.22 7.12
CA VAL B 217 -35.82 24.35 6.51
C VAL B 217 -36.49 23.96 5.19
N ALA B 218 -36.06 22.87 4.57
CA ALA B 218 -36.60 22.49 3.27
C ALA B 218 -37.98 21.86 3.36
N GLU B 219 -38.26 21.11 4.42
CA GLU B 219 -39.50 20.34 4.51
C GLU B 219 -40.14 20.49 5.89
N ARG B 220 -40.27 21.74 6.36
CA ARG B 220 -41.06 21.99 7.55
C ARG B 220 -42.54 21.75 7.26
N GLN B 221 -43.24 21.16 8.23
CA GLN B 221 -44.65 20.89 8.10
C GLN B 221 -45.41 21.57 9.23
N ALA B 222 -46.55 22.16 8.90
CA ALA B 222 -47.30 22.99 9.84
C ALA B 222 -48.37 22.21 10.60
N VAL B 223 -49.20 21.44 9.86
CA VAL B 223 -50.32 20.74 10.48
C VAL B 223 -49.82 19.73 11.50
N ASN B 224 -48.81 18.94 11.14
CA ASN B 224 -48.23 17.95 12.02
C ASN B 224 -46.71 18.03 11.93
N ALA B 225 -46.04 17.86 13.06
CA ALA B 225 -44.58 17.91 13.09
C ALA B 225 -44.00 16.65 12.47
N THR B 226 -43.69 16.72 11.17
CA THR B 226 -43.18 15.56 10.44
C THR B 226 -41.82 15.80 9.80
N GLY B 227 -41.31 17.02 9.82
CA GLY B 227 -40.01 17.30 9.22
C GLY B 227 -39.17 18.29 9.99
N HIS B 228 -39.38 18.40 11.30
CA HIS B 228 -38.69 19.40 12.09
C HIS B 228 -37.30 18.90 12.47
N LEU B 229 -36.63 19.65 13.36
CA LEU B 229 -35.24 19.36 13.72
C LEU B 229 -35.10 18.14 14.61
N SER B 230 -36.18 17.62 15.17
CA SER B 230 -36.09 16.45 16.04
C SER B 230 -36.01 15.14 15.26
N ASP B 231 -36.20 15.18 13.94
CA ASP B 231 -36.09 13.99 13.10
C ASP B 231 -34.90 14.03 12.15
N THR B 232 -34.50 15.20 11.68
CA THR B 232 -33.35 15.29 10.79
C THR B 232 -32.06 14.93 11.52
N LEU B 233 -31.97 15.23 12.82
CA LEU B 233 -30.78 14.85 13.59
C LEU B 233 -30.62 13.34 13.69
N TRP B 234 -31.69 12.59 13.49
CA TRP B 234 -31.61 11.13 13.42
C TRP B 234 -31.49 10.63 11.99
N LEU B 235 -32.04 11.37 11.03
CA LEU B 235 -31.99 10.94 9.64
C LEU B 235 -30.60 11.13 9.03
N ILE B 236 -29.95 12.26 9.31
CA ILE B 236 -28.69 12.62 8.66
C ILE B 236 -27.56 11.65 8.99
N PRO B 237 -27.29 11.31 10.25
CA PRO B 237 -26.21 10.34 10.52
C PRO B 237 -26.46 8.97 9.91
N ILE B 238 -27.72 8.53 9.86
CA ILE B 238 -28.03 7.23 9.27
C ILE B 238 -27.68 7.22 7.78
N THR B 239 -28.05 8.27 7.06
CA THR B 239 -27.67 8.36 5.66
C THR B 239 -26.17 8.52 5.50
N PHE B 240 -25.53 9.24 6.41
CA PHE B 240 -24.09 9.44 6.35
C PHE B 240 -23.34 8.13 6.48
N LEU B 241 -23.79 7.25 7.37
CA LEU B 241 -23.14 5.97 7.61
C LEU B 241 -23.63 4.87 6.67
N THR B 242 -24.55 5.19 5.75
CA THR B 242 -25.09 4.21 4.79
C THR B 242 -25.76 3.04 5.50
N ILE B 243 -26.50 3.34 6.58
CA ILE B 243 -27.23 2.34 7.33
C ILE B 243 -28.72 2.68 7.20
N GLY B 244 -29.10 3.19 6.03
CA GLY B 244 -30.46 3.67 5.81
C GLY B 244 -31.54 2.69 6.23
N TYR B 245 -32.28 3.05 7.28
CA TYR B 245 -33.32 2.16 7.81
C TYR B 245 -34.59 2.24 6.96
N GLY B 246 -35.21 3.41 6.93
CA GLY B 246 -36.45 3.59 6.18
C GLY B 246 -37.60 4.07 7.03
N ASP B 247 -37.32 4.40 8.30
CA ASP B 247 -38.38 4.89 9.18
C ASP B 247 -38.84 6.28 8.77
N VAL B 248 -37.90 7.15 8.39
CA VAL B 248 -38.20 8.49 7.92
C VAL B 248 -37.46 8.73 6.60
N VAL B 249 -38.18 9.25 5.61
CA VAL B 249 -37.59 9.53 4.30
C VAL B 249 -37.98 10.94 3.86
N PRO B 250 -37.14 11.63 3.10
CA PRO B 250 -37.51 12.97 2.63
C PRO B 250 -38.69 12.95 1.67
N GLY B 251 -39.45 14.04 1.66
CA GLY B 251 -40.66 14.10 0.86
C GLY B 251 -40.79 15.33 -0.02
N THR B 252 -39.68 15.81 -0.57
CA THR B 252 -39.73 16.95 -1.49
C THR B 252 -38.50 16.89 -2.39
N MET B 253 -38.59 17.59 -3.53
CA MET B 253 -37.49 17.58 -4.48
C MET B 253 -36.23 18.23 -3.91
N TRP B 254 -36.40 19.21 -3.02
CA TRP B 254 -35.25 19.87 -2.42
C TRP B 254 -34.68 19.12 -1.24
N GLY B 255 -35.35 18.08 -0.76
CA GLY B 255 -34.84 17.26 0.31
C GLY B 255 -34.20 15.98 -0.17
N LYS B 256 -34.33 15.70 -1.47
CA LYS B 256 -33.77 14.50 -2.07
C LYS B 256 -32.38 14.73 -2.66
N ILE B 257 -31.86 15.94 -2.59
CA ILE B 257 -30.50 16.25 -3.05
C ILE B 257 -29.53 16.39 -1.90
N VAL B 258 -30.01 16.93 -0.77
CA VAL B 258 -29.18 17.07 0.42
C VAL B 258 -28.74 15.70 0.92
N CYS B 259 -29.66 14.73 0.92
CA CYS B 259 -29.31 13.38 1.35
C CYS B 259 -28.25 12.76 0.44
N LEU B 260 -28.38 12.96 -0.87
CA LEU B 260 -27.38 12.44 -1.80
C LEU B 260 -26.01 13.08 -1.56
N CYS B 261 -25.99 14.40 -1.33
CA CYS B 261 -24.73 15.06 -1.02
C CYS B 261 -24.12 14.52 0.27
N THR B 262 -24.95 14.29 1.29
CA THR B 262 -24.46 13.75 2.55
C THR B 262 -23.86 12.36 2.36
N GLY B 263 -24.53 11.50 1.59
CA GLY B 263 -23.99 10.18 1.33
C GLY B 263 -22.67 10.23 0.57
N VAL B 264 -22.60 11.11 -0.43
CA VAL B 264 -21.36 11.24 -1.21
C VAL B 264 -20.21 11.68 -0.33
N MET B 265 -20.46 12.65 0.56
CA MET B 265 -19.40 13.07 1.48
C MET B 265 -19.01 11.96 2.45
N GLY B 266 -20.00 11.24 2.97
CA GLY B 266 -19.72 10.20 3.96
C GLY B 266 -18.91 9.06 3.39
N VAL B 267 -19.14 8.69 2.13
CA VAL B 267 -18.40 7.60 1.51
C VAL B 267 -16.90 7.87 1.56
N CYS B 268 -16.50 9.11 1.26
CA CYS B 268 -15.09 9.47 1.32
C CYS B 268 -14.60 9.63 2.77
N CYS B 269 -15.41 10.25 3.62
CA CYS B 269 -14.97 10.51 4.99
C CYS B 269 -14.69 9.23 5.76
N THR B 270 -15.52 8.19 5.55
CA THR B 270 -15.30 6.94 6.25
C THR B 270 -13.96 6.31 5.88
N ALA B 271 -13.63 6.32 4.58
CA ALA B 271 -12.35 5.77 4.15
C ALA B 271 -11.18 6.57 4.71
N LEU B 272 -11.29 7.91 4.68
CA LEU B 272 -10.22 8.73 5.22
C LEU B 272 -10.02 8.48 6.71
N LEU B 273 -11.10 8.21 7.45
CA LEU B 273 -10.95 7.93 8.88
C LEU B 273 -10.34 6.56 9.12
N VAL B 274 -10.81 5.54 8.40
CA VAL B 274 -10.33 4.18 8.66
C VAL B 274 -8.87 4.04 8.26
N ALA B 275 -8.42 4.79 7.25
CA ALA B 275 -7.00 4.72 6.88
C ALA B 275 -6.12 5.17 8.03
N VAL B 276 -6.45 6.29 8.66
CA VAL B 276 -5.67 6.79 9.78
C VAL B 276 -5.76 5.84 10.97
N VAL B 277 -6.97 5.31 11.24
CA VAL B 277 -7.13 4.40 12.36
C VAL B 277 -6.26 3.17 12.18
N ALA B 278 -6.21 2.63 10.96
CA ALA B 278 -5.36 1.48 10.70
C ALA B 278 -3.88 1.85 10.81
N ARG B 279 -3.52 3.07 10.37
CA ARG B 279 -2.12 3.48 10.41
C ARG B 279 -1.61 3.60 11.84
N LYS B 280 -2.45 4.07 12.76
CA LYS B 280 -1.98 4.37 14.12
C LYS B 280 -1.40 3.17 14.85
N LEU B 281 -1.76 1.94 14.47
CA LEU B 281 -1.41 0.76 15.24
C LEU B 281 -0.17 0.03 14.73
N GLU B 282 0.53 0.56 13.74
CA GLU B 282 1.66 -0.14 13.15
C GLU B 282 2.93 0.07 13.97
N PHE B 283 3.82 -0.92 13.93
CA PHE B 283 5.12 -0.82 14.56
C PHE B 283 5.98 0.24 13.86
N ASN B 284 6.88 0.85 14.62
CA ASN B 284 7.86 1.76 14.04
C ASN B 284 9.13 0.98 13.72
N LYS B 285 10.21 1.68 13.37
CA LYS B 285 11.44 1.06 12.92
C LYS B 285 12.41 0.75 14.07
N ALA B 286 12.08 1.17 15.29
CA ALA B 286 12.99 1.00 16.42
C ALA B 286 12.49 -0.03 17.43
N GLU B 287 11.48 -0.82 17.08
CA GLU B 287 10.95 -1.85 17.96
C GLU B 287 10.95 -3.23 17.35
N LYS B 288 10.79 -3.33 16.02
CA LYS B 288 10.88 -4.62 15.35
C LYS B 288 12.24 -5.26 15.56
N HIS B 289 13.30 -4.44 15.61
CA HIS B 289 14.64 -4.98 15.85
C HIS B 289 14.74 -5.65 17.20
N VAL B 290 14.21 -5.02 18.25
CA VAL B 290 14.22 -5.62 19.58
C VAL B 290 13.36 -6.88 19.60
N HIS B 291 12.20 -6.83 18.94
CA HIS B 291 11.34 -8.02 18.88
C HIS B 291 12.09 -9.19 18.27
N ASN B 292 12.78 -8.97 17.15
CA ASN B 292 13.53 -10.05 16.51
C ASN B 292 14.68 -10.51 17.40
N PHE B 293 15.40 -9.58 18.03
CA PHE B 293 16.54 -9.94 18.84
C PHE B 293 16.14 -10.73 20.08
N MET B 294 14.90 -10.61 20.53
CA MET B 294 14.46 -11.47 21.64
C MET B 294 13.87 -12.79 21.16
N MET B 295 13.16 -12.76 20.02
CA MET B 295 12.64 -14.00 19.46
C MET B 295 13.77 -14.97 19.12
N ASP B 296 14.91 -14.44 18.67
CA ASP B 296 16.04 -15.31 18.36
C ASP B 296 16.52 -16.06 19.60
N ILE B 297 16.63 -15.37 20.74
CA ILE B 297 17.05 -16.01 21.98
C ILE B 297 16.04 -17.08 22.38
N GLN B 298 14.75 -16.75 22.27
CA GLN B 298 13.73 -17.73 22.65
C GLN B 298 13.82 -18.99 21.80
N TYR B 299 14.01 -18.83 20.48
CA TYR B 299 14.09 -20.00 19.60
C TYR B 299 15.35 -20.81 19.88
N THR B 300 16.46 -20.15 20.16
CA THR B 300 17.68 -20.90 20.51
C THR B 300 17.47 -21.73 21.77
N LYS B 301 16.83 -21.14 22.79
CA LYS B 301 16.54 -21.89 23.99
C LYS B 301 15.64 -23.08 23.70
N GLU B 302 14.62 -22.89 22.85
CA GLU B 302 13.72 -24.00 22.52
C GLU B 302 14.45 -25.14 21.83
N MET B 303 15.34 -24.82 20.88
CA MET B 303 16.10 -25.86 20.19
C MET B 303 16.98 -26.64 21.17
N LYS B 304 17.69 -25.91 22.04
CA LYS B 304 18.54 -26.58 23.01
C LYS B 304 17.74 -27.42 23.99
N GLU B 305 16.50 -27.02 24.26
CA GLU B 305 15.64 -27.83 25.12
C GLU B 305 15.21 -29.11 24.43
N SER B 306 14.87 -29.03 23.14
CA SER B 306 14.32 -30.20 22.46
C SER B 306 15.38 -31.26 22.11
N ALA B 307 16.60 -30.82 21.79
CA ALA B 307 17.63 -31.79 21.43
C ALA B 307 17.92 -32.77 22.57
N ALA B 308 17.92 -32.27 23.81
CA ALA B 308 18.19 -33.13 24.96
C ALA B 308 17.16 -34.23 25.10
N ARG B 309 15.88 -33.89 24.92
CA ARG B 309 14.84 -34.91 24.98
C ARG B 309 14.99 -35.91 23.85
N VAL B 310 15.33 -35.43 22.64
CA VAL B 310 15.53 -36.33 21.51
C VAL B 310 16.60 -37.37 21.85
N LEU B 311 17.70 -36.94 22.47
CA LEU B 311 18.77 -37.89 22.77
C LEU B 311 18.42 -38.81 23.94
N GLN B 312 17.80 -38.27 25.00
CA GLN B 312 17.52 -39.12 26.15
C GLN B 312 16.47 -40.16 25.85
N GLU B 313 15.52 -39.86 24.96
CA GLU B 313 14.55 -40.88 24.57
C GLU B 313 15.22 -42.02 23.84
N ALA B 314 16.18 -41.72 22.96
CA ALA B 314 16.93 -42.76 22.27
C ALA B 314 17.73 -43.60 23.25
N TRP B 315 18.34 -42.96 24.26
CA TRP B 315 19.07 -43.72 25.26
C TRP B 315 18.14 -44.65 26.03
N MET B 316 16.97 -44.17 26.42
CA MET B 316 16.01 -45.03 27.11
C MET B 316 15.57 -46.20 26.23
N PHE B 317 15.34 -45.94 24.94
CA PHE B 317 14.96 -47.00 24.02
C PHE B 317 16.04 -48.06 23.94
N TYR B 318 17.30 -47.64 23.81
CA TYR B 318 18.40 -48.60 23.73
C TYR B 318 18.50 -49.41 25.01
N LYS B 319 18.35 -48.76 26.16
CA LYS B 319 18.42 -49.49 27.43
C LYS B 319 17.32 -50.54 27.52
N HIS B 320 16.07 -50.13 27.28
CA HIS B 320 14.97 -51.08 27.43
C HIS B 320 14.98 -52.17 26.36
N THR B 321 15.62 -51.92 25.21
CA THR B 321 15.81 -52.99 24.25
C THR B 321 16.90 -53.96 24.72
N ARG B 322 17.97 -53.43 25.32
CA ARG B 322 19.02 -54.30 25.84
C ARG B 322 18.52 -55.17 26.98
N ARG B 323 17.61 -54.66 27.81
CA ARG B 323 17.09 -55.40 28.95
C ARG B 323 15.89 -56.28 28.59
N LYS B 324 15.69 -56.57 27.30
CA LYS B 324 14.69 -57.53 26.83
C LYS B 324 13.28 -57.13 27.26
N GLU B 325 12.86 -55.93 26.87
CA GLU B 325 11.51 -55.44 27.09
C GLU B 325 10.84 -55.13 25.76
N SER B 326 9.51 -55.17 25.76
CA SER B 326 8.75 -54.95 24.54
C SER B 326 7.91 -53.68 24.59
N HIS B 327 7.03 -53.54 25.59
CA HIS B 327 6.15 -52.37 25.62
C HIS B 327 6.92 -51.10 25.93
N ALA B 328 7.95 -51.19 26.77
CA ALA B 328 8.79 -50.02 27.04
C ALA B 328 9.51 -49.58 25.77
N ALA B 329 10.03 -50.54 24.99
CA ALA B 329 10.68 -50.20 23.73
C ALA B 329 9.69 -49.56 22.76
N ARG B 330 8.47 -50.09 22.69
CA ARG B 330 7.46 -49.51 21.81
C ARG B 330 7.13 -48.08 22.22
N ARG B 331 6.96 -47.85 23.53
CA ARG B 331 6.65 -46.50 23.99
C ARG B 331 7.80 -45.53 23.70
N HIS B 332 9.03 -45.99 23.90
CA HIS B 332 10.18 -45.11 23.63
C HIS B 332 10.30 -44.81 22.14
N GLN B 333 10.04 -45.80 21.28
CA GLN B 333 10.02 -45.56 19.84
C GLN B 333 8.97 -44.52 19.48
N ARG B 334 7.76 -44.67 20.04
CA ARG B 334 6.68 -43.75 19.72
C ARG B 334 6.98 -42.33 20.21
N LYS B 335 7.65 -42.20 21.36
CA LYS B 335 8.00 -40.86 21.84
C LYS B 335 9.13 -40.25 21.04
N LEU B 336 10.09 -41.07 20.61
CA LEU B 336 11.18 -40.57 19.77
C LEU B 336 10.66 -40.06 18.43
N LEU B 337 9.71 -40.79 17.83
CA LEU B 337 9.17 -40.40 16.53
C LEU B 337 8.35 -39.11 16.58
N ALA B 338 8.00 -38.63 17.78
CA ALA B 338 7.35 -37.33 17.93
C ALA B 338 8.32 -36.24 18.37
N ALA B 339 9.32 -36.60 19.19
CA ALA B 339 10.35 -35.63 19.54
C ALA B 339 11.11 -35.15 18.30
N ILE B 340 11.36 -36.06 17.36
CA ILE B 340 12.02 -35.68 16.11
C ILE B 340 11.18 -34.66 15.35
N ASN B 341 9.86 -34.90 15.28
CA ASN B 341 8.98 -33.97 14.57
C ASN B 341 8.97 -32.60 15.24
N ALA B 342 8.92 -32.57 16.58
CA ALA B 342 8.93 -31.29 17.27
C ALA B 342 10.24 -30.54 17.01
N PHE B 343 11.36 -31.25 17.03
CA PHE B 343 12.65 -30.63 16.75
C PHE B 343 12.68 -30.05 15.33
N ARG B 344 12.16 -30.81 14.36
CA ARG B 344 12.13 -30.32 12.99
C ARG B 344 11.29 -29.05 12.87
N GLN B 345 10.12 -29.02 13.51
CA GLN B 345 9.28 -27.83 13.44
C GLN B 345 9.98 -26.62 14.04
N VAL B 346 10.63 -26.80 15.20
CA VAL B 346 11.29 -25.68 15.85
C VAL B 346 12.45 -25.17 14.97
N ARG B 347 13.22 -26.09 14.39
CA ARG B 347 14.33 -25.67 13.54
C ARG B 347 13.84 -24.90 12.31
N LEU B 348 12.76 -25.38 11.69
CA LEU B 348 12.22 -24.68 10.53
C LEU B 348 11.70 -23.29 10.91
N LYS B 349 11.10 -23.17 12.08
CA LYS B 349 10.67 -21.85 12.54
C LYS B 349 11.86 -20.92 12.75
N HIS B 350 12.94 -21.44 13.34
CA HIS B 350 14.09 -20.61 13.64
C HIS B 350 14.79 -20.12 12.38
N ARG B 351 14.88 -20.99 11.36
CA ARG B 351 15.66 -20.65 10.18
C ARG B 351 15.11 -19.42 9.46
N LYS B 352 13.79 -19.33 9.32
CA LYS B 352 13.18 -18.21 8.62
C LYS B 352 13.45 -16.90 9.34
N LEU B 353 13.35 -16.90 10.68
CA LEU B 353 13.64 -15.69 11.43
C LEU B 353 15.10 -15.30 11.33
N ARG B 354 16.00 -16.29 11.31
CA ARG B 354 17.41 -15.97 11.09
C ARG B 354 17.63 -15.33 9.73
N GLU B 355 16.96 -15.86 8.71
CA GLU B 355 17.06 -15.26 7.37
C GLU B 355 16.54 -13.82 7.37
N GLN B 356 15.41 -13.59 8.04
CA GLN B 356 14.88 -12.23 8.14
C GLN B 356 15.86 -11.29 8.82
N VAL B 357 16.46 -11.75 9.92
CA VAL B 357 17.45 -10.93 10.62
C VAL B 357 18.63 -10.61 9.69
N ASN B 358 19.08 -11.61 8.93
CA ASN B 358 20.18 -11.38 8.00
C ASN B 358 19.76 -10.52 6.81
N SER B 359 18.46 -10.35 6.57
CA SER B 359 18.00 -9.61 5.39
C SER B 359 17.20 -8.36 5.70
N MET B 360 16.59 -8.24 6.88
CA MET B 360 15.74 -7.08 7.17
C MET B 360 16.55 -5.89 7.70
N VAL B 361 17.26 -6.10 8.81
CA VAL B 361 18.09 -5.04 9.38
C VAL B 361 19.33 -4.75 8.53
N ASP B 362 19.62 -5.62 7.56
CA ASP B 362 20.72 -5.41 6.61
C ASP B 362 22.06 -5.28 7.33
N ILE B 363 22.36 -6.26 8.18
CA ILE B 363 23.66 -6.30 8.84
C ILE B 363 24.78 -6.46 7.82
N SER B 364 24.57 -7.33 6.82
CA SER B 364 25.55 -7.50 5.76
C SER B 364 25.70 -6.22 4.95
N LYS B 365 24.60 -5.51 4.68
CA LYS B 365 24.69 -4.27 3.94
C LYS B 365 25.45 -3.21 4.73
N MET B 366 25.21 -3.13 6.04
CA MET B 366 25.95 -2.19 6.87
C MET B 366 27.43 -2.52 6.91
N HIS B 367 27.76 -3.82 7.00
CA HIS B 367 29.17 -4.22 6.98
C HIS B 367 29.81 -3.88 5.64
N MET B 368 29.10 -4.09 4.54
CA MET B 368 29.64 -3.74 3.23
C MET B 368 29.83 -2.24 3.09
N ILE B 369 28.90 -1.45 3.62
CA ILE B 369 29.05 0.01 3.57
C ILE B 369 30.26 0.44 4.37
N LEU B 370 30.45 -0.14 5.57
CA LEU B 370 31.62 0.20 6.38
C LEU B 370 32.91 -0.20 5.68
N TYR B 371 32.92 -1.38 5.04
CA TYR B 371 34.11 -1.81 4.30
C TYR B 371 34.41 -0.89 3.14
N ASP B 372 33.37 -0.46 2.41
CA ASP B 372 33.58 0.47 1.32
C ASP B 372 34.12 1.81 1.80
N LEU B 373 33.59 2.30 2.93
CA LEU B 373 34.10 3.54 3.50
C LEU B 373 35.56 3.40 3.92
N GLN B 374 35.90 2.27 4.54
CA GLN B 374 37.29 2.03 4.94
C GLN B 374 38.21 1.96 3.72
N GLN B 375 37.76 1.29 2.66
CA GLN B 375 38.57 1.20 1.45
C GLN B 375 38.76 2.57 0.81
N ASN B 376 37.71 3.39 0.79
CA ASN B 376 37.83 4.74 0.25
C ASN B 376 38.79 5.57 1.08
N LEU B 377 38.72 5.44 2.41
CA LEU B 377 39.65 6.17 3.27
C LEU B 377 41.09 5.73 3.05
N SER B 378 41.30 4.42 2.89
CA SER B 378 42.64 3.90 2.66
C SER B 378 42.81 3.41 1.22
N LEU C 1 23.43 -1.63 47.39
CA LEU C 1 22.49 -1.72 46.27
C LEU C 1 21.13 -2.23 46.73
N GLY C 2 20.65 -1.70 47.85
CA GLY C 2 19.32 -2.06 48.35
C GLY C 2 18.18 -1.45 47.56
N ALA C 3 18.48 -0.50 46.67
CA ALA C 3 17.43 0.10 45.86
C ALA C 3 16.78 -0.93 44.94
N LEU C 4 17.59 -1.83 44.36
CA LEU C 4 17.04 -2.87 43.51
C LEU C 4 16.12 -3.80 44.28
N ARG C 5 16.53 -4.21 45.49
CA ARG C 5 15.70 -5.09 46.30
C ARG C 5 14.40 -4.40 46.70
N ARG C 6 14.48 -3.13 47.11
CA ARG C 6 13.28 -2.39 47.47
C ARG C 6 12.34 -2.25 46.28
N ARG C 7 12.87 -1.94 45.11
CA ARG C 7 12.04 -1.83 43.91
C ARG C 7 11.38 -3.16 43.59
N LYS C 8 12.12 -4.26 43.71
CA LYS C 8 11.53 -5.57 43.41
C LYS C 8 10.40 -5.90 44.37
N ARG C 9 10.60 -5.67 45.67
CA ARG C 9 9.54 -6.01 46.62
C ARG C 9 8.32 -5.11 46.43
N LEU C 10 8.53 -3.82 46.15
CA LEU C 10 7.40 -2.92 45.93
C LEU C 10 6.64 -3.29 44.65
N LEU C 11 7.36 -3.65 43.60
CA LEU C 11 6.72 -4.01 42.34
C LEU C 11 6.00 -5.35 42.45
N GLU C 12 6.45 -6.22 43.35
CA GLU C 12 5.69 -7.44 43.60
C GLU C 12 4.46 -7.19 44.47
N GLN C 13 4.54 -6.25 45.41
CA GLN C 13 3.39 -5.93 46.25
C GLN C 13 2.27 -5.28 45.43
N GLU C 14 2.62 -4.25 44.66
CA GLU C 14 1.61 -3.51 43.91
C GLU C 14 1.10 -4.26 42.69
N LYS C 15 1.60 -5.47 42.45
CA LYS C 15 0.98 -6.36 41.47
C LYS C 15 -0.18 -7.14 42.07
N SER C 16 -0.01 -7.67 43.28
CA SER C 16 -1.12 -8.31 43.97
C SER C 16 -2.20 -7.29 44.33
N LEU C 17 -1.80 -6.11 44.81
CA LEU C 17 -2.79 -5.09 45.14
C LEU C 17 -3.51 -4.54 43.92
N ALA C 18 -3.00 -4.81 42.71
CA ALA C 18 -3.70 -4.42 41.49
C ALA C 18 -4.45 -5.58 40.83
N GLY C 19 -4.08 -6.81 41.15
CA GLY C 19 -4.80 -7.96 40.65
C GLY C 19 -5.98 -8.35 41.52
N TRP C 20 -5.98 -7.92 42.78
CA TRP C 20 -7.11 -8.15 43.67
C TRP C 20 -8.15 -7.04 43.64
N ALA C 21 -7.96 -6.01 42.81
CA ALA C 21 -8.92 -4.94 42.66
C ALA C 21 -9.79 -5.09 41.42
N LEU C 22 -9.67 -6.22 40.72
CA LEU C 22 -10.51 -6.52 39.57
C LEU C 22 -11.57 -7.56 39.86
N VAL C 23 -11.30 -8.49 40.77
CA VAL C 23 -12.29 -9.48 41.17
C VAL C 23 -13.50 -8.79 41.80
N LEU C 24 -13.26 -7.79 42.65
CA LEU C 24 -14.36 -7.06 43.28
C LEU C 24 -15.20 -6.32 42.26
N ALA C 25 -14.57 -5.69 41.26
CA ALA C 25 -15.33 -5.00 40.22
C ALA C 25 -16.17 -5.99 39.41
N GLY C 26 -15.59 -7.14 39.06
CA GLY C 26 -16.37 -8.15 38.36
C GLY C 26 -17.56 -8.65 39.17
N THR C 27 -17.34 -8.87 40.47
CA THR C 27 -18.44 -9.30 41.34
C THR C 27 -19.53 -8.24 41.42
N GLY C 28 -19.15 -6.97 41.53
CA GLY C 28 -20.13 -5.92 41.57
C GLY C 28 -20.96 -5.84 40.30
N ILE C 29 -20.30 -5.94 39.14
CA ILE C 29 -21.02 -5.90 37.88
C ILE C 29 -21.98 -7.08 37.76
N GLY C 30 -21.51 -8.28 38.13
CA GLY C 30 -22.38 -9.45 38.07
C GLY C 30 -23.59 -9.32 38.97
N LEU C 31 -23.38 -8.82 40.19
CA LEU C 31 -24.51 -8.64 41.11
C LEU C 31 -25.49 -7.61 40.59
N MET C 32 -24.99 -6.54 39.97
CA MET C 32 -25.89 -5.56 39.37
C MET C 32 -26.76 -6.18 38.29
N VAL C 33 -26.14 -6.97 37.40
CA VAL C 33 -26.91 -7.61 36.33
C VAL C 33 -27.96 -8.54 36.91
N LEU C 34 -27.57 -9.35 37.91
CA LEU C 34 -28.51 -10.28 38.52
C LEU C 34 -29.67 -9.55 39.19
N HIS C 35 -29.38 -8.45 39.88
CA HIS C 35 -30.44 -7.67 40.52
C HIS C 35 -31.41 -7.11 39.49
N ALA C 36 -30.88 -6.58 38.39
CA ALA C 36 -31.75 -6.02 37.34
C ALA C 36 -32.65 -7.11 36.76
N GLU C 37 -32.08 -8.27 36.45
CA GLU C 37 -32.89 -9.34 35.88
C GLU C 37 -33.96 -9.83 36.86
N MET C 38 -33.59 -9.98 38.13
CA MET C 38 -34.57 -10.41 39.12
C MET C 38 -35.68 -9.39 39.29
N LEU C 39 -35.35 -8.10 39.26
CA LEU C 39 -36.38 -7.07 39.35
C LEU C 39 -37.32 -7.13 38.15
N TRP C 40 -36.78 -7.37 36.95
CA TRP C 40 -37.64 -7.46 35.78
C TRP C 40 -38.57 -8.68 35.85
N PHE C 41 -38.00 -9.86 36.12
CA PHE C 41 -38.79 -11.08 36.15
C PHE C 41 -39.39 -11.38 37.52
N GLY C 42 -39.56 -10.36 38.36
CA GLY C 42 -40.11 -10.55 39.68
C GLY C 42 -41.11 -9.49 40.06
N GLY C 43 -40.89 -8.84 41.21
CA GLY C 43 -41.77 -7.79 41.66
C GLY C 43 -41.88 -7.72 43.17
N CYS C 44 -43.12 -7.74 43.68
CA CYS C 44 -43.34 -7.73 45.12
C CYS C 44 -43.07 -9.09 45.76
N SER C 45 -43.06 -10.16 44.97
CA SER C 45 -42.78 -11.49 45.54
C SER C 45 -41.36 -11.57 46.07
N TRP C 46 -40.39 -11.07 45.30
CA TRP C 46 -38.99 -11.06 45.72
C TRP C 46 -38.66 -9.73 46.40
N ALA C 47 -39.47 -9.38 47.40
CA ALA C 47 -39.31 -8.10 48.09
C ALA C 47 -38.14 -8.09 49.05
N LEU C 48 -37.62 -9.25 49.44
CA LEU C 48 -36.51 -9.33 50.37
C LEU C 48 -35.18 -9.65 49.70
N TYR C 49 -35.17 -10.51 48.68
CA TYR C 49 -33.94 -10.87 48.01
C TYR C 49 -33.39 -9.74 47.14
N LEU C 50 -34.16 -8.68 46.94
CA LEU C 50 -33.65 -7.46 46.31
C LEU C 50 -33.08 -6.48 47.31
N PHE C 51 -33.01 -6.87 48.58
CA PHE C 51 -32.33 -6.08 49.61
C PHE C 51 -31.01 -6.69 50.03
N LEU C 52 -30.67 -7.88 49.54
CA LEU C 52 -29.37 -8.51 49.76
C LEU C 52 -28.42 -8.31 48.59
N VAL C 53 -28.93 -8.50 47.37
CA VAL C 53 -28.12 -8.20 46.18
C VAL C 53 -27.88 -6.70 46.08
N LYS C 54 -28.80 -5.89 46.59
CA LYS C 54 -28.63 -4.44 46.60
C LYS C 54 -27.81 -3.97 47.80
N CYS C 55 -27.42 -4.88 48.69
CA CYS C 55 -26.57 -4.55 49.83
C CYS C 55 -25.15 -5.08 49.70
N THR C 56 -24.95 -6.18 48.99
CA THR C 56 -23.59 -6.70 48.79
C THR C 56 -22.76 -5.78 47.91
N ILE C 57 -23.39 -5.08 46.98
CA ILE C 57 -22.69 -4.16 46.08
C ILE C 57 -22.26 -2.88 46.78
N SER C 58 -22.56 -2.74 48.06
CA SER C 58 -21.98 -1.66 48.85
C SER C 58 -20.71 -2.12 49.57
N ILE C 59 -20.73 -3.33 50.11
CA ILE C 59 -19.52 -3.91 50.71
C ILE C 59 -18.43 -4.07 49.65
N SER C 60 -18.80 -4.57 48.48
CA SER C 60 -17.81 -4.74 47.41
C SER C 60 -17.23 -3.40 46.99
N THR C 61 -18.07 -2.37 46.88
CA THR C 61 -17.60 -1.05 46.50
C THR C 61 -16.67 -0.47 47.57
N PHE C 62 -16.99 -0.67 48.84
CA PHE C 62 -16.12 -0.19 49.91
C PHE C 62 -14.76 -0.87 49.85
N LEU C 63 -14.74 -2.19 49.63
CA LEU C 63 -13.46 -2.89 49.52
C LEU C 63 -12.68 -2.41 48.31
N LEU C 64 -13.35 -2.16 47.19
CA LEU C 64 -12.66 -1.66 46.00
C LEU C 64 -12.07 -0.29 46.25
N LEU C 65 -12.81 0.60 46.93
CA LEU C 65 -12.28 1.92 47.24
C LEU C 65 -11.05 1.81 48.15
N CYS C 66 -11.11 0.93 49.14
CA CYS C 66 -9.95 0.75 50.02
C CYS C 66 -8.74 0.26 49.23
N LEU C 67 -8.94 -0.69 48.31
CA LEU C 67 -7.81 -1.18 47.52
C LEU C 67 -7.25 -0.10 46.61
N ILE C 68 -8.12 0.72 46.01
CA ILE C 68 -7.64 1.79 45.14
C ILE C 68 -6.83 2.80 45.93
N VAL C 69 -7.28 3.15 47.14
CA VAL C 69 -6.52 4.08 47.97
C VAL C 69 -5.18 3.45 48.37
N ALA C 70 -5.18 2.15 48.67
CA ALA C 70 -3.94 1.49 49.08
C ALA C 70 -2.93 1.40 47.94
N PHE C 71 -3.40 1.24 46.70
CA PHE C 71 -2.48 1.06 45.58
C PHE C 71 -1.61 2.29 45.38
N HIS C 72 -2.19 3.49 45.45
CA HIS C 72 -1.44 4.71 45.14
C HIS C 72 -0.42 5.10 46.21
N ALA C 73 -0.42 4.42 47.36
CA ALA C 73 0.66 4.64 48.32
C ALA C 73 1.96 3.98 47.87
N LYS C 74 1.84 2.78 47.29
CA LYS C 74 3.04 2.07 46.84
C LYS C 74 3.70 2.76 45.66
N GLU C 75 2.92 3.39 44.78
CA GLU C 75 3.52 4.11 43.66
C GLU C 75 4.29 5.33 44.14
N VAL C 76 3.75 6.04 45.14
CA VAL C 76 4.47 7.17 45.72
C VAL C 76 5.74 6.68 46.42
N GLN C 77 5.67 5.56 47.12
CA GLN C 77 6.86 5.00 47.74
C GLN C 77 7.91 4.62 46.69
N LEU C 78 7.46 4.07 45.56
CA LEU C 78 8.36 3.74 44.46
C LEU C 78 9.03 4.99 43.91
N PHE C 79 8.27 6.07 43.75
CA PHE C 79 8.85 7.33 43.28
C PHE C 79 9.90 7.84 44.25
N MET C 80 9.59 7.79 45.56
CA MET C 80 10.54 8.25 46.57
C MET C 80 11.81 7.41 46.55
N THR C 81 11.67 6.09 46.41
CA THR C 81 12.85 5.23 46.33
C THR C 81 13.67 5.52 45.08
N ASP C 82 12.99 5.77 43.95
CA ASP C 82 13.71 6.06 42.71
C ASP C 82 14.52 7.35 42.83
N ASN C 83 13.91 8.39 43.39
CA ASN C 83 14.58 9.69 43.45
C ASN C 83 15.35 9.92 44.74
N GLY C 84 15.29 8.98 45.69
CA GLY C 84 16.08 9.11 46.91
C GLY C 84 15.64 10.23 47.83
N LEU C 85 14.37 10.61 47.81
CA LEU C 85 13.85 11.66 48.68
C LEU C 85 13.64 11.11 50.09
N ARG C 86 13.23 11.99 51.00
CA ARG C 86 13.01 11.59 52.38
C ARG C 86 11.65 12.04 52.89
N ASP C 87 11.11 13.12 52.32
CA ASP C 87 9.83 13.68 52.74
C ASP C 87 8.79 13.46 51.65
N TRP C 88 7.65 12.88 52.02
CA TRP C 88 6.61 12.56 51.05
C TRP C 88 5.88 13.79 50.54
N ARG C 89 6.05 14.94 51.18
CA ARG C 89 5.34 16.15 50.75
C ARG C 89 5.87 16.70 49.44
N VAL C 90 6.99 16.19 48.93
CA VAL C 90 7.62 16.73 47.73
C VAL C 90 7.20 15.92 46.51
N ALA C 91 6.86 14.65 46.72
CA ALA C 91 6.61 13.73 45.62
C ALA C 91 5.17 13.76 45.12
N LEU C 92 4.30 14.57 45.72
CA LEU C 92 2.90 14.67 45.31
C LEU C 92 2.74 15.88 44.39
N THR C 93 2.56 15.61 43.10
CA THR C 93 2.33 16.67 42.13
C THR C 93 0.88 17.10 42.14
N GLY C 94 0.57 18.18 41.40
CA GLY C 94 -0.79 18.66 41.35
C GLY C 94 -1.74 17.74 40.62
N ARG C 95 -1.27 17.13 39.52
CA ARG C 95 -2.14 16.30 38.69
C ARG C 95 -2.48 14.97 39.36
N GLN C 96 -1.57 14.46 40.20
CA GLN C 96 -1.80 13.15 40.82
C GLN C 96 -2.98 13.19 41.78
N ALA C 97 -3.16 14.31 42.49
CA ALA C 97 -4.31 14.43 43.39
C ALA C 97 -5.62 14.39 42.60
N ALA C 98 -5.67 15.09 41.46
CA ALA C 98 -6.86 15.03 40.63
C ALA C 98 -7.10 13.63 40.10
N GLN C 99 -6.04 12.93 39.70
CA GLN C 99 -6.19 11.56 39.23
C GLN C 99 -6.76 10.67 40.33
N ILE C 100 -6.25 10.80 41.56
CA ILE C 100 -6.74 9.99 42.66
C ILE C 100 -8.21 10.30 42.96
N VAL C 101 -8.58 11.57 42.97
CA VAL C 101 -9.97 11.93 43.25
C VAL C 101 -10.89 11.40 42.16
N LEU C 102 -10.48 11.51 40.89
CA LEU C 102 -11.31 10.99 39.80
C LEU C 102 -11.46 9.48 39.89
N GLU C 103 -10.37 8.76 40.19
CA GLU C 103 -10.47 7.31 40.33
C GLU C 103 -11.28 6.91 41.55
N LEU C 104 -11.35 7.77 42.57
CA LEU C 104 -12.20 7.48 43.72
C LEU C 104 -13.67 7.71 43.42
N VAL C 105 -13.99 8.76 42.65
CA VAL C 105 -15.41 9.07 42.38
C VAL C 105 -15.96 8.34 41.17
N VAL C 106 -15.12 7.73 40.34
CA VAL C 106 -15.62 6.92 39.23
C VAL C 106 -15.89 5.49 39.67
N CYS C 107 -15.04 4.95 40.55
CA CYS C 107 -15.23 3.61 41.09
C CYS C 107 -16.07 3.60 42.36
N GLY C 108 -16.93 4.60 42.54
CA GLY C 108 -17.75 4.69 43.72
C GLY C 108 -19.21 4.99 43.44
N LEU C 109 -19.65 4.72 42.21
CA LEU C 109 -21.04 4.90 41.82
C LEU C 109 -21.72 3.54 41.75
N HIS C 110 -22.80 3.38 42.50
CA HIS C 110 -23.54 2.13 42.57
C HIS C 110 -24.93 2.40 43.10
N PRO C 111 -25.89 1.50 42.87
CA PRO C 111 -27.21 1.68 43.46
C PRO C 111 -27.17 1.63 44.98
N ALA C 112 -27.43 2.76 45.62
CA ALA C 112 -27.35 2.84 47.07
C ALA C 112 -28.57 2.19 47.71
N PRO C 113 -28.38 1.22 48.60
CA PRO C 113 -29.54 0.60 49.27
C PRO C 113 -30.19 1.53 50.27
N VAL C 114 -30.83 2.60 49.78
CA VAL C 114 -31.49 3.57 50.65
C VAL C 114 -32.98 3.56 50.34
N ARG C 115 -33.49 2.40 49.90
CA ARG C 115 -34.91 2.26 49.58
C ARG C 115 -35.75 2.19 50.85
N PRO C 134 -44.37 -2.12 38.84
CA PRO C 134 -43.35 -2.11 39.88
C PRO C 134 -42.06 -2.79 39.44
N GLY C 135 -42.08 -3.39 38.25
CA GLY C 135 -40.89 -4.03 37.69
C GLY C 135 -40.12 -3.11 36.76
N PHE C 136 -40.37 -1.81 36.87
CA PHE C 136 -39.77 -0.82 36.01
C PHE C 136 -38.68 -0.08 36.79
N LEU C 137 -37.46 -0.10 36.26
CA LEU C 137 -36.33 0.57 36.91
C LEU C 137 -36.55 2.08 36.86
N GLY C 138 -36.89 2.67 37.99
CA GLY C 138 -37.13 4.09 38.06
C GLY C 138 -35.94 4.92 37.63
N GLN C 139 -36.17 5.90 36.76
CA GLN C 139 -35.07 6.73 36.28
C GLN C 139 -34.44 7.49 37.44
N GLY C 140 -33.12 7.50 37.46
CA GLY C 140 -32.38 8.07 38.57
C GLY C 140 -31.38 7.08 39.13
N GLU C 141 -31.75 5.81 39.13
CA GLU C 141 -30.83 4.74 39.49
C GLU C 141 -30.51 3.82 38.31
N ALA C 142 -31.26 3.89 37.22
CA ALA C 142 -30.87 3.18 36.01
C ALA C 142 -29.54 3.69 35.48
N LEU C 143 -29.34 5.02 35.52
CA LEU C 143 -28.07 5.59 35.10
C LEU C 143 -26.95 5.13 36.02
N LEU C 144 -27.20 5.04 37.33
CA LEU C 144 -26.19 4.53 38.24
C LEU C 144 -25.85 3.08 37.94
N SER C 145 -26.87 2.26 37.67
CA SER C 145 -26.63 0.85 37.36
C SER C 145 -25.89 0.67 36.05
N LEU C 146 -26.13 1.55 35.07
CA LEU C 146 -25.39 1.51 33.81
C LEU C 146 -24.05 2.23 33.89
N ALA C 147 -23.77 2.93 34.99
CA ALA C 147 -22.50 3.62 35.19
C ALA C 147 -21.46 2.75 35.86
N MET C 148 -21.78 1.50 36.14
CA MET C 148 -20.81 0.56 36.70
C MET C 148 -20.04 -0.19 35.62
N LEU C 149 -20.27 0.12 34.35
CA LEU C 149 -19.49 -0.42 33.25
C LEU C 149 -18.27 0.43 32.93
N LEU C 150 -18.03 1.50 33.70
CA LEU C 150 -16.84 2.32 33.55
C LEU C 150 -15.66 1.79 34.36
N ARG C 151 -15.85 0.70 35.10
CA ARG C 151 -14.76 0.08 35.85
C ARG C 151 -13.92 -0.85 35.00
N LEU C 152 -13.99 -0.71 33.67
CA LEU C 152 -13.16 -1.50 32.78
C LEU C 152 -11.83 -0.84 32.45
N TYR C 153 -11.55 0.33 33.03
CA TYR C 153 -10.24 0.95 32.87
C TYR C 153 -9.19 0.32 33.75
N LEU C 154 -9.57 -0.61 34.64
CA LEU C 154 -8.63 -1.31 35.49
C LEU C 154 -7.93 -2.46 34.79
N VAL C 155 -8.43 -2.89 33.63
CA VAL C 155 -7.83 -4.05 32.96
C VAL C 155 -6.39 -3.80 32.52
N PRO C 156 -6.06 -2.71 31.82
CA PRO C 156 -4.65 -2.49 31.46
C PRO C 156 -3.72 -2.40 32.66
N ARG C 157 -4.16 -1.76 33.74
CA ARG C 157 -3.29 -1.59 34.91
C ARG C 157 -3.05 -2.90 35.64
N ALA C 158 -3.89 -3.91 35.41
CA ALA C 158 -3.69 -5.22 35.99
C ALA C 158 -3.12 -6.23 34.99
N VAL C 159 -3.06 -5.88 33.71
CA VAL C 159 -2.44 -6.76 32.72
C VAL C 159 -0.99 -6.40 32.49
N LEU C 160 -0.65 -5.11 32.46
CA LEU C 160 0.74 -4.70 32.24
C LEU C 160 1.64 -5.20 33.37
N LEU C 161 1.19 -5.09 34.61
CA LEU C 161 2.02 -5.50 35.74
C LEU C 161 2.19 -7.01 35.81
N ARG C 162 1.18 -7.78 35.40
CA ARG C 162 1.25 -9.23 35.52
C ARG C 162 2.19 -9.83 34.48
N SER C 163 2.21 -9.29 33.27
CA SER C 163 3.12 -9.79 32.24
C SER C 163 4.56 -9.46 32.60
N GLY C 164 5.42 -10.48 32.60
CA GLY C 164 6.79 -10.30 33.01
C GLY C 164 7.69 -9.70 31.95
N VAL C 165 7.49 -8.42 31.65
CA VAL C 165 8.35 -7.70 30.70
C VAL C 165 9.01 -6.54 31.42
N LEU C 166 8.39 -6.07 32.50
CA LEU C 166 8.95 -4.98 33.29
C LEU C 166 10.00 -5.47 34.28
N LEU C 167 10.05 -6.77 34.55
CA LEU C 167 10.98 -7.33 35.52
C LEU C 167 12.13 -8.10 34.89
N ASN C 168 12.07 -8.37 33.59
CA ASN C 168 13.13 -9.11 32.93
C ASN C 168 14.42 -8.29 32.91
N ALA C 169 15.54 -8.96 33.15
CA ALA C 169 16.84 -8.30 33.22
C ALA C 169 17.51 -8.15 31.86
N SER C 170 16.92 -8.70 30.80
CA SER C 170 17.47 -8.59 29.46
C SER C 170 16.72 -7.59 28.58
N TYR C 171 15.39 -7.51 28.73
CA TYR C 171 14.62 -6.54 27.96
C TYR C 171 15.04 -5.12 28.31
N ARG C 172 15.19 -4.83 29.61
CA ARG C 172 15.55 -3.48 30.03
C ARG C 172 16.99 -3.13 29.66
N SER C 173 17.84 -4.12 29.42
CA SER C 173 19.19 -3.87 28.96
C SER C 173 19.26 -3.66 27.46
N ILE C 174 18.49 -4.44 26.70
CA ILE C 174 18.49 -4.29 25.24
C ILE C 174 17.78 -2.99 24.85
N GLY C 175 16.66 -2.66 25.50
CA GLY C 175 15.91 -1.48 25.14
C GLY C 175 16.60 -0.18 25.51
N ALA C 176 17.53 -0.21 26.46
CA ALA C 176 18.26 1.00 26.82
C ALA C 176 19.14 1.49 25.67
N LEU C 177 19.62 0.57 24.83
CA LEU C 177 20.40 0.95 23.65
C LEU C 177 19.54 1.48 22.52
N ASN C 178 18.21 1.37 22.63
CA ASN C 178 17.32 1.82 21.57
C ASN C 178 16.21 2.74 22.05
N GLN C 179 16.08 2.96 23.36
CA GLN C 179 15.12 3.91 23.94
C GLN C 179 13.69 3.56 23.54
N VAL C 180 13.24 2.40 24.01
CA VAL C 180 11.89 1.93 23.72
C VAL C 180 10.90 2.36 24.80
N ARG C 181 11.30 2.33 26.08
CA ARG C 181 10.49 2.81 27.20
C ARG C 181 9.13 2.09 27.25
N PHE C 182 9.22 0.79 27.56
CA PHE C 182 8.06 -0.08 27.69
C PHE C 182 6.91 0.57 28.43
N ARG C 183 5.74 0.60 27.80
CA ARG C 183 4.53 1.19 28.39
C ARG C 183 3.35 0.32 28.00
N HIS C 184 2.14 0.85 28.19
CA HIS C 184 0.93 0.12 27.79
C HIS C 184 0.90 -0.12 26.29
N TRP C 185 1.28 0.88 25.50
CA TRP C 185 1.15 0.78 24.05
C TRP C 185 2.06 -0.29 23.46
N PHE C 186 3.29 -0.43 24.00
CA PHE C 186 4.19 -1.45 23.48
C PHE C 186 3.62 -2.86 23.71
N VAL C 187 3.10 -3.10 24.91
CA VAL C 187 2.52 -4.43 25.20
C VAL C 187 1.28 -4.66 24.36
N ALA C 188 0.45 -3.62 24.17
CA ALA C 188 -0.73 -3.77 23.33
C ALA C 188 -0.34 -4.11 21.89
N LYS C 189 0.68 -3.42 21.36
CA LYS C 189 1.14 -3.72 20.00
C LYS C 189 1.70 -5.13 19.90
N LEU C 190 2.44 -5.57 20.92
CA LEU C 190 2.98 -6.92 20.91
C LEU C 190 1.88 -7.96 20.91
N TYR C 191 0.86 -7.76 21.74
CA TYR C 191 -0.27 -8.69 21.78
C TYR C 191 -1.04 -8.69 20.47
N MET C 192 -1.20 -7.51 19.86
CA MET C 192 -1.88 -7.43 18.57
C MET C 192 -1.11 -8.17 17.49
N ASN C 193 0.22 -8.03 17.48
CA ASN C 193 1.02 -8.63 16.43
C ASN C 193 1.20 -10.13 16.62
N THR C 194 1.18 -10.62 17.87
CA THR C 194 1.37 -12.04 18.10
C THR C 194 0.20 -12.86 17.56
N HIS C 195 -1.02 -12.45 17.89
CA HIS C 195 -2.24 -13.16 17.46
C HIS C 195 -3.23 -12.16 16.88
N PRO C 196 -2.99 -11.69 15.66
CA PRO C 196 -3.92 -10.72 15.05
C PRO C 196 -5.30 -11.28 14.78
N GLY C 197 -5.46 -12.60 14.71
CA GLY C 197 -6.74 -13.18 14.34
C GLY C 197 -7.74 -13.36 15.47
N ARG C 198 -7.27 -13.89 16.60
CA ARG C 198 -8.18 -14.19 17.70
C ARG C 198 -8.75 -12.93 18.34
N LEU C 199 -7.96 -11.84 18.38
CA LEU C 199 -8.40 -10.62 19.06
C LEU C 199 -9.63 -10.03 18.40
N LEU C 200 -9.66 -10.00 17.07
CA LEU C 200 -10.82 -9.42 16.39
C LEU C 200 -12.08 -10.22 16.67
N LEU C 201 -12.00 -11.54 16.60
CA LEU C 201 -13.16 -12.38 16.88
C LEU C 201 -13.63 -12.21 18.32
N GLY C 202 -12.70 -12.17 19.27
CA GLY C 202 -13.08 -11.98 20.66
C GLY C 202 -13.75 -10.64 20.90
N LEU C 203 -13.17 -9.58 20.34
CA LEU C 203 -13.74 -8.25 20.51
C LEU C 203 -15.13 -8.15 19.88
N THR C 204 -15.30 -8.69 18.67
CA THR C 204 -16.60 -8.64 18.01
C THR C 204 -17.64 -9.43 18.79
N LEU C 205 -17.28 -10.63 19.28
CA LEU C 205 -18.25 -11.43 20.02
C LEU C 205 -18.51 -10.88 21.41
N GLY C 206 -17.62 -10.03 21.93
CA GLY C 206 -17.90 -9.38 23.20
C GLY C 206 -18.77 -8.16 23.04
N LEU C 207 -18.54 -7.39 21.96
CA LEU C 207 -19.32 -6.19 21.71
C LEU C 207 -20.69 -6.49 21.11
N TRP C 208 -20.88 -7.65 20.50
CA TRP C 208 -22.20 -8.04 20.04
C TRP C 208 -23.10 -8.50 21.18
N LEU C 209 -22.56 -8.67 22.38
CA LEU C 209 -23.32 -9.17 23.52
C LEU C 209 -23.37 -8.21 24.69
N THR C 210 -22.32 -7.42 24.92
CA THR C 210 -22.38 -6.43 26.00
C THR C 210 -23.18 -5.20 25.63
N THR C 211 -23.52 -5.03 24.35
CA THR C 211 -24.38 -3.94 23.91
C THR C 211 -25.83 -4.36 23.74
N ALA C 212 -26.07 -5.64 23.47
CA ALA C 212 -27.44 -6.14 23.33
C ALA C 212 -28.20 -6.09 24.64
N TRP C 213 -27.50 -6.01 25.77
CA TRP C 213 -28.17 -5.86 27.06
C TRP C 213 -28.43 -4.40 27.40
N VAL C 214 -27.48 -3.52 27.08
CA VAL C 214 -27.69 -2.09 27.30
C VAL C 214 -28.84 -1.60 26.44
N LEU C 215 -28.89 -2.03 25.18
CA LEU C 215 -30.00 -1.63 24.32
C LEU C 215 -31.32 -2.22 24.79
N SER C 216 -31.28 -3.36 25.47
CA SER C 216 -32.51 -3.93 26.00
C SER C 216 -33.01 -3.15 27.22
N VAL C 217 -32.09 -2.75 28.09
CA VAL C 217 -32.50 -2.01 29.29
C VAL C 217 -32.89 -0.59 28.93
N ALA C 218 -32.35 -0.03 27.84
CA ALA C 218 -32.71 1.32 27.44
C ALA C 218 -34.17 1.42 27.03
N GLU C 219 -34.67 0.43 26.29
CA GLU C 219 -36.06 0.40 25.83
C GLU C 219 -36.62 -0.99 26.11
N ARG C 220 -37.54 -1.08 27.08
CA ARG C 220 -38.09 -2.35 27.53
C ARG C 220 -39.58 -2.12 27.83
N GLN C 221 -40.42 -2.40 26.85
CA GLN C 221 -41.85 -2.22 27.02
C GLN C 221 -42.43 -3.27 27.96
N ALA C 222 -43.43 -2.86 28.74
CA ALA C 222 -44.02 -3.71 29.78
C ALA C 222 -45.31 -4.37 29.34
N VAL C 223 -46.25 -3.61 28.77
CA VAL C 223 -47.56 -4.17 28.41
C VAL C 223 -47.40 -5.25 27.36
N ASN C 224 -46.61 -4.98 26.32
CA ASN C 224 -46.33 -5.92 25.25
C ASN C 224 -44.83 -6.04 25.06
N ALA C 225 -44.33 -7.27 25.01
CA ALA C 225 -42.90 -7.50 24.84
C ALA C 225 -42.49 -7.12 23.42
N THR C 226 -41.93 -5.92 23.26
CA THR C 226 -41.55 -5.42 21.96
C THR C 226 -40.12 -4.89 21.89
N GLY C 227 -39.38 -4.90 23.00
CA GLY C 227 -38.03 -4.41 23.01
C GLY C 227 -37.07 -5.20 23.88
N HIS C 228 -37.38 -6.46 24.13
CA HIS C 228 -36.58 -7.28 25.03
C HIS C 228 -35.38 -7.87 24.30
N LEU C 229 -34.68 -8.81 24.95
CA LEU C 229 -33.44 -9.38 24.43
C LEU C 229 -33.66 -10.28 23.22
N SER C 230 -34.90 -10.65 22.92
CA SER C 230 -35.16 -11.51 21.76
C SER C 230 -35.03 -10.77 20.44
N ASP C 231 -35.08 -9.43 20.45
CA ASP C 231 -34.98 -8.63 19.24
C ASP C 231 -33.68 -7.85 19.14
N THR C 232 -33.06 -7.49 20.26
CA THR C 232 -31.80 -6.74 20.19
C THR C 232 -30.67 -7.60 19.64
N LEU C 233 -30.68 -8.91 19.92
CA LEU C 233 -29.66 -9.80 19.37
C LEU C 233 -29.74 -9.90 17.86
N TRP C 234 -30.89 -9.56 17.27
CA TRP C 234 -31.03 -9.49 15.82
C TRP C 234 -30.78 -8.09 15.30
N LEU C 235 -31.10 -7.06 16.09
CA LEU C 235 -30.93 -5.69 15.63
C LEU C 235 -29.46 -5.27 15.64
N ILE C 236 -28.71 -5.66 16.67
CA ILE C 236 -27.34 -5.17 16.81
C ILE C 236 -26.41 -5.62 15.68
N PRO C 237 -26.35 -6.91 15.32
CA PRO C 237 -25.47 -7.29 14.20
C PRO C 237 -25.85 -6.65 12.88
N ILE C 238 -27.14 -6.44 12.64
CA ILE C 238 -27.58 -5.81 11.39
C ILE C 238 -27.06 -4.39 11.29
N THR C 239 -27.17 -3.63 12.38
CA THR C 239 -26.61 -2.28 12.40
C THR C 239 -25.10 -2.30 12.33
N PHE C 240 -24.48 -3.29 12.97
CA PHE C 240 -23.02 -3.41 12.96
C PHE C 240 -22.49 -3.63 11.54
N LEU C 241 -23.18 -4.46 10.76
CA LEU C 241 -22.77 -4.78 9.40
C LEU C 241 -23.27 -3.79 8.36
N THR C 242 -24.00 -2.76 8.78
CA THR C 242 -24.54 -1.74 7.88
C THR C 242 -25.47 -2.35 6.84
N ILE C 243 -26.29 -3.32 7.26
CA ILE C 243 -27.28 -3.95 6.39
C ILE C 243 -28.67 -3.65 6.94
N GLY C 244 -28.84 -2.45 7.50
CA GLY C 244 -30.09 -2.09 8.16
C GLY C 244 -31.34 -2.38 7.36
N TYR C 245 -32.14 -3.34 7.83
CA TYR C 245 -33.33 -3.75 7.11
C TYR C 245 -34.47 -2.76 7.35
N GLY C 246 -34.92 -2.65 8.60
CA GLY C 246 -36.02 -1.76 8.93
C GLY C 246 -37.17 -2.47 9.59
N ASP C 247 -37.02 -3.76 9.87
CA ASP C 247 -38.09 -4.51 10.53
C ASP C 247 -38.28 -4.05 11.97
N VAL C 248 -37.19 -3.80 12.69
CA VAL C 248 -37.24 -3.29 14.05
C VAL C 248 -36.32 -2.08 14.14
N VAL C 249 -36.82 -1.00 14.75
CA VAL C 249 -36.06 0.22 14.91
C VAL C 249 -36.18 0.70 16.35
N PRO C 250 -35.17 1.37 16.91
CA PRO C 250 -35.28 1.87 18.29
C PRO C 250 -36.35 2.94 18.41
N GLY C 251 -36.93 3.01 19.61
CA GLY C 251 -38.04 3.93 19.84
C GLY C 251 -37.87 4.82 21.05
N THR C 252 -36.64 5.25 21.33
CA THR C 252 -36.38 6.16 22.43
C THR C 252 -35.10 6.92 22.14
N MET C 253 -34.90 8.01 22.89
CA MET C 253 -33.73 8.85 22.68
C MET C 253 -32.45 8.21 23.19
N TRP C 254 -32.55 7.20 24.05
CA TRP C 254 -31.37 6.54 24.61
C TRP C 254 -30.96 5.29 23.83
N GLY C 255 -31.69 4.90 22.80
CA GLY C 255 -31.30 3.77 22.00
C GLY C 255 -30.62 4.18 20.70
N LYS C 256 -30.99 5.36 20.20
CA LYS C 256 -30.41 5.86 18.97
C LYS C 256 -28.92 6.12 19.13
N ILE C 257 -28.50 6.65 20.29
CA ILE C 257 -27.09 6.90 20.54
C ILE C 257 -26.33 5.58 20.56
N VAL C 258 -26.89 4.55 21.18
CA VAL C 258 -26.26 3.24 21.23
C VAL C 258 -26.10 2.67 19.82
N CYS C 259 -27.15 2.80 19.00
CA CYS C 259 -27.08 2.29 17.63
C CYS C 259 -26.01 3.04 16.82
N LEU C 260 -25.93 4.35 17.00
CA LEU C 260 -24.90 5.13 16.30
C LEU C 260 -23.51 4.71 16.72
N CYS C 261 -23.30 4.48 18.03
CA CYS C 261 -22.00 4.02 18.49
C CYS C 261 -21.66 2.65 17.91
N THR C 262 -22.65 1.76 17.84
CA THR C 262 -22.40 0.44 17.26
C THR C 262 -22.00 0.55 15.80
N GLY C 263 -22.69 1.39 15.03
CA GLY C 263 -22.32 1.59 13.64
C GLY C 263 -20.92 2.16 13.47
N VAL C 264 -20.57 3.15 14.31
CA VAL C 264 -19.25 3.76 14.23
C VAL C 264 -18.17 2.74 14.52
N MET C 265 -18.37 1.90 15.53
CA MET C 265 -17.38 0.86 15.84
C MET C 265 -17.28 -0.15 14.71
N GLY C 266 -18.42 -0.55 14.14
CA GLY C 266 -18.40 -1.56 13.09
C GLY C 266 -17.69 -1.09 11.84
N VAL C 267 -17.84 0.19 11.49
CA VAL C 267 -17.21 0.71 10.28
C VAL C 267 -15.70 0.51 10.32
N CYS C 268 -15.08 0.64 11.49
CA CYS C 268 -13.65 0.43 11.62
C CYS C 268 -13.28 -1.04 11.81
N CYS C 269 -14.07 -1.79 12.59
CA CYS C 269 -13.74 -3.19 12.84
C CYS C 269 -13.77 -4.00 11.55
N THR C 270 -14.77 -3.76 10.70
CA THR C 270 -14.85 -4.50 9.44
C THR C 270 -13.63 -4.23 8.56
N ALA C 271 -13.22 -2.96 8.47
CA ALA C 271 -12.05 -2.62 7.67
C ALA C 271 -10.79 -3.30 8.20
N LEU C 272 -10.61 -3.31 9.52
CA LEU C 272 -9.44 -3.97 10.09
C LEU C 272 -9.43 -5.46 9.77
N LEU C 273 -10.58 -6.13 9.95
CA LEU C 273 -10.65 -7.56 9.68
C LEU C 273 -10.38 -7.87 8.20
N VAL C 274 -10.95 -7.06 7.31
CA VAL C 274 -10.74 -7.26 5.87
C VAL C 274 -9.26 -7.08 5.53
N ALA C 275 -8.62 -6.06 6.11
CA ALA C 275 -7.21 -5.84 5.84
C ALA C 275 -6.37 -7.03 6.28
N VAL C 276 -6.65 -7.57 7.46
CA VAL C 276 -5.91 -8.74 7.95
C VAL C 276 -6.11 -9.93 7.01
N VAL C 277 -7.36 -10.19 6.62
CA VAL C 277 -7.64 -11.34 5.76
C VAL C 277 -6.94 -11.18 4.42
N ALA C 278 -6.96 -9.97 3.85
CA ALA C 278 -6.28 -9.74 2.58
C ALA C 278 -4.78 -9.93 2.72
N ARG C 279 -4.19 -9.45 3.82
CA ARG C 279 -2.75 -9.60 4.02
C ARG C 279 -2.35 -11.06 4.16
N LYS C 280 -3.23 -11.90 4.72
CA LYS C 280 -2.85 -13.28 5.02
C LYS C 280 -2.46 -14.05 3.77
N LEU C 281 -3.16 -13.86 2.65
CA LEU C 281 -3.06 -14.76 1.50
C LEU C 281 -1.85 -14.47 0.61
N GLU C 282 -1.07 -13.44 0.87
CA GLU C 282 0.02 -13.07 -0.03
C GLU C 282 1.17 -14.07 0.04
N PHE C 283 1.95 -14.10 -1.04
CA PHE C 283 3.16 -14.93 -1.09
C PHE C 283 4.23 -14.39 -0.16
N ASN C 284 5.20 -15.25 0.15
CA ASN C 284 6.39 -14.85 0.87
C ASN C 284 7.56 -14.74 -0.11
N LYS C 285 8.75 -14.49 0.42
CA LYS C 285 9.93 -14.28 -0.42
C LYS C 285 10.68 -15.56 -0.76
N ALA C 286 10.30 -16.69 -0.18
CA ALA C 286 10.99 -17.95 -0.40
C ALA C 286 10.31 -18.85 -1.43
N GLU C 287 9.20 -18.41 -2.01
CA GLU C 287 8.47 -19.19 -2.99
C GLU C 287 8.33 -18.51 -4.35
N LYS C 288 8.39 -17.19 -4.39
CA LYS C 288 8.32 -16.48 -5.66
C LYS C 288 9.48 -16.85 -6.57
N HIS C 289 10.68 -17.01 -5.99
CA HIS C 289 11.84 -17.39 -6.80
C HIS C 289 11.65 -18.78 -7.41
N VAL C 290 11.13 -19.72 -6.63
CA VAL C 290 10.89 -21.06 -7.16
C VAL C 290 9.84 -21.01 -8.27
N HIS C 291 8.79 -20.21 -8.07
CA HIS C 291 7.76 -20.07 -9.09
C HIS C 291 8.34 -19.52 -10.39
N ASN C 292 9.17 -18.48 -10.27
CA ASN C 292 9.78 -17.90 -11.47
C ASN C 292 10.70 -18.88 -12.18
N PHE C 293 11.52 -19.61 -11.41
CA PHE C 293 12.43 -20.57 -12.01
C PHE C 293 11.67 -21.65 -12.76
N MET C 294 10.62 -22.20 -12.14
CA MET C 294 9.87 -23.27 -12.77
C MET C 294 8.98 -22.79 -13.91
N MET C 295 8.64 -21.50 -13.94
CA MET C 295 7.95 -20.97 -15.12
C MET C 295 8.91 -20.76 -16.28
N ASP C 296 10.14 -20.31 -15.99
CA ASP C 296 11.14 -20.16 -17.03
C ASP C 296 11.48 -21.51 -17.66
N ILE C 297 11.60 -22.56 -16.83
CA ILE C 297 11.92 -23.88 -17.34
C ILE C 297 10.86 -24.36 -18.33
N GLN C 298 9.62 -23.89 -18.20
CA GLN C 298 8.55 -24.30 -19.09
C GLN C 298 8.43 -23.42 -20.33
N TYR C 299 8.68 -22.12 -20.19
CA TYR C 299 8.67 -21.25 -21.36
C TYR C 299 9.80 -21.61 -22.32
N THR C 300 10.97 -21.94 -21.78
CA THR C 300 12.09 -22.31 -22.65
C THR C 300 11.86 -23.62 -23.37
N LYS C 301 10.84 -24.40 -22.97
CA LYS C 301 10.44 -25.58 -23.72
C LYS C 301 9.33 -25.26 -24.71
N GLU C 302 8.42 -24.35 -24.35
CA GLU C 302 7.38 -23.94 -25.30
C GLU C 302 7.97 -23.32 -26.55
N MET C 303 9.00 -22.48 -26.38
CA MET C 303 9.63 -21.86 -27.55
C MET C 303 10.21 -22.93 -28.49
N LYS C 304 10.90 -23.91 -27.91
CA LYS C 304 11.47 -25.00 -28.70
C LYS C 304 10.38 -25.80 -29.40
N GLU C 305 9.25 -26.00 -28.72
CA GLU C 305 8.14 -26.72 -29.34
C GLU C 305 7.60 -25.97 -30.56
N SER C 306 7.48 -24.65 -30.46
CA SER C 306 6.88 -23.89 -31.55
C SER C 306 7.82 -23.71 -32.75
N ALA C 307 9.12 -23.55 -32.50
CA ALA C 307 10.05 -23.32 -33.61
C ALA C 307 10.07 -24.50 -34.57
N ALA C 308 10.04 -25.72 -34.05
CA ALA C 308 10.06 -26.90 -34.90
C ALA C 308 8.84 -26.96 -35.81
N ARG C 309 7.66 -26.64 -35.26
CA ARG C 309 6.47 -26.62 -36.09
C ARG C 309 6.57 -25.57 -37.18
N VAL C 310 7.10 -24.38 -36.85
CA VAL C 310 7.27 -23.35 -37.86
C VAL C 310 8.15 -23.88 -39.01
N LEU C 311 9.29 -24.47 -38.66
CA LEU C 311 10.22 -24.90 -39.70
C LEU C 311 9.64 -26.04 -40.53
N GLN C 312 8.98 -27.01 -39.90
CA GLN C 312 8.45 -28.13 -40.66
C GLN C 312 7.30 -27.70 -41.56
N GLU C 313 6.47 -26.74 -41.11
CA GLU C 313 5.43 -26.22 -41.98
C GLU C 313 6.03 -25.50 -43.18
N ALA C 314 7.10 -24.72 -42.95
CA ALA C 314 7.77 -24.07 -44.07
C ALA C 314 8.33 -25.10 -45.05
N TRP C 315 8.93 -26.17 -44.54
CA TRP C 315 9.47 -27.20 -45.42
C TRP C 315 8.37 -27.89 -46.23
N MET C 316 7.23 -28.17 -45.59
CA MET C 316 6.13 -28.79 -46.32
C MET C 316 5.60 -27.86 -47.41
N PHE C 317 5.50 -26.56 -47.11
CA PHE C 317 5.06 -25.61 -48.13
C PHE C 317 6.04 -25.56 -49.29
N TYR C 318 7.34 -25.56 -49.00
CA TYR C 318 8.33 -25.58 -50.08
C TYR C 318 8.30 -26.89 -50.87
N LYS C 319 7.92 -27.98 -50.22
CA LYS C 319 7.80 -29.25 -50.92
C LYS C 319 6.62 -29.21 -51.90
N HIS C 320 5.46 -28.77 -51.43
CA HIS C 320 4.27 -28.76 -52.29
C HIS C 320 4.16 -27.48 -53.10
N THR C 321 5.22 -27.15 -53.85
CA THR C 321 5.16 -26.08 -54.84
C THR C 321 5.75 -26.45 -56.19
N ARG C 322 6.62 -27.45 -56.26
CA ARG C 322 7.13 -27.96 -57.52
C ARG C 322 6.30 -29.10 -58.08
N ARG C 323 5.25 -29.51 -57.37
CA ARG C 323 4.35 -30.57 -57.81
C ARG C 323 3.08 -30.04 -58.45
N LYS C 324 3.03 -28.74 -58.73
CA LYS C 324 1.86 -28.10 -59.35
C LYS C 324 0.59 -28.27 -58.54
N GLU C 325 0.72 -28.25 -57.22
CA GLU C 325 -0.42 -28.31 -56.31
C GLU C 325 -0.78 -26.90 -55.85
N SER C 326 -2.06 -26.67 -55.64
CA SER C 326 -2.57 -25.35 -55.26
C SER C 326 -3.16 -25.32 -53.86
N HIS C 327 -4.15 -26.18 -53.59
CA HIS C 327 -4.82 -26.14 -52.29
C HIS C 327 -3.89 -26.57 -51.16
N ALA C 328 -3.02 -27.55 -51.42
CA ALA C 328 -2.03 -27.95 -50.43
C ALA C 328 -1.09 -26.78 -50.11
N ALA C 329 -0.64 -26.08 -51.15
CA ALA C 329 0.23 -24.93 -50.93
C ALA C 329 -0.47 -23.84 -50.13
N ARG C 330 -1.75 -23.59 -50.44
CA ARG C 330 -2.50 -22.57 -49.71
C ARG C 330 -2.65 -22.96 -48.24
N ARG C 331 -2.98 -24.22 -47.97
CA ARG C 331 -3.13 -24.67 -46.60
C ARG C 331 -1.81 -24.57 -45.84
N HIS C 332 -0.71 -24.96 -46.47
CA HIS C 332 0.59 -24.88 -45.81
C HIS C 332 0.97 -23.43 -45.56
N GLN C 333 0.66 -22.53 -46.49
CA GLN C 333 0.93 -21.11 -46.31
C GLN C 333 0.16 -20.56 -45.11
N ARG C 334 -1.13 -20.90 -45.02
CA ARG C 334 -1.94 -20.42 -43.90
C ARG C 334 -1.42 -20.97 -42.58
N LYS C 335 -1.05 -22.25 -42.55
CA LYS C 335 -0.52 -22.83 -41.32
C LYS C 335 0.81 -22.19 -40.94
N LEU C 336 1.65 -21.88 -41.93
CA LEU C 336 2.90 -21.18 -41.66
C LEU C 336 2.66 -19.83 -41.02
N LEU C 337 1.71 -19.07 -41.58
CA LEU C 337 1.40 -17.76 -41.01
C LEU C 337 0.86 -17.89 -39.58
N ALA C 338 0.00 -18.88 -39.34
CA ALA C 338 -0.54 -19.08 -38.00
C ALA C 338 0.56 -19.44 -37.01
N ALA C 339 1.49 -20.32 -37.41
CA ALA C 339 2.58 -20.69 -36.52
C ALA C 339 3.51 -19.51 -36.23
N ILE C 340 3.79 -18.70 -37.24
CA ILE C 340 4.61 -17.50 -37.04
C ILE C 340 3.92 -16.56 -36.07
N ASN C 341 2.60 -16.43 -36.18
CA ASN C 341 1.85 -15.60 -35.22
C ASN C 341 1.95 -16.17 -33.81
N ALA C 342 1.85 -17.49 -33.68
CA ALA C 342 1.85 -18.11 -32.36
C ALA C 342 3.22 -18.01 -31.68
N PHE C 343 4.30 -18.02 -32.47
CA PHE C 343 5.65 -17.97 -31.89
C PHE C 343 5.90 -16.67 -31.13
N ARG C 344 5.38 -15.56 -31.65
CA ARG C 344 5.71 -14.23 -31.13
C ARG C 344 5.23 -14.05 -29.70
N GLN C 345 4.02 -14.52 -29.38
CA GLN C 345 3.49 -14.34 -28.03
C GLN C 345 4.35 -15.05 -26.99
N VAL C 346 4.74 -16.30 -27.28
CA VAL C 346 5.59 -17.04 -26.36
C VAL C 346 6.94 -16.36 -26.22
N ARG C 347 7.51 -15.87 -27.32
CA ARG C 347 8.79 -15.19 -27.24
C ARG C 347 8.69 -13.94 -26.36
N LEU C 348 7.64 -13.15 -26.53
CA LEU C 348 7.48 -11.94 -25.73
C LEU C 348 7.28 -12.26 -24.25
N LYS C 349 6.47 -13.28 -23.96
CA LYS C 349 6.27 -13.67 -22.56
C LYS C 349 7.58 -14.12 -21.92
N HIS C 350 8.38 -14.89 -22.65
CA HIS C 350 9.67 -15.33 -22.13
C HIS C 350 10.59 -14.14 -21.87
N ARG C 351 10.61 -13.17 -22.80
CA ARG C 351 11.45 -12.00 -22.61
C ARG C 351 11.02 -11.20 -21.37
N LYS C 352 9.70 -11.02 -21.19
CA LYS C 352 9.22 -10.28 -20.03
C LYS C 352 9.57 -11.00 -18.74
N LEU C 353 9.41 -12.33 -18.70
CA LEU C 353 9.73 -13.07 -17.49
C LEU C 353 11.23 -13.03 -17.21
N ARG C 354 12.06 -13.05 -18.26
CA ARG C 354 13.50 -12.93 -18.06
C ARG C 354 13.85 -11.57 -17.47
N GLU C 355 13.22 -10.51 -17.95
CA GLU C 355 13.45 -9.19 -17.36
C GLU C 355 13.01 -9.17 -15.90
N GLN C 356 11.86 -9.76 -15.60
CA GLN C 356 11.36 -9.78 -14.23
C GLN C 356 12.29 -10.53 -13.30
N VAL C 357 12.83 -11.66 -13.74
CA VAL C 357 13.75 -12.43 -12.90
C VAL C 357 15.14 -11.77 -12.88
N ASN C 358 15.45 -10.91 -13.83
CA ASN C 358 16.67 -10.13 -13.77
C ASN C 358 16.51 -8.86 -12.95
N SER C 359 15.29 -8.51 -12.55
CA SER C 359 15.04 -7.33 -11.73
C SER C 359 14.60 -7.74 -10.32
N MET C 360 15.14 -7.02 -9.33
CA MET C 360 14.73 -7.08 -7.93
C MET C 360 15.16 -8.38 -7.23
N VAL C 361 15.60 -9.37 -8.00
CA VAL C 361 16.23 -10.57 -7.45
C VAL C 361 17.53 -10.78 -8.21
N ASP C 362 18.06 -9.69 -8.78
CA ASP C 362 19.13 -9.74 -9.77
C ASP C 362 20.35 -10.53 -9.33
N ILE C 363 20.60 -11.66 -10.00
CA ILE C 363 21.85 -12.38 -9.83
C ILE C 363 23.02 -11.49 -10.23
N SER C 364 22.80 -10.58 -11.18
CA SER C 364 23.82 -9.59 -11.52
C SER C 364 24.11 -8.68 -10.35
N LYS C 365 23.08 -8.25 -9.62
CA LYS C 365 23.30 -7.42 -8.44
C LYS C 365 24.04 -8.21 -7.35
N MET C 366 23.67 -9.47 -7.16
CA MET C 366 24.38 -10.30 -6.17
C MET C 366 25.85 -10.47 -6.56
N HIS C 367 26.12 -10.70 -7.84
CA HIS C 367 27.50 -10.83 -8.30
C HIS C 367 28.27 -9.53 -8.13
N MET C 368 27.60 -8.40 -8.38
CA MET C 368 28.25 -7.11 -8.19
C MET C 368 28.59 -6.87 -6.72
N ILE C 369 27.69 -7.25 -5.82
CA ILE C 369 27.97 -7.12 -4.39
C ILE C 369 29.14 -8.02 -3.99
N LEU C 370 29.15 -9.24 -4.50
CA LEU C 370 30.26 -10.16 -4.20
C LEU C 370 31.58 -9.63 -4.74
N TYR C 371 31.56 -9.06 -5.95
CA TYR C 371 32.78 -8.49 -6.53
C TYR C 371 33.26 -7.29 -5.74
N ASP C 372 32.34 -6.45 -5.26
CA ASP C 372 32.72 -5.32 -4.42
C ASP C 372 33.35 -5.80 -3.12
N LEU C 373 32.77 -6.83 -2.51
CA LEU C 373 33.35 -7.39 -1.29
C LEU C 373 34.73 -7.96 -1.55
N GLN C 374 34.90 -8.67 -2.67
CA GLN C 374 36.21 -9.23 -3.00
C GLN C 374 37.24 -8.14 -3.25
N GLN C 375 36.84 -7.07 -3.94
CA GLN C 375 37.75 -5.96 -4.18
C GLN C 375 38.14 -5.28 -2.88
N ASN C 376 37.18 -5.11 -1.97
CA ASN C 376 37.50 -4.53 -0.67
C ASN C 376 38.46 -5.42 0.11
N LEU C 377 38.26 -6.74 0.05
CA LEU C 377 39.15 -7.67 0.74
C LEU C 377 40.55 -7.62 0.14
N SER C 378 40.66 -7.54 -1.18
CA SER C 378 41.95 -7.49 -1.86
C SER C 378 42.15 -6.17 -2.58
N LEU D 1 17.11 -49.85 -4.04
CA LEU D 1 16.34 -48.62 -4.07
C LEU D 1 14.87 -48.89 -4.37
N GLY D 2 14.32 -49.91 -3.72
CA GLY D 2 12.91 -50.23 -3.89
C GLY D 2 11.98 -49.29 -3.15
N ALA D 3 12.52 -48.43 -2.28
CA ALA D 3 11.68 -47.48 -1.57
C ALA D 3 11.00 -46.51 -2.52
N LEU D 4 11.72 -46.04 -3.54
CA LEU D 4 11.14 -45.13 -4.51
C LEU D 4 10.01 -45.81 -5.28
N ARG D 5 10.21 -47.05 -5.72
CA ARG D 5 9.17 -47.77 -6.43
C ARG D 5 7.95 -48.00 -5.55
N ARG D 6 8.16 -48.37 -4.29
CA ARG D 6 7.05 -48.59 -3.38
C ARG D 6 6.27 -47.29 -3.14
N ARG D 7 7.00 -46.17 -2.97
CA ARG D 7 6.34 -44.89 -2.76
C ARG D 7 5.51 -44.50 -3.97
N LYS D 8 6.07 -44.68 -5.17
CA LYS D 8 5.32 -44.33 -6.37
C LYS D 8 4.07 -45.18 -6.51
N ARG D 9 4.18 -46.49 -6.26
CA ARG D 9 3.03 -47.37 -6.38
C ARG D 9 1.94 -46.99 -5.37
N LEU D 10 2.33 -46.75 -4.12
CA LEU D 10 1.34 -46.40 -3.10
C LEU D 10 0.69 -45.05 -3.40
N LEU D 11 1.48 -44.09 -3.87
CA LEU D 11 0.91 -42.79 -4.20
C LEU D 11 -0.07 -42.89 -5.36
N GLU D 12 0.25 -43.72 -6.37
CA GLU D 12 -0.69 -43.92 -7.47
C GLU D 12 -1.97 -44.59 -6.99
N GLN D 13 -1.85 -45.56 -6.07
CA GLN D 13 -3.04 -46.20 -5.54
C GLN D 13 -3.91 -45.20 -4.77
N GLU D 14 -3.29 -44.35 -3.96
CA GLU D 14 -4.05 -43.34 -3.22
C GLU D 14 -4.70 -42.35 -4.15
N LYS D 15 -4.04 -42.02 -5.28
CA LYS D 15 -4.60 -41.06 -6.22
C LYS D 15 -5.96 -41.50 -6.74
N SER D 16 -6.20 -42.81 -6.85
CA SER D 16 -7.48 -43.32 -7.29
C SER D 16 -8.43 -43.61 -6.13
N LEU D 17 -7.90 -44.10 -5.00
CA LEU D 17 -8.77 -44.36 -3.86
C LEU D 17 -9.31 -43.08 -3.23
N ALA D 18 -8.67 -41.94 -3.47
CA ALA D 18 -9.18 -40.66 -3.03
C ALA D 18 -9.92 -39.91 -4.14
N GLY D 19 -10.02 -40.49 -5.32
CA GLY D 19 -10.77 -39.89 -6.41
C GLY D 19 -12.10 -40.58 -6.62
N TRP D 20 -12.16 -41.85 -6.25
CA TRP D 20 -13.41 -42.60 -6.30
C TRP D 20 -14.25 -42.43 -5.04
N ALA D 21 -13.77 -41.70 -4.04
CA ALA D 21 -14.54 -41.38 -2.85
C ALA D 21 -15.23 -40.03 -2.96
N LEU D 22 -15.05 -39.32 -4.07
CA LEU D 22 -15.75 -38.07 -4.32
C LEU D 22 -17.00 -38.25 -5.16
N VAL D 23 -16.98 -39.20 -6.09
CA VAL D 23 -18.17 -39.48 -6.91
C VAL D 23 -19.31 -39.96 -6.04
N LEU D 24 -19.02 -40.86 -5.09
CA LEU D 24 -20.07 -41.36 -4.20
C LEU D 24 -20.63 -40.26 -3.31
N ALA D 25 -19.77 -39.38 -2.81
CA ALA D 25 -20.25 -38.26 -2.00
C ALA D 25 -21.12 -37.32 -2.83
N GLY D 26 -20.70 -37.03 -4.07
CA GLY D 26 -21.52 -36.20 -4.94
C GLY D 26 -22.88 -36.82 -5.22
N THR D 27 -22.91 -38.13 -5.49
CA THR D 27 -24.17 -38.81 -5.72
C THR D 27 -25.05 -38.79 -4.48
N GLY D 28 -24.46 -39.00 -3.31
CA GLY D 28 -25.24 -38.98 -2.07
C GLY D 28 -25.82 -37.61 -1.78
N ILE D 29 -25.07 -36.54 -2.11
CA ILE D 29 -25.61 -35.20 -1.95
C ILE D 29 -26.70 -34.93 -2.97
N GLY D 30 -26.49 -35.39 -4.21
CA GLY D 30 -27.48 -35.13 -5.26
C GLY D 30 -28.80 -35.83 -5.03
N LEU D 31 -28.76 -37.04 -4.48
CA LEU D 31 -29.97 -37.82 -4.26
C LEU D 31 -30.74 -37.40 -3.02
N MET D 32 -30.45 -36.23 -2.47
CA MET D 32 -31.19 -35.65 -1.36
C MET D 32 -32.03 -34.45 -1.77
N VAL D 33 -31.50 -33.59 -2.63
CA VAL D 33 -32.28 -32.48 -3.16
C VAL D 33 -33.49 -33.01 -3.93
N LEU D 34 -33.27 -34.05 -4.75
CA LEU D 34 -34.37 -34.66 -5.49
C LEU D 34 -35.43 -35.22 -4.54
N HIS D 35 -35.00 -35.91 -3.48
CA HIS D 35 -35.95 -36.46 -2.52
C HIS D 35 -36.75 -35.37 -1.83
N ALA D 36 -36.08 -34.30 -1.40
CA ALA D 36 -36.77 -33.21 -0.70
C ALA D 36 -37.78 -32.52 -1.61
N GLU D 37 -37.36 -32.21 -2.85
CA GLU D 37 -38.27 -31.52 -3.75
C GLU D 37 -39.43 -32.42 -4.19
N MET D 38 -39.18 -33.73 -4.33
CA MET D 38 -40.26 -34.65 -4.67
C MET D 38 -41.24 -34.78 -3.52
N LEU D 39 -40.75 -34.76 -2.27
CA LEU D 39 -41.65 -34.78 -1.12
C LEU D 39 -42.46 -33.49 -1.02
N TRP D 40 -41.86 -32.35 -1.37
CA TRP D 40 -42.59 -31.09 -1.32
C TRP D 40 -43.65 -31.02 -2.42
N PHE D 41 -43.23 -31.12 -3.68
CA PHE D 41 -44.17 -31.01 -4.79
C PHE D 41 -45.07 -32.23 -4.93
N GLY D 42 -44.79 -33.32 -4.22
CA GLY D 42 -45.59 -34.52 -4.32
C GLY D 42 -46.55 -34.69 -3.16
N GLY D 43 -46.36 -35.76 -2.39
CA GLY D 43 -47.23 -36.02 -1.26
C GLY D 43 -47.25 -37.47 -0.83
N CYS D 44 -48.46 -38.02 -0.67
CA CYS D 44 -48.63 -39.40 -0.25
C CYS D 44 -48.82 -40.36 -1.41
N SER D 45 -48.71 -39.89 -2.65
CA SER D 45 -48.86 -40.73 -3.82
C SER D 45 -47.52 -41.20 -4.39
N TRP D 46 -46.42 -40.89 -3.72
CA TRP D 46 -45.08 -41.29 -4.15
C TRP D 46 -44.37 -42.09 -3.07
N ALA D 47 -45.11 -42.95 -2.36
CA ALA D 47 -44.55 -43.63 -1.20
C ALA D 47 -43.38 -44.53 -1.58
N LEU D 48 -43.59 -45.42 -2.56
CA LEU D 48 -42.53 -46.35 -2.93
C LEU D 48 -41.37 -45.65 -3.61
N TYR D 49 -41.64 -44.58 -4.38
CA TYR D 49 -40.55 -43.83 -4.99
C TYR D 49 -39.70 -43.13 -3.92
N LEU D 50 -40.34 -42.54 -2.91
CA LEU D 50 -39.60 -41.93 -1.82
C LEU D 50 -38.80 -42.98 -1.06
N PHE D 51 -39.37 -44.17 -0.87
CA PHE D 51 -38.64 -45.24 -0.20
C PHE D 51 -37.42 -45.65 -1.01
N LEU D 52 -37.55 -45.75 -2.33
CA LEU D 52 -36.42 -46.12 -3.18
C LEU D 52 -35.32 -45.06 -3.12
N VAL D 53 -35.71 -43.78 -3.21
CA VAL D 53 -34.70 -42.72 -3.14
C VAL D 53 -34.04 -42.66 -1.77
N LYS D 54 -34.77 -42.92 -0.70
CA LYS D 54 -34.19 -42.90 0.64
C LYS D 54 -33.40 -44.16 0.96
N CYS D 55 -33.58 -45.23 0.19
CA CYS D 55 -32.72 -46.40 0.34
C CYS D 55 -31.47 -46.32 -0.52
N THR D 56 -31.53 -45.63 -1.65
CA THR D 56 -30.33 -45.47 -2.47
C THR D 56 -29.28 -44.63 -1.74
N ILE D 57 -29.71 -43.59 -1.01
CA ILE D 57 -28.77 -42.76 -0.27
C ILE D 57 -28.20 -43.47 0.95
N SER D 58 -28.75 -44.62 1.32
CA SER D 58 -28.15 -45.46 2.35
C SER D 58 -27.28 -46.56 1.76
N ILE D 59 -27.59 -47.01 0.54
CA ILE D 59 -26.71 -47.96 -0.14
C ILE D 59 -25.42 -47.27 -0.55
N SER D 60 -25.51 -46.04 -1.05
CA SER D 60 -24.34 -45.29 -1.51
C SER D 60 -23.55 -44.65 -0.36
N THR D 61 -23.80 -45.07 0.88
CA THR D 61 -23.03 -44.60 2.02
C THR D 61 -22.21 -45.73 2.65
N PHE D 62 -22.55 -46.99 2.39
CA PHE D 62 -21.77 -48.12 2.89
C PHE D 62 -20.49 -48.35 2.10
N LEU D 63 -20.29 -47.63 1.00
CA LEU D 63 -19.04 -47.70 0.25
C LEU D 63 -18.09 -46.56 0.56
N LEU D 64 -18.62 -45.39 0.92
CA LEU D 64 -17.77 -44.26 1.27
C LEU D 64 -16.94 -44.56 2.50
N LEU D 65 -17.53 -45.21 3.50
CA LEU D 65 -16.78 -45.56 4.71
C LEU D 65 -15.65 -46.53 4.38
N CYS D 66 -15.93 -47.53 3.54
CA CYS D 66 -14.89 -48.47 3.15
C CYS D 66 -13.77 -47.79 2.39
N LEU D 67 -14.12 -46.86 1.50
CA LEU D 67 -13.08 -46.12 0.77
C LEU D 67 -12.23 -45.29 1.71
N ILE D 68 -12.85 -44.65 2.70
CA ILE D 68 -12.10 -43.85 3.67
C ILE D 68 -11.14 -44.73 4.46
N VAL D 69 -11.62 -45.88 4.92
CA VAL D 69 -10.78 -46.79 5.70
C VAL D 69 -9.61 -47.29 4.85
N ALA D 70 -9.88 -47.63 3.59
CA ALA D 70 -8.81 -48.08 2.70
C ALA D 70 -7.77 -47.00 2.48
N PHE D 71 -8.22 -45.75 2.29
CA PHE D 71 -7.28 -44.65 2.10
C PHE D 71 -6.40 -44.46 3.33
N HIS D 72 -6.99 -44.53 4.52
CA HIS D 72 -6.18 -44.36 5.72
C HIS D 72 -5.22 -45.52 5.94
N ALA D 73 -5.64 -46.74 5.58
CA ALA D 73 -4.72 -47.87 5.64
C ALA D 73 -3.54 -47.67 4.70
N LYS D 74 -3.80 -47.17 3.49
CA LYS D 74 -2.72 -46.91 2.55
C LYS D 74 -1.79 -45.83 3.07
N GLU D 75 -2.33 -44.79 3.71
CA GLU D 75 -1.48 -43.76 4.29
C GLU D 75 -0.58 -44.32 5.38
N VAL D 76 -1.14 -45.18 6.25
CA VAL D 76 -0.32 -45.79 7.31
C VAL D 76 0.77 -46.67 6.70
N GLN D 77 0.44 -47.43 5.65
CA GLN D 77 1.44 -48.26 5.00
C GLN D 77 2.53 -47.41 4.37
N LEU D 78 2.16 -46.27 3.79
CA LEU D 78 3.16 -45.36 3.22
C LEU D 78 4.08 -44.82 4.29
N PHE D 79 3.53 -44.46 5.46
CA PHE D 79 4.38 -44.00 6.56
C PHE D 79 5.34 -45.09 7.00
N MET D 80 4.84 -46.33 7.11
CA MET D 80 5.72 -47.44 7.48
C MET D 80 6.85 -47.63 6.48
N THR D 81 6.53 -47.53 5.18
CA THR D 81 7.56 -47.66 4.17
C THR D 81 8.57 -46.52 4.27
N ASP D 82 8.10 -45.30 4.54
CA ASP D 82 9.00 -44.16 4.66
C ASP D 82 9.98 -44.33 5.81
N ASN D 83 9.49 -44.75 6.98
CA ASN D 83 10.35 -44.83 8.14
C ASN D 83 11.08 -46.16 8.29
N GLY D 84 10.76 -47.15 7.45
CA GLY D 84 11.46 -48.41 7.50
C GLY D 84 11.12 -49.30 8.67
N LEU D 85 9.94 -49.13 9.27
CA LEU D 85 9.54 -49.96 10.40
C LEU D 85 9.08 -51.33 9.91
N ARG D 86 8.67 -52.18 10.86
CA ARG D 86 8.18 -53.51 10.55
C ARG D 86 6.88 -53.88 11.23
N ASP D 87 6.51 -53.25 12.34
CA ASP D 87 5.28 -53.55 13.06
C ASP D 87 4.35 -52.36 13.01
N TRP D 88 3.11 -52.59 12.59
CA TRP D 88 2.16 -51.50 12.41
C TRP D 88 1.69 -50.90 13.72
N ARG D 89 1.94 -51.57 14.86
CA ARG D 89 1.49 -51.03 16.14
C ARG D 89 2.27 -49.80 16.57
N VAL D 90 3.36 -49.47 15.88
CA VAL D 90 4.16 -48.31 16.24
C VAL D 90 3.84 -47.09 15.37
N ALA D 91 3.45 -47.29 14.11
CA ALA D 91 3.24 -46.18 13.20
C ALA D 91 2.08 -45.30 13.63
N LEU D 92 1.00 -45.91 14.12
CA LEU D 92 -0.18 -45.13 14.50
C LEU D 92 0.11 -44.27 15.73
N THR D 93 -0.22 -42.99 15.63
CA THR D 93 -0.01 -42.04 16.72
C THR D 93 -1.26 -41.97 17.59
N GLY D 94 -1.31 -40.99 18.48
CA GLY D 94 -2.45 -40.79 19.35
C GLY D 94 -3.56 -39.93 18.77
N ARG D 95 -3.38 -39.39 17.57
CA ARG D 95 -4.39 -38.54 16.95
C ARG D 95 -4.98 -39.10 15.67
N GLN D 96 -4.31 -40.07 15.03
CA GLN D 96 -4.86 -40.66 13.82
C GLN D 96 -6.15 -41.42 14.11
N ALA D 97 -6.23 -42.07 15.27
CA ALA D 97 -7.47 -42.74 15.64
C ALA D 97 -8.62 -41.75 15.78
N ALA D 98 -8.37 -40.60 16.42
CA ALA D 98 -9.40 -39.58 16.54
C ALA D 98 -9.80 -39.04 15.17
N GLN D 99 -8.82 -38.81 14.30
CA GLN D 99 -9.13 -38.33 12.95
C GLN D 99 -10.00 -39.32 12.20
N ILE D 100 -9.65 -40.61 12.28
CA ILE D 100 -10.42 -41.63 11.56
C ILE D 100 -11.84 -41.72 12.10
N VAL D 101 -11.98 -41.70 13.43
CA VAL D 101 -13.32 -41.78 14.02
C VAL D 101 -14.15 -40.56 13.63
N LEU D 102 -13.55 -39.37 13.68
CA LEU D 102 -14.29 -38.17 13.31
C LEU D 102 -14.71 -38.20 11.85
N GLU D 103 -13.83 -38.65 10.96
CA GLU D 103 -14.20 -38.72 9.55
C GLU D 103 -15.29 -39.76 9.31
N LEU D 104 -15.22 -40.89 10.00
CA LEU D 104 -16.26 -41.91 9.85
C LEU D 104 -17.60 -41.40 10.33
N VAL D 105 -17.61 -40.63 11.43
CA VAL D 105 -18.87 -40.11 11.95
C VAL D 105 -19.42 -39.03 11.02
N VAL D 106 -18.56 -38.10 10.57
CA VAL D 106 -19.03 -37.00 9.73
C VAL D 106 -19.54 -37.51 8.40
N CYS D 107 -18.86 -38.48 7.80
CA CYS D 107 -19.27 -39.05 6.52
C CYS D 107 -20.26 -40.19 6.68
N GLY D 108 -20.99 -40.24 7.79
CA GLY D 108 -21.94 -41.32 8.02
C GLY D 108 -23.29 -40.85 8.52
N LEU D 109 -23.63 -39.59 8.28
CA LEU D 109 -24.92 -39.02 8.64
C LEU D 109 -25.78 -38.87 7.40
N HIS D 110 -26.97 -39.46 7.41
CA HIS D 110 -27.87 -39.42 6.28
C HIS D 110 -29.27 -39.76 6.77
N PRO D 111 -30.31 -39.40 6.00
CA PRO D 111 -31.66 -39.82 6.37
C PRO D 111 -31.81 -41.33 6.35
N ALA D 112 -32.00 -41.94 7.51
CA ALA D 112 -32.06 -43.39 7.61
C ALA D 112 -33.42 -43.88 7.13
N PRO D 113 -33.46 -44.80 6.17
CA PRO D 113 -34.77 -45.32 5.71
C PRO D 113 -35.40 -46.25 6.75
N VAL D 114 -35.79 -45.70 7.89
CA VAL D 114 -36.42 -46.48 8.95
C VAL D 114 -37.84 -46.00 9.16
N ARG D 115 -38.46 -45.50 8.10
CA ARG D 115 -39.83 -45.00 8.16
C ARG D 115 -40.83 -46.16 8.23
N PRO D 134 -49.49 -32.67 4.39
CA PRO D 134 -48.73 -33.78 4.99
C PRO D 134 -47.28 -33.83 4.49
N GLY D 135 -46.93 -32.94 3.57
CA GLY D 135 -45.58 -32.90 3.05
C GLY D 135 -44.68 -31.93 3.78
N PHE D 136 -43.90 -32.46 4.72
CA PHE D 136 -42.97 -31.65 5.50
C PHE D 136 -41.86 -32.55 6.01
N LEU D 137 -40.74 -31.93 6.38
CA LEU D 137 -39.62 -32.65 6.96
C LEU D 137 -39.59 -32.42 8.46
N GLY D 138 -39.45 -33.50 9.23
CA GLY D 138 -39.31 -33.37 10.66
C GLY D 138 -37.98 -32.76 11.04
N GLN D 139 -37.86 -32.39 12.32
CA GLN D 139 -36.65 -31.74 12.80
C GLN D 139 -35.43 -32.63 12.59
N GLY D 140 -35.52 -33.89 13.00
CA GLY D 140 -34.39 -34.80 12.86
C GLY D 140 -34.00 -35.03 11.42
N GLU D 141 -34.99 -35.31 10.57
CA GLU D 141 -34.69 -35.55 9.16
C GLU D 141 -34.15 -34.30 8.48
N ALA D 142 -34.69 -33.13 8.81
CA ALA D 142 -34.18 -31.90 8.21
C ALA D 142 -32.75 -31.64 8.62
N LEU D 143 -32.43 -31.84 9.91
CA LEU D 143 -31.06 -31.65 10.37
C LEU D 143 -30.12 -32.64 9.72
N LEU D 144 -30.53 -33.91 9.62
CA LEU D 144 -29.66 -34.90 8.98
C LEU D 144 -29.43 -34.57 7.51
N SER D 145 -30.48 -34.15 6.80
CA SER D 145 -30.32 -33.81 5.39
C SER D 145 -29.42 -32.59 5.21
N LEU D 146 -29.60 -31.56 6.03
CA LEU D 146 -28.73 -30.40 5.93
C LEU D 146 -27.33 -30.66 6.49
N ALA D 147 -27.12 -31.78 7.16
CA ALA D 147 -25.81 -32.16 7.66
C ALA D 147 -24.99 -32.97 6.66
N MET D 148 -25.53 -33.19 5.46
CA MET D 148 -24.80 -33.88 4.40
C MET D 148 -24.01 -32.93 3.52
N LEU D 149 -24.03 -31.63 3.81
CA LEU D 149 -23.22 -30.65 3.11
C LEU D 149 -21.84 -30.50 3.71
N LEU D 150 -21.51 -31.27 4.74
CA LEU D 150 -20.18 -31.25 5.34
C LEU D 150 -19.20 -32.20 4.64
N ARG D 151 -19.65 -32.93 3.63
CA ARG D 151 -18.77 -33.80 2.87
C ARG D 151 -17.96 -33.06 1.82
N LEU D 152 -17.89 -31.73 1.91
CA LEU D 152 -17.09 -30.93 0.99
C LEU D 152 -15.65 -30.76 1.44
N TYR D 153 -15.26 -31.37 2.56
CA TYR D 153 -13.86 -31.35 2.97
C TYR D 153 -13.01 -32.34 2.21
N LEU D 154 -13.61 -33.17 1.36
CA LEU D 154 -12.88 -34.12 0.54
C LEU D 154 -12.28 -33.49 -0.72
N VAL D 155 -12.73 -32.29 -1.10
CA VAL D 155 -12.24 -31.68 -2.34
C VAL D 155 -10.75 -31.39 -2.29
N PRO D 156 -10.20 -30.72 -1.27
CA PRO D 156 -8.74 -30.50 -1.28
C PRO D 156 -7.93 -31.78 -1.28
N ARG D 157 -8.39 -32.82 -0.59
CA ARG D 157 -7.65 -34.07 -0.54
C ARG D 157 -7.62 -34.76 -1.90
N ALA D 158 -8.72 -34.66 -2.66
CA ALA D 158 -8.77 -35.26 -3.99
C ALA D 158 -8.19 -34.35 -5.07
N VAL D 159 -7.91 -33.08 -4.75
CA VAL D 159 -7.30 -32.18 -5.71
C VAL D 159 -5.78 -32.16 -5.58
N LEU D 160 -5.26 -32.18 -4.35
CA LEU D 160 -3.81 -32.13 -4.16
C LEU D 160 -3.13 -33.35 -4.77
N LEU D 161 -3.70 -34.54 -4.57
CA LEU D 161 -3.06 -35.76 -5.08
C LEU D 161 -3.11 -35.83 -6.60
N ARG D 162 -4.16 -35.31 -7.22
CA ARG D 162 -4.31 -35.41 -8.67
C ARG D 162 -3.33 -34.50 -9.40
N SER D 163 -3.08 -33.31 -8.87
CA SER D 163 -2.15 -32.38 -9.51
C SER D 163 -0.73 -32.92 -9.42
N GLY D 164 -0.04 -32.97 -10.55
CA GLY D 164 1.30 -33.53 -10.60
C GLY D 164 2.39 -32.58 -10.15
N VAL D 165 2.45 -32.32 -8.85
CA VAL D 165 3.48 -31.46 -8.27
C VAL D 165 4.24 -32.26 -7.22
N LEU D 166 3.58 -33.26 -6.63
CA LEU D 166 4.24 -34.13 -5.66
C LEU D 166 5.14 -35.17 -6.34
N LEU D 167 4.75 -35.65 -7.52
CA LEU D 167 5.48 -36.71 -8.20
C LEU D 167 6.57 -36.20 -9.14
N ASN D 168 6.65 -34.89 -9.36
CA ASN D 168 7.67 -34.35 -10.25
C ASN D 168 9.05 -34.50 -9.64
N ALA D 169 10.03 -34.80 -10.50
CA ALA D 169 11.40 -35.02 -10.06
C ALA D 169 12.23 -33.75 -10.00
N SER D 170 11.70 -32.63 -10.46
CA SER D 170 12.42 -31.35 -10.43
C SER D 170 11.88 -30.39 -9.39
N TYR D 171 10.56 -30.40 -9.14
CA TYR D 171 9.99 -29.55 -8.10
C TYR D 171 10.60 -29.89 -6.74
N ARG D 172 10.68 -31.18 -6.42
CA ARG D 172 11.24 -31.58 -5.12
C ARG D 172 12.73 -31.34 -5.02
N SER D 173 13.45 -31.35 -6.15
CA SER D 173 14.87 -31.04 -6.13
C SER D 173 15.12 -29.55 -5.93
N ILE D 174 14.33 -28.70 -6.59
CA ILE D 174 14.50 -27.26 -6.42
C ILE D 174 14.02 -26.82 -5.03
N GLY D 175 12.93 -27.40 -4.54
CA GLY D 175 12.40 -26.99 -3.26
C GLY D 175 13.24 -27.41 -2.07
N ALA D 176 14.07 -28.45 -2.23
CA ALA D 176 14.94 -28.86 -1.14
C ALA D 176 15.96 -27.77 -0.81
N LEU D 177 16.46 -27.07 -1.83
CA LEU D 177 17.41 -25.98 -1.60
C LEU D 177 16.76 -24.75 -0.97
N ASN D 178 15.43 -24.71 -0.89
CA ASN D 178 14.72 -23.57 -0.32
C ASN D 178 13.72 -23.94 0.76
N GLN D 179 13.44 -25.23 0.98
CA GLN D 179 12.57 -25.71 2.05
C GLN D 179 11.16 -25.11 1.94
N VAL D 180 10.49 -25.47 0.86
CA VAL D 180 9.13 -24.99 0.63
C VAL D 180 8.09 -25.93 1.23
N ARG D 181 8.31 -27.25 1.14
CA ARG D 181 7.42 -28.25 1.74
C ARG D 181 6.00 -28.13 1.20
N PHE D 182 5.87 -28.45 -0.09
CA PHE D 182 4.59 -28.40 -0.79
C PHE D 182 3.46 -29.01 0.04
N ARG D 183 2.40 -28.24 0.23
CA ARG D 183 1.23 -28.67 0.99
C ARG D 183 -0.01 -28.13 0.29
N HIS D 184 -1.14 -28.15 0.99
CA HIS D 184 -2.38 -27.61 0.43
C HIS D 184 -2.25 -26.12 0.12
N TRP D 185 -1.61 -25.37 1.02
CA TRP D 185 -1.58 -23.91 0.88
C TRP D 185 -0.79 -23.49 -0.34
N PHE D 186 0.32 -24.16 -0.64
CA PHE D 186 1.10 -23.79 -1.83
C PHE D 186 0.30 -23.99 -3.11
N VAL D 187 -0.39 -25.13 -3.22
CA VAL D 187 -1.19 -25.40 -4.40
C VAL D 187 -2.34 -24.40 -4.51
N ALA D 188 -2.97 -24.07 -3.38
CA ALA D 188 -4.03 -23.07 -3.40
C ALA D 188 -3.49 -21.71 -3.84
N LYS D 189 -2.30 -21.34 -3.38
CA LYS D 189 -1.71 -20.07 -3.77
C LYS D 189 -1.42 -20.03 -5.27
N LEU D 190 -0.88 -21.13 -5.82
CA LEU D 190 -0.64 -21.18 -7.26
C LEU D 190 -1.93 -21.09 -8.04
N TYR D 191 -2.97 -21.82 -7.62
CA TYR D 191 -4.24 -21.78 -8.35
C TYR D 191 -4.91 -20.42 -8.25
N MET D 192 -4.68 -19.69 -7.15
CA MET D 192 -5.22 -18.34 -7.05
C MET D 192 -4.44 -17.36 -7.92
N ASN D 193 -3.11 -17.48 -7.94
CA ASN D 193 -2.29 -16.53 -8.67
C ASN D 193 -2.29 -16.77 -10.18
N THR D 194 -2.66 -17.97 -10.63
CA THR D 194 -2.71 -18.21 -12.07
C THR D 194 -3.81 -17.38 -12.72
N HIS D 195 -4.98 -17.29 -12.08
CA HIS D 195 -6.09 -16.47 -12.58
C HIS D 195 -7.03 -16.11 -11.45
N PRO D 196 -6.77 -15.00 -10.74
CA PRO D 196 -7.60 -14.66 -9.57
C PRO D 196 -9.07 -14.42 -9.91
N GLY D 197 -9.38 -13.85 -11.07
CA GLY D 197 -10.74 -13.45 -11.36
C GLY D 197 -11.70 -14.62 -11.47
N ARG D 198 -11.29 -15.67 -12.19
CA ARG D 198 -12.19 -16.80 -12.43
C ARG D 198 -12.61 -17.45 -11.13
N LEU D 199 -11.67 -17.64 -10.21
CA LEU D 199 -11.99 -18.24 -8.92
C LEU D 199 -13.01 -17.40 -8.16
N LEU D 200 -12.81 -16.07 -8.17
CA LEU D 200 -13.74 -15.20 -7.44
C LEU D 200 -15.14 -15.26 -8.03
N LEU D 201 -15.26 -15.16 -9.36
CA LEU D 201 -16.58 -15.23 -9.97
C LEU D 201 -17.23 -16.58 -9.73
N GLY D 202 -16.48 -17.67 -9.86
CA GLY D 202 -17.06 -18.98 -9.60
C GLY D 202 -17.53 -19.15 -8.17
N LEU D 203 -16.72 -18.69 -7.20
CA LEU D 203 -17.09 -18.79 -5.80
C LEU D 203 -18.33 -17.97 -5.50
N THR D 204 -18.40 -16.75 -6.03
CA THR D 204 -19.57 -15.91 -5.79
C THR D 204 -20.82 -16.52 -6.40
N LEU D 205 -20.72 -17.04 -7.62
CA LEU D 205 -21.90 -17.63 -8.27
C LEU D 205 -22.28 -18.96 -7.65
N GLY D 206 -21.37 -19.65 -6.98
CA GLY D 206 -21.72 -20.86 -6.26
C GLY D 206 -22.35 -20.57 -4.92
N LEU D 207 -21.87 -19.53 -4.25
CA LEU D 207 -22.42 -19.16 -2.95
C LEU D 207 -23.76 -18.46 -3.06
N TRP D 208 -24.01 -17.76 -4.16
CA TRP D 208 -25.32 -17.14 -4.37
C TRP D 208 -26.40 -18.17 -4.66
N LEU D 209 -26.03 -19.43 -4.90
CA LEU D 209 -27.00 -20.46 -5.25
C LEU D 209 -27.07 -21.61 -4.26
N THR D 210 -25.96 -22.01 -3.64
CA THR D 210 -26.02 -23.07 -2.65
C THR D 210 -26.58 -22.60 -1.31
N THR D 211 -26.70 -21.30 -1.10
CA THR D 211 -27.33 -20.76 0.10
C THR D 211 -28.80 -20.44 -0.13
N ALA D 212 -29.17 -20.12 -1.36
CA ALA D 212 -30.56 -19.83 -1.70
C ALA D 212 -31.46 -21.05 -1.58
N TRP D 213 -30.89 -22.25 -1.49
CA TRP D 213 -31.67 -23.46 -1.24
C TRP D 213 -31.75 -23.81 0.24
N VAL D 214 -30.67 -23.59 0.99
CA VAL D 214 -30.72 -23.81 2.43
C VAL D 214 -31.70 -22.82 3.07
N LEU D 215 -31.63 -21.55 2.66
CA LEU D 215 -32.58 -20.57 3.18
C LEU D 215 -34.01 -20.88 2.73
N SER D 216 -34.17 -21.54 1.58
CA SER D 216 -35.49 -21.95 1.14
C SER D 216 -36.04 -23.06 2.03
N VAL D 217 -35.23 -24.10 2.26
CA VAL D 217 -35.69 -25.23 3.07
C VAL D 217 -35.87 -24.84 4.54
N ALA D 218 -35.19 -23.78 4.99
CA ALA D 218 -35.34 -23.36 6.38
C ALA D 218 -36.74 -22.83 6.68
N GLU D 219 -37.34 -22.10 5.75
CA GLU D 219 -38.60 -21.40 6.02
C GLU D 219 -39.59 -21.59 4.87
N ARG D 220 -39.77 -22.83 4.42
CA ARG D 220 -40.85 -23.11 3.49
C ARG D 220 -42.21 -22.89 4.17
N GLN D 221 -43.15 -22.34 3.41
CA GLN D 221 -44.49 -22.06 3.93
C GLN D 221 -45.52 -22.84 3.10
N ALA D 222 -46.50 -23.42 3.79
CA ALA D 222 -47.45 -24.31 3.13
C ALA D 222 -48.44 -23.53 2.27
N VAL D 223 -49.23 -22.65 2.88
CA VAL D 223 -50.28 -21.91 2.20
C VAL D 223 -49.83 -20.45 2.10
N ASN D 224 -49.91 -19.90 0.89
CA ASN D 224 -49.47 -18.53 0.61
C ASN D 224 -48.00 -18.35 1.00
N ALA D 225 -47.16 -19.09 0.30
CA ALA D 225 -45.74 -19.22 0.63
C ALA D 225 -45.05 -17.87 0.76
N THR D 226 -44.61 -17.54 1.97
CA THR D 226 -43.86 -16.32 2.24
C THR D 226 -42.37 -16.48 1.99
N GLY D 227 -41.90 -17.71 1.75
CA GLY D 227 -40.51 -17.94 1.43
C GLY D 227 -40.32 -19.17 0.58
N HIS D 228 -39.64 -19.01 -0.56
CA HIS D 228 -39.39 -20.13 -1.47
C HIS D 228 -38.20 -19.75 -2.35
N LEU D 229 -37.96 -20.55 -3.39
CA LEU D 229 -36.84 -20.27 -4.29
C LEU D 229 -37.08 -19.05 -5.17
N SER D 230 -38.32 -18.54 -5.23
CA SER D 230 -38.60 -17.34 -6.01
C SER D 230 -38.25 -16.06 -5.27
N ASP D 231 -38.20 -16.08 -3.94
CA ASP D 231 -37.87 -14.91 -3.14
C ASP D 231 -36.48 -14.94 -2.54
N THR D 232 -35.94 -16.13 -2.23
CA THR D 232 -34.60 -16.20 -1.69
C THR D 232 -33.55 -15.79 -2.73
N LEU D 233 -33.79 -16.07 -4.00
CA LEU D 233 -32.86 -15.67 -5.04
C LEU D 233 -32.77 -14.15 -5.17
N TRP D 234 -33.78 -13.43 -4.68
CA TRP D 234 -33.73 -11.98 -4.63
C TRP D 234 -33.22 -11.47 -3.28
N LEU D 235 -33.49 -12.22 -2.21
CA LEU D 235 -33.08 -11.78 -0.87
C LEU D 235 -31.59 -11.94 -0.66
N ILE D 236 -31.01 -13.06 -1.12
CA ILE D 236 -29.61 -13.39 -0.83
C ILE D 236 -28.63 -12.39 -1.44
N PRO D 237 -28.71 -12.03 -2.73
CA PRO D 237 -27.77 -11.04 -3.26
C PRO D 237 -27.89 -9.68 -2.60
N ILE D 238 -29.10 -9.27 -2.21
CA ILE D 238 -29.29 -7.97 -1.57
C ILE D 238 -28.56 -7.94 -0.22
N THR D 239 -28.70 -8.99 0.57
CA THR D 239 -27.97 -9.08 1.83
C THR D 239 -26.48 -9.20 1.58
N PHE D 240 -26.08 -9.91 0.52
CA PHE D 240 -24.66 -10.08 0.21
C PHE D 240 -23.99 -8.75 -0.10
N LEU D 241 -24.69 -7.88 -0.84
CA LEU D 241 -24.14 -6.59 -1.24
C LEU D 241 -24.39 -5.50 -0.19
N THR D 242 -25.01 -5.83 0.93
CA THR D 242 -25.31 -4.86 2.00
C THR D 242 -26.18 -3.71 1.49
N ILE D 243 -27.17 -4.04 0.66
CA ILE D 243 -28.13 -3.05 0.16
C ILE D 243 -29.52 -3.42 0.67
N GLY D 244 -29.58 -3.96 1.89
CA GLY D 244 -30.83 -4.47 2.44
C GLY D 244 -32.00 -3.52 2.32
N TYR D 245 -32.98 -3.89 1.49
CA TYR D 245 -34.14 -3.04 1.25
C TYR D 245 -35.13 -3.13 2.39
N GLY D 246 -35.70 -4.31 2.60
CA GLY D 246 -36.68 -4.51 3.64
C GLY D 246 -38.01 -5.04 3.12
N ASP D 247 -38.07 -5.37 1.83
CA ASP D 247 -39.31 -5.90 1.26
C ASP D 247 -39.59 -7.30 1.77
N VAL D 248 -38.55 -8.14 1.90
CA VAL D 248 -38.69 -9.48 2.43
C VAL D 248 -37.66 -9.68 3.54
N VAL D 249 -38.09 -10.28 4.65
CA VAL D 249 -37.20 -10.52 5.79
C VAL D 249 -37.44 -11.91 6.32
N PRO D 250 -36.41 -12.52 6.89
CA PRO D 250 -36.55 -13.87 7.45
C PRO D 250 -37.56 -13.91 8.59
N GLY D 251 -38.26 -15.03 8.69
CA GLY D 251 -39.33 -15.15 9.67
C GLY D 251 -39.11 -16.19 10.77
N THR D 252 -38.01 -16.93 10.69
CA THR D 252 -37.72 -17.97 11.67
C THR D 252 -36.33 -17.75 12.26
N MET D 253 -36.00 -18.57 13.25
CA MET D 253 -34.71 -18.46 13.92
C MET D 253 -33.57 -19.13 13.15
N TRP D 254 -33.89 -19.97 12.17
CA TRP D 254 -32.88 -20.67 11.39
C TRP D 254 -32.54 -19.96 10.08
N GLY D 255 -33.17 -18.83 9.80
CA GLY D 255 -32.84 -18.06 8.61
C GLY D 255 -31.98 -16.87 8.92
N LYS D 256 -32.11 -16.35 10.15
CA LYS D 256 -31.33 -15.19 10.56
C LYS D 256 -29.84 -15.53 10.62
N ILE D 257 -29.51 -16.73 11.11
CA ILE D 257 -28.10 -17.15 11.16
C ILE D 257 -27.53 -17.25 9.75
N VAL D 258 -28.31 -17.82 8.82
CA VAL D 258 -27.86 -17.94 7.44
C VAL D 258 -27.63 -16.56 6.82
N CYS D 259 -28.55 -15.63 7.08
CA CYS D 259 -28.41 -14.28 6.54
C CYS D 259 -27.18 -13.58 7.11
N LEU D 260 -26.91 -13.76 8.41
CA LEU D 260 -25.72 -13.17 9.01
C LEU D 260 -24.45 -13.76 8.40
N CYS D 261 -24.43 -15.08 8.20
CA CYS D 261 -23.27 -15.70 7.56
C CYS D 261 -23.06 -15.16 6.15
N THR D 262 -24.15 -14.99 5.39
CA THR D 262 -24.04 -14.46 4.04
C THR D 262 -23.50 -13.03 4.06
N GLY D 263 -23.99 -12.21 4.99
CA GLY D 263 -23.49 -10.84 5.09
C GLY D 263 -22.01 -10.79 5.42
N VAL D 264 -21.57 -11.63 6.37
CA VAL D 264 -20.15 -11.66 6.72
C VAL D 264 -19.31 -12.08 5.53
N MET D 265 -19.75 -13.12 4.82
CA MET D 265 -19.01 -13.59 3.65
C MET D 265 -18.92 -12.51 2.59
N GLY D 266 -20.01 -11.79 2.34
CA GLY D 266 -19.99 -10.73 1.34
C GLY D 266 -19.06 -9.59 1.74
N VAL D 267 -19.10 -9.18 3.01
CA VAL D 267 -18.22 -8.12 3.48
C VAL D 267 -16.76 -8.53 3.33
N CYS D 268 -16.46 -9.80 3.58
CA CYS D 268 -15.09 -10.28 3.43
C CYS D 268 -14.68 -10.44 1.97
N CYS D 269 -15.64 -10.70 1.07
CA CYS D 269 -15.31 -11.06 -0.30
C CYS D 269 -15.29 -9.87 -1.26
N THR D 270 -16.01 -8.79 -0.98
CA THR D 270 -16.06 -7.68 -1.94
C THR D 270 -14.68 -7.04 -2.14
N ALA D 271 -13.91 -6.90 -1.06
CA ALA D 271 -12.66 -6.15 -1.14
C ALA D 271 -11.62 -6.86 -1.99
N LEU D 272 -11.67 -8.19 -2.09
CA LEU D 272 -10.73 -8.90 -2.94
C LEU D 272 -10.92 -8.50 -4.40
N LEU D 273 -12.17 -8.51 -4.88
CA LEU D 273 -12.45 -8.08 -6.24
C LEU D 273 -12.12 -6.61 -6.43
N VAL D 274 -12.41 -5.79 -5.41
CA VAL D 274 -12.07 -4.36 -5.49
C VAL D 274 -10.57 -4.20 -5.72
N ALA D 275 -9.76 -4.90 -4.93
CA ALA D 275 -8.30 -4.78 -5.04
C ALA D 275 -7.80 -5.29 -6.38
N VAL D 276 -8.37 -6.40 -6.86
CA VAL D 276 -7.93 -6.95 -8.15
C VAL D 276 -8.22 -5.96 -9.27
N VAL D 277 -9.43 -5.39 -9.29
CA VAL D 277 -9.78 -4.44 -10.33
C VAL D 277 -8.91 -3.20 -10.24
N ALA D 278 -8.62 -2.73 -9.03
CA ALA D 278 -7.76 -1.57 -8.87
C ALA D 278 -6.35 -1.87 -9.37
N ARG D 279 -5.83 -3.06 -9.09
CA ARG D 279 -4.47 -3.40 -9.51
C ARG D 279 -4.36 -3.57 -11.01
N LYS D 280 -5.42 -4.04 -11.66
CA LYS D 280 -5.31 -4.36 -13.08
C LYS D 280 -5.00 -3.14 -13.94
N LEU D 281 -5.38 -1.95 -13.49
CA LEU D 281 -5.31 -0.75 -14.33
C LEU D 281 -4.00 0.01 -14.23
N GLU D 282 -3.04 -0.46 -13.42
CA GLU D 282 -1.81 0.28 -13.22
C GLU D 282 -0.87 0.12 -14.42
N PHE D 283 0.05 1.06 -14.55
CA PHE D 283 1.06 1.01 -15.60
C PHE D 283 2.07 -0.11 -15.34
N ASN D 284 2.73 -0.52 -16.41
CA ASN D 284 3.84 -1.46 -16.35
C ASN D 284 5.16 -0.69 -16.24
N LYS D 285 6.22 -1.42 -15.85
CA LYS D 285 7.52 -0.80 -15.69
C LYS D 285 8.18 -0.44 -17.02
N ALA D 286 7.69 -0.97 -18.14
CA ALA D 286 8.28 -0.71 -19.44
C ALA D 286 7.54 0.35 -20.24
N GLU D 287 6.53 1.00 -19.65
CA GLU D 287 5.77 2.04 -20.33
C GLU D 287 5.92 3.41 -19.68
N LYS D 288 6.16 3.45 -18.37
CA LYS D 288 6.39 4.72 -17.68
C LYS D 288 7.60 5.43 -18.24
N HIS D 289 8.66 4.68 -18.57
CA HIS D 289 9.86 5.28 -19.13
C HIS D 289 9.59 5.93 -20.47
N VAL D 290 8.82 5.27 -21.34
CA VAL D 290 8.46 5.87 -22.63
C VAL D 290 7.61 7.12 -22.42
N HIS D 291 6.65 7.05 -21.49
CA HIS D 291 5.81 8.20 -21.21
C HIS D 291 6.65 9.40 -20.78
N ASN D 292 7.59 9.18 -19.87
CA ASN D 292 8.46 10.27 -19.43
C ASN D 292 9.33 10.79 -20.57
N PHE D 293 9.90 9.87 -21.36
CA PHE D 293 10.80 10.28 -22.44
C PHE D 293 10.10 11.05 -23.53
N MET D 294 8.78 10.92 -23.65
CA MET D 294 8.06 11.74 -24.61
C MET D 294 7.52 13.04 -24.00
N MET D 295 7.12 12.99 -22.73
CA MET D 295 6.76 14.23 -22.04
C MET D 295 7.93 15.20 -22.02
N ASP D 296 9.16 14.69 -21.95
CA ASP D 296 10.33 15.56 -21.99
C ASP D 296 10.37 16.37 -23.28
N ILE D 297 10.18 15.70 -24.43
CA ILE D 297 10.21 16.39 -25.71
C ILE D 297 9.08 17.41 -25.80
N GLN D 298 7.88 17.01 -25.34
CA GLN D 298 6.75 17.94 -25.40
C GLN D 298 7.03 19.20 -24.59
N TYR D 299 7.56 19.04 -23.38
CA TYR D 299 7.83 20.20 -22.54
C TYR D 299 8.93 21.07 -23.12
N THR D 300 9.95 20.46 -23.72
CA THR D 300 11.00 21.26 -24.34
C THR D 300 10.43 22.11 -25.48
N LYS D 301 9.59 21.51 -26.32
CA LYS D 301 8.98 22.27 -27.41
C LYS D 301 8.13 23.42 -26.87
N GLU D 302 7.34 23.15 -25.83
CA GLU D 302 6.49 24.20 -25.26
C GLU D 302 7.33 25.34 -24.69
N MET D 303 8.43 25.00 -24.00
CA MET D 303 9.28 26.03 -23.41
C MET D 303 9.89 26.93 -24.48
N LYS D 304 10.40 26.32 -25.56
CA LYS D 304 10.96 27.14 -26.64
C LYS D 304 9.89 28.01 -27.28
N GLU D 305 8.69 27.46 -27.49
CA GLU D 305 7.62 28.22 -28.10
C GLU D 305 7.26 29.45 -27.25
N SER D 306 7.20 29.28 -25.94
CA SER D 306 6.86 30.41 -25.07
C SER D 306 7.98 31.45 -25.03
N ALA D 307 9.24 30.98 -25.01
CA ALA D 307 10.37 31.90 -24.98
C ALA D 307 10.40 32.77 -26.23
N ALA D 308 10.02 32.20 -27.38
CA ALA D 308 10.00 32.99 -28.61
C ALA D 308 9.05 34.18 -28.50
N ARG D 309 7.85 33.94 -27.98
CA ARG D 309 6.89 35.04 -27.82
C ARG D 309 7.36 36.04 -26.79
N VAL D 310 7.95 35.57 -25.68
CA VAL D 310 8.47 36.49 -24.68
C VAL D 310 9.51 37.42 -25.28
N LEU D 311 10.36 36.89 -26.16
CA LEU D 311 11.42 37.71 -26.73
C LEU D 311 10.99 38.52 -27.94
N GLN D 312 9.84 38.21 -28.56
CA GLN D 312 9.35 39.13 -29.59
C GLN D 312 8.57 40.29 -28.98
N GLU D 313 7.84 40.05 -27.89
CA GLU D 313 6.96 41.09 -27.36
C GLU D 313 7.74 42.27 -26.80
N ALA D 314 8.90 42.02 -26.20
CA ALA D 314 9.69 43.12 -25.66
C ALA D 314 10.14 44.07 -26.77
N TRP D 315 10.63 43.52 -27.89
CA TRP D 315 11.04 44.38 -29.00
C TRP D 315 9.84 45.07 -29.63
N MET D 316 8.69 44.38 -29.69
CA MET D 316 7.49 45.03 -30.21
C MET D 316 7.13 46.24 -29.36
N PHE D 317 7.16 46.09 -28.03
CA PHE D 317 6.88 47.20 -27.14
C PHE D 317 7.89 48.32 -27.31
N TYR D 318 9.18 47.97 -27.42
CA TYR D 318 10.22 48.99 -27.54
C TYR D 318 10.05 49.81 -28.82
N LYS D 319 9.78 49.14 -29.94
CA LYS D 319 9.66 49.86 -31.20
C LYS D 319 8.32 50.53 -31.39
N HIS D 320 7.28 50.14 -30.63
CA HIS D 320 6.05 50.93 -30.60
C HIS D 320 6.10 52.07 -29.59
N THR D 321 7.04 52.04 -28.65
CA THR D 321 7.18 53.13 -27.70
C THR D 321 8.13 54.22 -28.19
N ARG D 322 9.22 53.82 -28.88
CA ARG D 322 10.15 54.81 -29.40
C ARG D 322 9.49 55.75 -30.40
N ARG D 323 8.56 55.23 -31.19
CA ARG D 323 7.87 56.02 -32.21
C ARG D 323 6.54 56.56 -31.67
N LYS D 324 6.63 57.30 -30.57
CA LYS D 324 5.48 57.92 -29.90
C LYS D 324 4.49 56.82 -29.53
N GLU D 325 3.19 57.15 -29.54
CA GLU D 325 2.09 56.23 -29.29
C GLU D 325 2.05 55.79 -27.83
N SER D 326 0.84 55.59 -27.29
CA SER D 326 0.66 55.16 -25.91
C SER D 326 -0.12 53.87 -25.80
N HIS D 327 -1.25 53.74 -26.50
CA HIS D 327 -2.13 52.60 -26.32
C HIS D 327 -1.46 51.30 -26.77
N ALA D 328 -0.72 51.34 -27.88
CA ALA D 328 0.00 50.16 -28.33
C ALA D 328 1.06 49.75 -27.33
N ALA D 329 1.78 50.72 -26.77
CA ALA D 329 2.78 50.41 -25.74
C ALA D 329 2.12 49.77 -24.53
N ARG D 330 0.96 50.29 -24.11
CA ARG D 330 0.25 49.70 -22.98
C ARG D 330 -0.16 48.27 -23.28
N ARG D 331 -0.68 48.01 -24.48
CA ARG D 331 -1.09 46.65 -24.83
C ARG D 331 0.11 45.70 -24.82
N HIS D 332 1.22 46.12 -25.42
CA HIS D 332 2.40 45.26 -25.48
C HIS D 332 2.95 44.99 -24.08
N GLN D 333 2.99 46.02 -23.24
CA GLN D 333 3.47 45.82 -21.87
C GLN D 333 2.56 44.88 -21.09
N ARG D 334 1.24 44.99 -21.32
CA ARG D 334 0.31 44.11 -20.62
C ARG D 334 0.46 42.67 -21.08
N LYS D 335 0.73 42.46 -22.38
CA LYS D 335 0.89 41.09 -22.87
C LYS D 335 2.23 40.49 -22.45
N LEU D 336 3.25 41.33 -22.24
CA LEU D 336 4.56 40.85 -21.85
C LEU D 336 4.50 40.09 -20.52
N LEU D 337 3.75 40.63 -19.55
CA LEU D 337 3.68 39.99 -18.24
C LEU D 337 2.98 38.63 -18.31
N ALA D 338 1.92 38.53 -19.11
CA ALA D 338 1.25 37.23 -19.29
C ALA D 338 2.19 36.23 -19.94
N ALA D 339 2.95 36.67 -20.94
CA ALA D 339 3.93 35.78 -21.57
C ALA D 339 4.95 35.29 -20.55
N ILE D 340 5.44 36.19 -19.69
CA ILE D 340 6.41 35.81 -18.67
C ILE D 340 5.81 34.79 -17.71
N ASN D 341 4.54 35.01 -17.31
CA ASN D 341 3.89 34.07 -16.40
C ASN D 341 3.78 32.68 -17.01
N ALA D 342 3.36 32.62 -18.28
CA ALA D 342 3.25 31.32 -18.94
C ALA D 342 4.61 30.63 -19.04
N PHE D 343 5.64 31.40 -19.38
CA PHE D 343 6.98 30.82 -19.45
C PHE D 343 7.42 30.27 -18.11
N ARG D 344 7.15 31.00 -17.03
CA ARG D 344 7.51 30.53 -15.69
C ARG D 344 6.80 29.23 -15.35
N GLN D 345 5.50 29.14 -15.66
CA GLN D 345 4.76 27.91 -15.36
C GLN D 345 5.35 26.73 -16.12
N VAL D 346 5.63 26.92 -17.41
CA VAL D 346 6.18 25.81 -18.21
C VAL D 346 7.54 25.40 -17.69
N ARG D 347 8.38 26.37 -17.33
CA ARG D 347 9.71 26.05 -16.82
C ARG D 347 9.63 25.26 -15.52
N LEU D 348 8.73 25.65 -14.62
CA LEU D 348 8.58 24.91 -13.37
C LEU D 348 8.12 23.49 -13.62
N LYS D 349 7.16 23.30 -14.53
CA LYS D 349 6.69 21.95 -14.83
C LYS D 349 7.82 21.10 -15.39
N HIS D 350 8.60 21.65 -16.32
CA HIS D 350 9.69 20.88 -16.92
C HIS D 350 10.75 20.53 -15.89
N ARG D 351 11.09 21.47 -15.01
CA ARG D 351 12.08 21.18 -13.97
C ARG D 351 11.60 20.09 -13.03
N LYS D 352 10.32 20.13 -12.65
CA LYS D 352 9.78 19.08 -11.79
C LYS D 352 9.83 17.72 -12.48
N LEU D 353 9.48 17.67 -13.77
CA LEU D 353 9.54 16.41 -14.49
C LEU D 353 10.97 15.87 -14.55
N ARG D 354 11.95 16.75 -14.82
CA ARG D 354 13.34 16.31 -14.86
C ARG D 354 13.79 15.79 -13.51
N GLU D 355 13.39 16.47 -12.43
CA GLU D 355 13.75 15.99 -11.09
C GLU D 355 13.13 14.63 -10.81
N GLN D 356 11.87 14.43 -11.23
CA GLN D 356 11.25 13.12 -11.06
C GLN D 356 11.97 12.03 -11.84
N VAL D 357 12.39 12.35 -13.08
CA VAL D 357 13.10 11.37 -13.88
C VAL D 357 14.45 11.03 -13.27
N ASN D 358 15.11 12.03 -12.66
CA ASN D 358 16.46 11.82 -12.16
C ASN D 358 16.51 10.73 -11.08
N SER D 359 15.49 10.68 -10.23
CA SER D 359 15.51 9.79 -9.06
C SER D 359 14.50 8.65 -9.15
N MET D 360 13.92 8.41 -10.32
CA MET D 360 12.97 7.31 -10.49
C MET D 360 13.51 6.23 -11.42
N VAL D 361 13.88 6.60 -12.65
CA VAL D 361 14.49 5.62 -13.57
C VAL D 361 15.96 5.37 -13.25
N ASP D 362 16.57 6.26 -12.44
CA ASP D 362 17.96 6.12 -12.03
C ASP D 362 18.89 6.08 -13.24
N ILE D 363 18.88 7.18 -14.00
CA ILE D 363 19.74 7.29 -15.17
C ILE D 363 21.21 7.33 -14.80
N SER D 364 21.53 7.70 -13.56
CA SER D 364 22.92 7.74 -13.10
C SER D 364 23.32 6.53 -12.27
N LYS D 365 22.36 5.80 -11.68
CA LYS D 365 22.70 4.61 -10.91
C LYS D 365 23.31 3.54 -11.80
N MET D 366 22.77 3.35 -13.01
CA MET D 366 23.35 2.38 -13.93
C MET D 366 24.78 2.76 -14.31
N HIS D 367 25.02 4.05 -14.57
CA HIS D 367 26.36 4.50 -14.89
C HIS D 367 27.31 4.29 -13.72
N MET D 368 26.83 4.56 -12.50
CA MET D 368 27.67 4.32 -11.32
C MET D 368 27.99 2.85 -11.14
N ILE D 369 27.01 1.98 -11.38
CA ILE D 369 27.24 0.54 -11.26
C ILE D 369 28.25 0.08 -12.32
N LEU D 370 28.12 0.58 -13.54
CA LEU D 370 29.07 0.23 -14.59
C LEU D 370 30.47 0.73 -14.25
N TYR D 371 30.58 1.94 -13.71
CA TYR D 371 31.88 2.45 -13.31
C TYR D 371 32.49 1.63 -12.19
N ASP D 372 31.68 1.22 -11.22
CA ASP D 372 32.18 0.38 -10.14
C ASP D 372 32.65 -0.98 -10.67
N LEU D 373 31.90 -1.55 -11.61
CA LEU D 373 32.32 -2.83 -12.21
C LEU D 373 33.61 -2.67 -12.98
N GLN D 374 33.76 -1.57 -13.73
CA GLN D 374 34.99 -1.33 -14.47
C GLN D 374 36.17 -1.14 -13.53
N GLN D 375 35.96 -0.41 -12.42
CA GLN D 375 37.04 -0.22 -11.44
C GLN D 375 37.43 -1.54 -10.81
N ASN D 376 36.45 -2.39 -10.49
CA ASN D 376 36.76 -3.70 -9.92
C ASN D 376 37.53 -4.56 -10.92
N LEU D 377 37.14 -4.51 -12.19
CA LEU D 377 37.85 -5.28 -13.21
C LEU D 377 39.28 -4.78 -13.38
N SER D 378 39.47 -3.47 -13.36
CA SER D 378 40.80 -2.88 -13.51
C SER D 378 41.29 -2.27 -12.20
N ASP E 1 12.28 10.00 -54.80
CA ASP E 1 11.64 9.23 -53.75
C ASP E 1 10.12 9.33 -53.83
N GLN E 2 9.44 8.22 -53.56
CA GLN E 2 7.98 8.19 -53.61
C GLN E 2 7.32 8.83 -52.40
N LEU E 3 8.07 9.09 -51.34
CA LEU E 3 7.51 9.71 -50.15
C LEU E 3 7.25 11.19 -50.37
N THR E 4 6.30 11.73 -49.61
CA THR E 4 5.97 13.15 -49.68
C THR E 4 6.91 13.94 -48.77
N GLU E 5 6.67 15.24 -48.65
CA GLU E 5 7.55 16.09 -47.83
C GLU E 5 7.30 15.87 -46.34
N GLU E 6 6.02 15.75 -45.95
CA GLU E 6 5.70 15.63 -44.52
C GLU E 6 6.30 14.36 -43.93
N GLN E 7 6.23 13.25 -44.65
CA GLN E 7 6.81 12.01 -44.16
C GLN E 7 8.31 12.13 -44.00
N ILE E 8 8.98 12.77 -44.97
CA ILE E 8 10.43 12.97 -44.88
C ILE E 8 10.76 13.83 -43.66
N ALA E 9 9.99 14.88 -43.43
CA ALA E 9 10.23 15.73 -42.26
C ALA E 9 10.05 14.96 -40.96
N GLU E 10 9.00 14.13 -40.89
CA GLU E 10 8.77 13.34 -39.68
C GLU E 10 9.90 12.36 -39.44
N PHE E 11 10.38 11.69 -40.50
CA PHE E 11 11.47 10.74 -40.33
C PHE E 11 12.76 11.44 -39.95
N LYS E 12 13.02 12.63 -40.51
CA LYS E 12 14.20 13.39 -40.12
C LYS E 12 14.12 13.81 -38.66
N GLU E 13 12.93 14.22 -38.20
CA GLU E 13 12.76 14.58 -36.80
C GLU E 13 12.98 13.38 -35.89
N ALA E 14 12.52 12.20 -36.31
CA ALA E 14 12.77 10.99 -35.54
C ALA E 14 14.25 10.65 -35.51
N PHE E 15 14.95 10.86 -36.62
CA PHE E 15 16.38 10.60 -36.68
C PHE E 15 17.15 11.55 -35.75
N SER E 16 16.72 12.81 -35.68
CA SER E 16 17.40 13.79 -34.85
C SER E 16 17.38 13.42 -33.37
N LEU E 17 16.44 12.57 -32.95
CA LEU E 17 16.44 12.09 -31.56
C LEU E 17 17.71 11.29 -31.27
N PHE E 18 18.12 10.44 -32.21
CA PHE E 18 19.31 9.61 -32.04
C PHE E 18 20.59 10.35 -32.40
N ASP E 19 20.55 11.18 -33.43
CA ASP E 19 21.74 11.94 -33.85
C ASP E 19 21.69 13.33 -33.25
N LYS E 20 21.84 13.39 -31.92
CA LYS E 20 21.77 14.66 -31.21
C LYS E 20 23.03 15.49 -31.43
N ASP E 21 24.18 14.85 -31.63
CA ASP E 21 25.42 15.59 -31.80
C ASP E 21 25.47 16.36 -33.11
N GLY E 22 24.65 15.99 -34.10
CA GLY E 22 24.62 16.68 -35.36
C GLY E 22 25.69 16.28 -36.35
N ASP E 23 26.43 15.20 -36.08
CA ASP E 23 27.48 14.78 -37.01
C ASP E 23 26.89 14.24 -38.31
N GLY E 24 25.68 13.70 -38.26
CA GLY E 24 25.07 13.06 -39.41
C GLY E 24 25.14 11.56 -39.42
N THR E 25 25.71 10.95 -38.37
CA THR E 25 25.82 9.50 -38.26
C THR E 25 25.54 9.08 -36.83
N ILE E 26 25.12 7.84 -36.65
CA ILE E 26 24.83 7.27 -35.34
C ILE E 26 25.96 6.33 -34.95
N THR E 27 26.50 6.53 -33.76
CA THR E 27 27.58 5.70 -33.22
C THR E 27 27.07 4.93 -32.00
N THR E 28 27.96 4.13 -31.42
CA THR E 28 27.57 3.27 -30.31
C THR E 28 27.18 4.08 -29.08
N LYS E 29 27.89 5.18 -28.81
CA LYS E 29 27.67 5.93 -27.58
C LYS E 29 26.27 6.54 -27.55
N GLU E 30 25.79 7.07 -28.67
CA GLU E 30 24.48 7.72 -28.70
C GLU E 30 23.36 6.72 -28.46
N LEU E 31 23.42 5.57 -29.14
CA LEU E 31 22.43 4.53 -28.91
C LEU E 31 22.51 4.02 -27.47
N GLY E 32 23.73 3.88 -26.95
CA GLY E 32 23.88 3.44 -25.58
C GLY E 32 23.24 4.38 -24.58
N THR E 33 23.44 5.69 -24.77
CA THR E 33 22.87 6.64 -23.82
C THR E 33 21.36 6.75 -23.98
N VAL E 34 20.84 6.58 -25.20
CA VAL E 34 19.39 6.53 -25.36
C VAL E 34 18.81 5.33 -24.62
N MET E 35 19.45 4.17 -24.75
CA MET E 35 18.97 2.99 -24.04
C MET E 35 19.11 3.16 -22.52
N ARG E 36 20.17 3.82 -22.07
CA ARG E 36 20.31 4.13 -20.65
C ARG E 36 19.16 5.00 -20.17
N SER E 37 18.79 6.01 -20.96
CA SER E 37 17.64 6.84 -20.60
C SER E 37 16.36 6.03 -20.55
N LEU E 38 16.20 5.08 -21.47
CA LEU E 38 14.99 4.27 -21.49
C LEU E 38 14.92 3.29 -20.33
N GLY E 39 16.05 2.98 -19.69
CA GLY E 39 16.03 2.12 -18.52
C GLY E 39 16.89 0.89 -18.60
N GLN E 40 17.22 0.46 -19.82
CA GLN E 40 18.06 -0.71 -19.99
C GLN E 40 19.54 -0.36 -19.80
N ASN E 41 20.35 -1.39 -19.63
CA ASN E 41 21.81 -1.25 -19.46
C ASN E 41 22.50 -2.20 -20.42
N PRO E 42 22.56 -1.84 -21.70
CA PRO E 42 23.16 -2.75 -22.69
C PRO E 42 24.66 -2.88 -22.52
N THR E 43 25.19 -3.99 -23.02
CA THR E 43 26.61 -4.26 -23.03
C THR E 43 27.21 -3.88 -24.38
N GLU E 44 28.55 -3.87 -24.43
CA GLU E 44 29.25 -3.45 -25.64
C GLU E 44 28.94 -4.38 -26.81
N ALA E 45 28.94 -5.70 -26.56
CA ALA E 45 28.66 -6.64 -27.64
C ALA E 45 27.22 -6.49 -28.14
N GLU E 46 26.27 -6.31 -27.23
CA GLU E 46 24.89 -6.13 -27.64
C GLU E 46 24.72 -4.86 -28.46
N LEU E 47 25.36 -3.76 -28.04
CA LEU E 47 25.28 -2.52 -28.80
C LEU E 47 25.89 -2.69 -30.18
N GLN E 48 27.05 -3.36 -30.26
CA GLN E 48 27.69 -3.58 -31.55
C GLN E 48 26.81 -4.41 -32.47
N ASP E 49 26.19 -5.46 -31.94
CA ASP E 49 25.31 -6.29 -32.76
C ASP E 49 24.09 -5.50 -33.25
N MET E 50 23.48 -4.73 -32.36
CA MET E 50 22.28 -3.97 -32.75
C MET E 50 22.61 -2.84 -33.72
N ILE E 51 23.85 -2.34 -33.68
CA ILE E 51 24.24 -1.29 -34.62
C ILE E 51 24.81 -1.84 -35.92
N ASN E 52 25.20 -3.12 -35.95
CA ASN E 52 25.71 -3.73 -37.17
C ASN E 52 24.65 -4.53 -37.92
N GLU E 53 23.54 -4.89 -37.27
CA GLU E 53 22.50 -5.62 -37.98
C GLU E 53 21.76 -4.79 -39.02
N VAL E 54 21.97 -3.46 -39.04
CA VAL E 54 21.22 -2.58 -39.90
C VAL E 54 22.08 -2.02 -41.04
N ASP E 55 23.32 -1.64 -40.73
CA ASP E 55 24.17 -1.00 -41.73
C ASP E 55 24.51 -1.95 -42.86
N ALA E 56 24.57 -1.42 -44.09
CA ALA E 56 24.88 -2.19 -45.28
C ALA E 56 26.23 -1.86 -45.88
N ASP E 57 26.64 -0.60 -45.86
CA ASP E 57 27.95 -0.23 -46.41
C ASP E 57 29.08 -0.85 -45.61
N GLY E 58 28.95 -0.89 -44.28
CA GLY E 58 29.97 -1.46 -43.43
C GLY E 58 30.93 -0.47 -42.81
N ASN E 59 30.66 0.83 -42.90
CA ASN E 59 31.54 1.83 -42.33
C ASN E 59 31.47 1.89 -40.81
N GLY E 60 30.51 1.20 -40.19
CA GLY E 60 30.35 1.23 -38.76
C GLY E 60 29.40 2.29 -38.23
N THR E 61 28.85 3.12 -39.11
CA THR E 61 27.91 4.17 -38.71
C THR E 61 26.64 4.04 -39.54
N ILE E 62 25.55 4.55 -38.98
CA ILE E 62 24.23 4.48 -39.61
C ILE E 62 23.77 5.91 -39.90
N ASP E 63 23.40 6.16 -41.14
CA ASP E 63 22.91 7.47 -41.57
C ASP E 63 21.47 7.33 -42.09
N PHE E 64 20.94 8.43 -42.62
CA PHE E 64 19.54 8.46 -43.04
C PHE E 64 19.21 7.43 -44.12
N PRO E 65 19.99 7.26 -45.19
CA PRO E 65 19.63 6.22 -46.17
C PRO E 65 19.57 4.82 -45.59
N GLU E 66 20.39 4.51 -44.60
CA GLU E 66 20.34 3.22 -43.92
C GLU E 66 19.42 3.22 -42.70
N PHE E 67 18.80 4.35 -42.38
CA PHE E 67 17.85 4.43 -41.28
C PHE E 67 16.40 4.40 -41.76
N LEU E 68 16.12 4.99 -42.92
CA LEU E 68 14.77 4.94 -43.47
C LEU E 68 14.36 3.51 -43.77
N THR E 69 15.28 2.70 -44.29
CA THR E 69 14.98 1.30 -44.57
C THR E 69 14.60 0.56 -43.29
N MET E 70 15.34 0.79 -42.21
CA MET E 70 15.01 0.15 -40.93
C MET E 70 13.67 0.64 -40.40
N MET E 71 13.40 1.95 -40.52
CA MET E 71 12.14 2.49 -40.04
C MET E 71 10.95 1.99 -40.87
N ALA E 72 11.19 1.59 -42.11
CA ALA E 72 10.10 1.06 -42.93
C ALA E 72 9.59 -0.28 -42.44
N ARG E 73 10.30 -0.94 -41.51
CA ARG E 73 9.91 -2.25 -41.02
C ARG E 73 9.32 -2.23 -39.62
N LYS E 74 9.74 -1.30 -38.75
CA LYS E 74 9.22 -1.24 -37.40
C LYS E 74 7.80 -0.70 -37.32
N MET E 75 7.30 -0.07 -38.38
CA MET E 75 5.97 0.51 -38.32
C MET E 75 4.88 -0.57 -38.39
N LYS E 76 5.06 -1.56 -39.26
CA LYS E 76 4.05 -2.59 -39.43
C LYS E 76 4.00 -3.48 -38.19
N ASP E 77 2.81 -4.05 -37.95
CA ASP E 77 2.61 -4.85 -36.74
C ASP E 77 3.07 -6.29 -36.93
N THR E 78 2.65 -6.94 -38.01
CA THR E 78 2.93 -8.35 -38.23
C THR E 78 4.25 -8.48 -38.98
N ASP E 79 5.34 -8.61 -38.23
CA ASP E 79 6.65 -8.80 -38.82
C ASP E 79 6.80 -10.23 -39.35
N SER E 80 7.66 -10.39 -40.35
CA SER E 80 7.96 -11.70 -40.89
C SER E 80 9.45 -11.89 -41.15
N GLU E 81 10.29 -11.02 -40.60
CA GLU E 81 11.74 -11.15 -40.68
C GLU E 81 12.39 -11.34 -39.33
N GLU E 82 11.96 -10.58 -38.32
CA GLU E 82 12.47 -10.80 -36.97
C GLU E 82 12.06 -12.16 -36.44
N GLU E 83 10.81 -12.56 -36.68
CA GLU E 83 10.35 -13.88 -36.25
C GLU E 83 11.00 -15.02 -37.02
N ILE E 84 11.56 -14.73 -38.19
CA ILE E 84 12.31 -15.74 -38.95
C ILE E 84 13.75 -15.82 -38.47
N ARG E 85 14.37 -14.68 -38.17
CA ARG E 85 15.73 -14.69 -37.65
C ARG E 85 15.79 -15.17 -36.20
N GLU E 86 14.70 -15.07 -35.45
CA GLU E 86 14.66 -15.59 -34.10
C GLU E 86 14.30 -17.07 -34.03
N ALA E 87 13.89 -17.66 -35.14
CA ALA E 87 13.79 -19.11 -35.26
C ALA E 87 15.09 -19.73 -35.72
N PHE E 88 16.13 -18.92 -35.88
CA PHE E 88 17.48 -19.36 -36.22
C PHE E 88 18.37 -19.54 -35.00
N ARG E 89 18.28 -18.64 -34.02
CA ARG E 89 19.09 -18.76 -32.82
C ARG E 89 18.66 -19.93 -31.96
N VAL E 90 17.37 -20.24 -31.94
CA VAL E 90 16.87 -21.35 -31.13
C VAL E 90 17.47 -22.66 -31.59
N PHE E 91 17.48 -22.89 -32.91
CA PHE E 91 18.07 -24.10 -33.45
C PHE E 91 19.59 -24.09 -33.36
N ASP E 92 20.19 -22.90 -33.34
CA ASP E 92 21.65 -22.75 -33.44
C ASP E 92 22.29 -23.09 -32.09
N LYS E 93 22.52 -24.39 -31.89
CA LYS E 93 23.34 -24.86 -30.79
C LYS E 93 24.80 -25.03 -31.18
N ASP E 94 25.13 -24.81 -32.46
CA ASP E 94 26.52 -24.92 -32.90
C ASP E 94 27.40 -23.85 -32.26
N GLY E 95 26.87 -22.64 -32.10
CA GLY E 95 27.62 -21.51 -31.60
C GLY E 95 28.15 -20.58 -32.67
N ASN E 96 28.22 -21.05 -33.91
CA ASN E 96 28.63 -20.24 -35.06
C ASN E 96 27.42 -19.93 -35.92
N GLY E 97 27.67 -19.27 -37.04
CA GLY E 97 26.59 -18.93 -37.96
C GLY E 97 26.24 -20.06 -38.90
N TYR E 98 25.98 -21.25 -38.34
CA TYR E 98 25.67 -22.41 -39.17
C TYR E 98 24.86 -23.40 -38.36
N ILE E 99 24.18 -24.30 -39.08
CA ILE E 99 23.35 -25.35 -38.47
C ILE E 99 23.91 -26.70 -38.90
N SER E 100 24.18 -27.56 -37.92
CA SER E 100 24.71 -28.89 -38.19
C SER E 100 23.57 -29.90 -38.29
N ALA E 101 23.91 -31.10 -38.76
CA ALA E 101 22.91 -32.14 -38.96
C ALA E 101 22.34 -32.63 -37.64
N ALA E 102 23.18 -32.77 -36.62
CA ALA E 102 22.73 -33.30 -35.34
C ALA E 102 21.71 -32.37 -34.68
N GLU E 103 21.93 -31.06 -34.78
CA GLU E 103 20.99 -30.10 -34.19
C GLU E 103 19.61 -30.24 -34.81
N LEU E 104 19.54 -30.21 -36.14
CA LEU E 104 18.25 -30.37 -36.81
C LEU E 104 17.63 -31.72 -36.48
N ARG E 105 18.44 -32.77 -36.46
CA ARG E 105 17.92 -34.10 -36.17
C ARG E 105 17.25 -34.14 -34.80
N HIS E 106 17.95 -33.71 -33.76
CA HIS E 106 17.36 -33.85 -32.43
C HIS E 106 16.39 -32.74 -32.09
N VAL E 107 16.25 -31.72 -32.93
CA VAL E 107 15.26 -30.68 -32.64
C VAL E 107 13.97 -30.95 -33.40
N MET E 108 14.05 -31.64 -34.54
CA MET E 108 12.88 -31.87 -35.37
C MET E 108 12.37 -33.30 -35.32
N THR E 109 13.25 -34.29 -35.35
CA THR E 109 12.80 -35.68 -35.31
C THR E 109 12.16 -36.07 -33.98
N ASN E 110 12.30 -35.24 -32.95
CA ASN E 110 11.71 -35.50 -31.65
C ASN E 110 10.55 -34.56 -31.33
N LEU E 111 10.73 -33.26 -31.47
CA LEU E 111 9.70 -32.31 -31.09
C LEU E 111 8.55 -32.33 -32.09
N GLY E 112 7.36 -31.97 -31.60
CA GLY E 112 6.17 -32.01 -32.43
C GLY E 112 5.89 -33.41 -32.92
N GLU E 113 5.57 -33.51 -34.21
CA GLU E 113 5.39 -34.82 -34.84
C GLU E 113 6.75 -35.39 -35.20
N LYS E 114 7.03 -36.60 -34.70
CA LYS E 114 8.35 -37.19 -34.89
C LYS E 114 8.63 -37.40 -36.37
N LEU E 115 9.81 -36.95 -36.79
CA LEU E 115 10.25 -37.09 -38.17
C LEU E 115 11.06 -38.38 -38.33
N THR E 116 11.70 -38.54 -39.48
CA THR E 116 12.52 -39.71 -39.77
C THR E 116 13.92 -39.27 -40.16
N ASP E 117 14.87 -40.20 -39.99
CA ASP E 117 16.26 -39.90 -40.34
C ASP E 117 16.41 -39.61 -41.83
N GLU E 118 15.71 -40.38 -42.68
CA GLU E 118 15.77 -40.14 -44.12
C GLU E 118 15.20 -38.77 -44.48
N GLU E 119 14.08 -38.40 -43.85
CA GLU E 119 13.49 -37.09 -44.12
C GLU E 119 14.42 -35.96 -43.67
N VAL E 120 15.04 -36.12 -42.50
CA VAL E 120 15.96 -35.11 -42.00
C VAL E 120 17.16 -34.98 -42.94
N ASP E 121 17.69 -36.11 -43.40
CA ASP E 121 18.82 -36.07 -44.33
C ASP E 121 18.43 -35.40 -45.65
N GLU E 122 17.24 -35.71 -46.15
CA GLU E 122 16.78 -35.07 -47.38
C GLU E 122 16.62 -33.56 -47.21
N MET E 123 16.05 -33.13 -46.07
CA MET E 123 15.92 -31.71 -45.81
C MET E 123 17.28 -31.04 -45.71
N ILE E 124 18.23 -31.69 -45.05
CA ILE E 124 19.57 -31.11 -44.93
C ILE E 124 20.23 -30.99 -46.30
N ARG E 125 20.09 -32.02 -47.13
CA ARG E 125 20.66 -31.98 -48.47
C ARG E 125 20.02 -30.88 -49.31
N GLU E 126 18.70 -30.71 -49.21
CA GLU E 126 18.02 -29.66 -49.94
C GLU E 126 18.47 -28.27 -49.47
N ALA E 127 18.62 -28.10 -48.16
CA ALA E 127 19.03 -26.80 -47.63
C ALA E 127 20.47 -26.48 -48.00
N ASP E 128 21.34 -27.50 -48.02
CA ASP E 128 22.76 -27.31 -48.32
C ASP E 128 22.93 -27.08 -49.81
N ILE E 129 22.78 -25.81 -50.22
CA ILE E 129 22.95 -25.46 -51.62
C ILE E 129 24.40 -25.70 -52.06
N ASP E 130 25.35 -25.31 -51.21
CA ASP E 130 26.77 -25.51 -51.53
C ASP E 130 27.22 -26.94 -51.30
N GLY E 131 26.39 -27.80 -50.71
CA GLY E 131 26.74 -29.18 -50.45
C GLY E 131 27.46 -29.43 -49.14
N ASP E 132 27.82 -28.37 -48.41
CA ASP E 132 28.49 -28.54 -47.13
C ASP E 132 27.50 -29.01 -46.07
N GLY E 133 28.02 -29.67 -45.04
CA GLY E 133 27.16 -30.18 -43.98
C GLY E 133 26.43 -29.08 -43.24
N GLN E 134 27.13 -27.99 -42.93
CA GLN E 134 26.51 -26.89 -42.21
C GLN E 134 25.56 -26.11 -43.12
N VAL E 135 24.59 -25.45 -42.51
CA VAL E 135 23.59 -24.66 -43.21
C VAL E 135 23.73 -23.21 -42.76
N ASN E 136 23.97 -22.32 -43.71
CA ASN E 136 24.14 -20.91 -43.40
C ASN E 136 22.78 -20.22 -43.27
N TYR E 137 22.80 -18.98 -42.77
CA TYR E 137 21.57 -18.22 -42.59
C TYR E 137 20.92 -17.88 -43.92
N GLU E 138 21.72 -17.67 -44.97
CA GLU E 138 21.15 -17.34 -46.27
C GLU E 138 20.27 -18.47 -46.79
N GLU E 139 20.78 -19.71 -46.71
CA GLU E 139 19.99 -20.85 -47.16
C GLU E 139 18.76 -21.05 -46.29
N PHE E 140 18.88 -20.81 -44.97
CA PHE E 140 17.74 -20.93 -44.07
C PHE E 140 16.63 -19.95 -44.45
N VAL E 141 16.99 -18.68 -44.64
CA VAL E 141 16.02 -17.66 -45.00
C VAL E 141 15.42 -17.97 -46.37
N GLN E 142 16.24 -18.39 -47.32
CA GLN E 142 15.74 -18.71 -48.65
C GLN E 142 14.75 -19.87 -48.60
N MET E 143 15.07 -20.91 -47.81
CA MET E 143 14.20 -22.07 -47.72
C MET E 143 12.85 -21.70 -47.10
N MET E 144 12.86 -20.89 -46.04
CA MET E 144 11.58 -20.55 -45.43
C MET E 144 10.80 -19.53 -46.26
N THR E 145 11.48 -18.66 -47.01
CA THR E 145 10.76 -17.71 -47.86
C THR E 145 10.15 -18.40 -49.06
N ALA E 146 10.91 -19.28 -49.72
CA ALA E 146 10.45 -20.00 -50.91
C ALA E 146 9.91 -19.06 -51.99
N ASP F 1 20.04 52.93 7.15
CA ASP F 1 19.18 51.96 6.48
C ASP F 1 17.71 52.23 6.80
N GLN F 2 16.85 52.03 5.81
CA GLN F 2 15.43 52.27 5.99
C GLN F 2 14.72 51.13 6.74
N LEU F 3 15.38 50.00 6.92
CA LEU F 3 14.77 48.88 7.62
C LEU F 3 14.76 49.14 9.13
N THR F 4 13.82 48.49 9.82
CA THR F 4 13.71 48.60 11.27
C THR F 4 14.64 47.58 11.92
N GLU F 5 14.59 47.50 13.25
CA GLU F 5 15.47 46.58 13.97
C GLU F 5 15.01 45.13 13.84
N GLU F 6 13.70 44.89 13.90
CA GLU F 6 13.19 43.52 13.85
C GLU F 6 13.52 42.86 12.52
N GLN F 7 13.38 43.59 11.42
CA GLN F 7 13.72 43.03 10.11
C GLN F 7 15.19 42.69 10.02
N ILE F 8 16.06 43.56 10.54
CA ILE F 8 17.49 43.30 10.54
C ILE F 8 17.80 42.05 11.35
N ALA F 9 17.16 41.91 12.52
CA ALA F 9 17.38 40.73 13.35
C ALA F 9 16.94 39.46 12.63
N GLU F 10 15.78 39.51 11.96
CA GLU F 10 15.29 38.34 11.23
C GLU F 10 16.23 37.96 10.11
N PHE F 11 16.73 38.95 9.36
CA PHE F 11 17.64 38.66 8.26
C PHE F 11 18.98 38.12 8.77
N LYS F 12 19.45 38.65 9.89
CA LYS F 12 20.68 38.12 10.49
C LYS F 12 20.49 36.67 10.95
N GLU F 13 19.33 36.38 11.53
CA GLU F 13 19.05 35.00 11.94
C GLU F 13 18.98 34.07 10.74
N ALA F 14 18.39 34.55 9.63
CA ALA F 14 18.38 33.75 8.41
C ALA F 14 19.78 33.53 7.86
N PHE F 15 20.63 34.55 7.94
CA PHE F 15 22.01 34.43 7.48
C PHE F 15 22.79 33.43 8.32
N SER F 16 22.53 33.41 9.63
CA SER F 16 23.25 32.50 10.51
C SER F 16 23.00 31.03 10.18
N LEU F 17 21.92 30.72 9.47
CA LEU F 17 21.70 29.34 9.02
C LEU F 17 22.78 28.90 8.05
N PHE F 18 23.17 29.79 7.14
CA PHE F 18 24.20 29.49 6.15
C PHE F 18 25.61 29.69 6.68
N ASP F 19 25.81 30.72 7.49
CA ASP F 19 27.13 30.99 8.07
C ASP F 19 27.22 30.39 9.47
N LYS F 20 27.21 29.06 9.52
CA LYS F 20 27.25 28.37 10.80
C LYS F 20 28.62 28.44 11.44
N ASP F 21 29.69 28.48 10.63
CA ASP F 21 31.04 28.50 11.18
C ASP F 21 31.35 29.81 11.91
N GLY F 22 30.61 30.87 11.64
CA GLY F 22 30.83 32.14 12.31
C GLY F 22 31.93 33.00 11.73
N ASP F 23 32.49 32.63 10.57
CA ASP F 23 33.56 33.41 9.98
C ASP F 23 33.07 34.79 9.51
N GLY F 24 31.79 34.89 9.15
CA GLY F 24 31.24 36.10 8.60
C GLY F 24 31.09 36.10 7.09
N THR F 25 31.42 34.99 6.43
CA THR F 25 31.32 34.87 4.98
C THR F 25 30.81 33.48 4.64
N ILE F 26 30.18 33.36 3.47
CA ILE F 26 29.66 32.09 2.98
C ILE F 26 30.60 31.57 1.90
N THR F 27 31.01 30.31 2.03
CA THR F 27 31.88 29.65 1.07
C THR F 27 31.12 28.50 0.40
N THR F 28 31.81 27.82 -0.52
CA THR F 28 31.17 26.76 -1.29
C THR F 28 30.76 25.58 -0.41
N LYS F 29 31.58 25.24 0.58
CA LYS F 29 31.32 24.04 1.38
C LYS F 29 30.03 24.17 2.18
N GLU F 30 29.78 25.35 2.76
CA GLU F 30 28.59 25.53 3.59
C GLU F 30 27.31 25.44 2.76
N LEU F 31 27.29 26.11 1.61
CA LEU F 31 26.14 26.00 0.73
C LEU F 31 25.97 24.57 0.23
N GLY F 32 27.07 23.90 -0.07
CA GLY F 32 26.99 22.51 -0.51
C GLY F 32 26.39 21.60 0.55
N THR F 33 26.80 21.77 1.81
CA THR F 33 26.26 20.89 2.85
C THR F 33 24.82 21.24 3.17
N VAL F 34 24.42 22.51 3.06
CA VAL F 34 23.01 22.84 3.22
C VAL F 34 22.17 22.17 2.13
N MET F 35 22.65 22.23 0.88
CA MET F 35 21.92 21.59 -0.21
C MET F 35 21.90 20.07 -0.04
N ARG F 36 22.99 19.49 0.48
CA ARG F 36 22.99 18.06 0.79
C ARG F 36 21.93 17.73 1.83
N SER F 37 21.81 18.56 2.86
CA SER F 37 20.77 18.33 3.87
C SER F 37 19.38 18.44 3.26
N LEU F 38 19.18 19.38 2.34
CA LEU F 38 17.87 19.55 1.72
C LEU F 38 17.50 18.39 0.80
N GLY F 39 18.49 17.67 0.27
CA GLY F 39 18.20 16.50 -0.55
C GLY F 39 18.90 16.46 -1.89
N GLN F 40 19.33 17.63 -2.38
CA GLN F 40 20.00 17.69 -3.67
C GLN F 40 21.47 17.31 -3.52
N ASN F 41 22.11 17.03 -4.66
CA ASN F 41 23.52 16.69 -4.72
C ASN F 41 24.19 17.56 -5.79
N PRO F 42 24.48 18.82 -5.46
CA PRO F 42 25.05 19.73 -6.46
C PRO F 42 26.48 19.38 -6.81
N THR F 43 26.89 19.81 -7.99
CA THR F 43 28.26 19.65 -8.47
C THR F 43 29.07 20.92 -8.20
N GLU F 44 30.39 20.80 -8.39
CA GLU F 44 31.28 21.92 -8.10
C GLU F 44 30.98 23.12 -9.00
N ALA F 45 30.76 22.88 -10.29
CA ALA F 45 30.47 23.98 -11.21
C ALA F 45 29.15 24.65 -10.86
N GLU F 46 28.12 23.86 -10.52
CA GLU F 46 26.84 24.43 -10.14
C GLU F 46 26.96 25.27 -8.88
N LEU F 47 27.70 24.77 -7.88
CA LEU F 47 27.89 25.54 -6.65
C LEU F 47 28.64 26.84 -6.93
N GLN F 48 29.68 26.78 -7.77
CA GLN F 48 30.43 27.98 -8.10
C GLN F 48 29.56 29.00 -8.82
N ASP F 49 28.73 28.55 -9.76
CA ASP F 49 27.85 29.46 -10.47
C ASP F 49 26.83 30.10 -9.52
N MET F 50 26.23 29.29 -8.65
CA MET F 50 25.21 29.82 -7.74
C MET F 50 25.82 30.74 -6.68
N ILE F 51 27.10 30.56 -6.37
CA ILE F 51 27.74 31.44 -5.40
C ILE F 51 28.38 32.67 -6.05
N ASN F 52 28.59 32.64 -7.37
CA ASN F 52 29.14 33.80 -8.07
C ASN F 52 28.08 34.67 -8.73
N GLU F 53 26.85 34.17 -8.91
CA GLU F 53 25.81 34.99 -9.49
C GLU F 53 25.34 36.11 -8.58
N VAL F 54 25.72 36.11 -7.30
CA VAL F 54 25.23 37.06 -6.32
C VAL F 54 26.29 38.07 -5.92
N ASP F 55 27.53 37.62 -5.72
CA ASP F 55 28.57 38.51 -5.23
C ASP F 55 28.90 39.59 -6.24
N ALA F 56 29.18 40.80 -5.74
CA ALA F 56 29.51 41.94 -6.57
C ALA F 56 30.96 42.38 -6.45
N ASP F 57 31.55 42.31 -5.26
CA ASP F 57 32.95 42.70 -5.10
C ASP F 57 33.89 41.77 -5.86
N GLY F 58 33.59 40.47 -5.87
CA GLY F 58 34.40 39.50 -6.56
C GLY F 58 35.41 38.77 -5.71
N ASN F 59 35.34 38.89 -4.39
CA ASN F 59 36.30 38.21 -3.51
C ASN F 59 36.05 36.72 -3.41
N GLY F 60 34.93 36.21 -3.94
CA GLY F 60 34.61 34.81 -3.86
C GLY F 60 33.76 34.41 -2.67
N THR F 61 33.45 35.34 -1.78
CA THR F 61 32.64 35.07 -0.60
C THR F 61 31.46 36.04 -0.56
N ILE F 62 30.40 35.62 0.11
CA ILE F 62 29.17 36.39 0.23
C ILE F 62 28.96 36.74 1.70
N ASP F 63 28.78 38.02 1.98
CA ASP F 63 28.54 38.50 3.33
C ASP F 63 27.18 39.19 3.40
N PHE F 64 26.89 39.79 4.56
CA PHE F 64 25.57 40.38 4.78
C PHE F 64 25.21 41.48 3.79
N PRO F 65 26.08 42.45 3.48
CA PRO F 65 25.69 43.46 2.50
C PRO F 65 25.37 42.90 1.13
N GLU F 66 26.00 41.81 0.72
CA GLU F 66 25.68 41.15 -0.54
C GLU F 66 24.65 40.05 -0.38
N PHE F 67 24.15 39.81 0.82
CA PHE F 67 23.09 38.83 1.08
C PHE F 67 21.73 39.48 1.24
N LEU F 68 21.68 40.68 1.84
CA LEU F 68 20.41 41.38 1.97
C LEU F 68 19.83 41.74 0.61
N THR F 69 20.70 42.13 -0.33
CA THR F 69 20.23 42.44 -1.67
C THR F 69 19.60 41.22 -2.33
N MET F 70 20.22 40.05 -2.19
CA MET F 70 19.66 38.84 -2.75
C MET F 70 18.34 38.48 -2.06
N MET F 71 18.28 38.62 -0.74
CA MET F 71 17.05 38.31 -0.02
C MET F 71 15.93 39.28 -0.36
N ALA F 72 16.26 40.48 -0.83
CA ALA F 72 15.23 41.43 -1.23
C ALA F 72 14.46 40.99 -2.46
N ARG F 73 14.94 39.97 -3.19
CA ARG F 73 14.31 39.52 -4.42
C ARG F 73 13.57 38.21 -4.29
N LYS F 74 13.99 37.32 -3.40
CA LYS F 74 13.34 36.02 -3.25
C LYS F 74 12.02 36.11 -2.50
N MET F 75 11.75 37.21 -1.81
CA MET F 75 10.52 37.31 -1.04
C MET F 75 9.30 37.51 -1.94
N LYS F 76 9.43 38.36 -2.96
CA LYS F 76 8.31 38.64 -3.85
C LYS F 76 7.97 37.42 -4.70
N ASP F 77 6.69 37.32 -5.08
CA ASP F 77 6.23 36.15 -5.81
C ASP F 77 6.51 36.28 -7.31
N THR F 78 6.11 37.40 -7.90
CA THR F 78 6.21 37.60 -9.35
C THR F 78 7.58 38.17 -9.69
N ASP F 79 8.53 37.28 -9.93
CA ASP F 79 9.87 37.72 -10.32
C ASP F 79 9.87 38.22 -11.77
N SER F 80 10.81 39.12 -12.06
CA SER F 80 10.98 39.62 -13.43
C SER F 80 12.45 39.70 -13.82
N GLU F 81 13.33 39.04 -13.08
CA GLU F 81 14.74 38.95 -13.41
C GLU F 81 15.19 37.52 -13.67
N GLU F 82 14.77 36.57 -12.85
CA GLU F 82 15.08 35.17 -13.12
C GLU F 82 14.39 34.69 -14.40
N GLU F 83 13.13 35.06 -14.60
CA GLU F 83 12.43 34.67 -15.83
C GLU F 83 12.98 35.38 -17.05
N ILE F 84 13.73 36.46 -16.87
CA ILE F 84 14.36 37.15 -17.99
C ILE F 84 15.72 36.55 -18.30
N ARG F 85 16.48 36.18 -17.27
CA ARG F 85 17.76 35.51 -17.48
C ARG F 85 17.59 34.07 -17.95
N GLU F 86 16.45 33.44 -17.66
CA GLU F 86 16.20 32.09 -18.15
C GLU F 86 15.62 32.07 -19.56
N ALA F 87 15.27 33.23 -20.10
CA ALA F 87 14.97 33.37 -21.53
C ALA F 87 16.22 33.65 -22.34
N PHE F 88 17.37 33.69 -21.69
CA PHE F 88 18.67 33.86 -22.33
C PHE F 88 19.35 32.55 -22.64
N ARG F 89 19.27 31.58 -21.72
CA ARG F 89 19.90 30.28 -21.95
C ARG F 89 19.20 29.50 -23.05
N VAL F 90 17.88 29.65 -23.19
CA VAL F 90 17.15 28.92 -24.21
C VAL F 90 17.61 29.33 -25.60
N PHE F 91 17.72 30.64 -25.84
CA PHE F 91 18.21 31.12 -27.12
C PHE F 91 19.69 30.83 -27.30
N ASP F 92 20.44 30.67 -26.21
CA ASP F 92 21.90 30.59 -26.25
C ASP F 92 22.31 29.18 -26.65
N LYS F 93 22.33 28.94 -27.96
CA LYS F 93 22.94 27.74 -28.51
C LYS F 93 24.40 27.95 -28.90
N ASP F 94 24.91 29.18 -28.75
CA ASP F 94 26.31 29.45 -29.06
C ASP F 94 27.25 28.70 -28.13
N GLY F 95 26.89 28.62 -26.85
CA GLY F 95 27.74 28.02 -25.83
C GLY F 95 28.52 29.03 -25.01
N ASN F 96 28.67 30.25 -25.50
CA ASN F 96 29.34 31.33 -24.79
C ASN F 96 28.30 32.35 -24.33
N GLY F 97 28.77 33.43 -23.72
CA GLY F 97 27.88 34.47 -23.26
C GLY F 97 27.48 35.45 -24.35
N TYR F 98 26.99 34.93 -25.47
CA TYR F 98 26.63 35.78 -26.60
C TYR F 98 25.57 35.08 -27.43
N ILE F 99 24.87 35.88 -28.24
CA ILE F 99 23.83 35.38 -29.13
C ILE F 99 24.23 35.73 -30.57
N SER F 100 24.26 34.73 -31.43
CA SER F 100 24.62 34.93 -32.82
C SER F 100 23.37 35.15 -33.68
N ALA F 101 23.59 35.62 -34.91
CA ALA F 101 22.48 35.92 -35.80
C ALA F 101 21.71 34.67 -36.19
N ALA F 102 22.41 33.57 -36.46
CA ALA F 102 21.75 32.35 -36.91
C ALA F 102 20.82 31.79 -35.85
N GLU F 103 21.25 31.84 -34.58
CA GLU F 103 20.41 31.33 -33.49
C GLU F 103 19.10 32.08 -33.42
N LEU F 104 19.17 33.42 -33.37
CA LEU F 104 17.95 34.22 -33.33
C LEU F 104 17.10 33.98 -34.57
N ARG F 105 17.73 33.89 -35.74
CA ARG F 105 16.99 33.68 -36.98
C ARG F 105 16.18 32.39 -36.92
N HIS F 106 16.82 31.28 -36.60
CA HIS F 106 16.10 30.01 -36.66
C HIS F 106 15.23 29.77 -35.45
N VAL F 107 15.37 30.55 -34.38
CA VAL F 107 14.53 30.33 -33.20
C VAL F 107 13.33 31.28 -33.23
N MET F 108 13.43 32.37 -33.98
CA MET F 108 12.35 33.36 -33.99
C MET F 108 11.60 33.44 -35.31
N THR F 109 12.31 33.39 -36.44
CA THR F 109 11.62 33.45 -37.73
C THR F 109 10.76 32.23 -38.01
N ASN F 110 10.91 31.16 -37.23
CA ASN F 110 10.12 29.96 -37.38
C ASN F 110 9.06 29.79 -36.28
N LEU F 111 9.46 29.92 -35.02
CA LEU F 111 8.56 29.68 -33.92
C LEU F 111 7.53 30.81 -33.80
N GLY F 112 6.37 30.46 -33.25
CA GLY F 112 5.29 31.43 -33.12
C GLY F 112 4.86 31.95 -34.48
N GLU F 113 4.68 33.27 -34.56
CA GLU F 113 4.37 33.92 -35.83
C GLU F 113 5.67 34.10 -36.61
N LYS F 114 5.70 33.58 -37.85
CA LYS F 114 6.92 33.60 -38.64
C LYS F 114 7.36 35.04 -38.89
N LEU F 115 8.64 35.32 -38.64
CA LEU F 115 9.21 36.63 -38.85
C LEU F 115 9.83 36.70 -40.25
N THR F 116 10.58 37.76 -40.52
CA THR F 116 11.25 37.96 -41.80
C THR F 116 12.74 38.17 -41.58
N ASP F 117 13.52 37.90 -42.63
CA ASP F 117 14.96 38.07 -42.55
C ASP F 117 15.32 39.53 -42.31
N GLU F 118 14.63 40.45 -42.98
CA GLU F 118 14.90 41.88 -42.79
C GLU F 118 14.58 42.29 -41.35
N GLU F 119 13.46 41.82 -40.80
CA GLU F 119 13.11 42.16 -39.42
C GLU F 119 14.12 41.59 -38.44
N VAL F 120 14.57 40.35 -38.67
CA VAL F 120 15.57 39.75 -37.80
C VAL F 120 16.88 40.54 -37.85
N ASP F 121 17.29 40.94 -39.06
CA ASP F 121 18.51 41.72 -39.20
C ASP F 121 18.38 43.08 -38.51
N GLU F 122 17.23 43.72 -38.64
CA GLU F 122 17.01 45.00 -37.97
C GLU F 122 17.06 44.84 -36.45
N MET F 123 16.44 43.77 -35.93
CA MET F 123 16.48 43.53 -34.50
C MET F 123 17.90 43.27 -34.02
N ILE F 124 18.68 42.50 -34.79
CA ILE F 124 20.06 42.22 -34.43
C ILE F 124 20.88 43.50 -34.43
N ARG F 125 20.69 44.35 -35.44
CA ARG F 125 21.41 45.62 -35.50
C ARG F 125 21.05 46.52 -34.33
N GLU F 126 19.76 46.57 -33.98
CA GLU F 126 19.34 47.39 -32.84
C GLU F 126 19.92 46.87 -31.53
N ALA F 127 19.94 45.55 -31.35
CA ALA F 127 20.47 44.97 -30.12
C ALA F 127 21.98 45.17 -30.02
N ASP F 128 22.69 45.09 -31.15
CA ASP F 128 24.14 45.21 -31.17
C ASP F 128 24.52 46.67 -31.01
N ILE F 129 24.59 47.09 -29.75
CA ILE F 129 24.99 48.47 -29.44
C ILE F 129 26.42 48.72 -29.89
N ASP F 130 27.32 47.77 -29.63
CA ASP F 130 28.71 47.90 -30.04
C ASP F 130 28.93 47.64 -31.53
N GLY F 131 27.91 47.14 -32.23
CA GLY F 131 28.03 46.84 -33.64
C GLY F 131 28.54 45.46 -33.96
N ASP F 132 28.96 44.68 -32.97
CA ASP F 132 29.43 43.33 -33.21
C ASP F 132 28.27 42.40 -33.51
N GLY F 133 28.57 41.32 -34.23
CA GLY F 133 27.52 40.37 -34.59
C GLY F 133 26.88 39.72 -33.37
N GLN F 134 27.69 39.34 -32.39
CA GLN F 134 27.15 38.70 -31.20
C GLN F 134 26.44 39.72 -30.31
N VAL F 135 25.50 39.22 -29.51
CA VAL F 135 24.72 40.04 -28.60
C VAL F 135 25.02 39.59 -27.17
N ASN F 136 25.50 40.51 -26.34
CA ASN F 136 25.84 40.19 -24.97
C ASN F 136 24.58 40.25 -24.09
N TYR F 137 24.73 39.75 -22.86
CA TYR F 137 23.61 39.75 -21.93
C TYR F 137 23.21 41.15 -21.50
N GLU F 138 24.16 42.09 -21.47
CA GLU F 138 23.83 43.45 -21.08
C GLU F 138 22.84 44.10 -22.05
N GLU F 139 23.14 44.03 -23.34
CA GLU F 139 22.22 44.57 -24.34
C GLU F 139 20.91 43.81 -24.36
N PHE F 140 20.95 42.51 -24.10
CA PHE F 140 19.74 41.69 -24.04
C PHE F 140 18.80 42.19 -22.94
N VAL F 141 19.34 42.34 -21.72
CA VAL F 141 18.53 42.82 -20.60
C VAL F 141 18.08 44.25 -20.85
N GLN F 142 18.93 45.08 -21.44
CA GLN F 142 18.56 46.46 -21.73
C GLN F 142 17.39 46.50 -22.73
N MET F 143 17.45 45.68 -23.78
CA MET F 143 16.38 45.65 -24.76
C MET F 143 15.07 45.20 -24.14
N MET F 144 15.12 44.16 -23.30
CA MET F 144 13.87 43.70 -22.69
C MET F 144 13.32 44.68 -21.67
N THR F 145 14.19 45.36 -20.92
CA THR F 145 13.70 46.32 -19.93
C THR F 145 13.14 47.57 -20.58
N ALA F 146 13.85 48.11 -21.58
CA ALA F 146 13.44 49.31 -22.29
C ALA F 146 13.17 50.47 -21.34
N ASP G 1 26.58 -9.48 49.58
CA ASP G 1 25.67 -8.72 48.73
C ASP G 1 24.23 -8.88 49.22
N GLN G 2 23.46 -7.80 49.14
CA GLN G 2 22.07 -7.80 49.58
C GLN G 2 21.13 -8.47 48.58
N LEU G 3 21.58 -8.72 47.36
CA LEU G 3 20.73 -9.35 46.36
C LEU G 3 20.59 -10.84 46.63
N THR G 4 19.50 -11.42 46.14
CA THR G 4 19.24 -12.84 46.29
C THR G 4 19.94 -13.61 45.18
N GLU G 5 19.73 -14.93 45.12
CA GLU G 5 20.37 -15.74 44.09
C GLU G 5 19.72 -15.54 42.72
N GLU G 6 18.39 -15.45 42.68
CA GLU G 6 17.69 -15.35 41.41
C GLU G 6 18.07 -14.07 40.67
N GLN G 7 18.19 -12.95 41.40
CA GLN G 7 18.57 -11.70 40.77
C GLN G 7 19.99 -11.77 40.22
N ILE G 8 20.91 -12.40 40.97
CA ILE G 8 22.28 -12.56 40.49
C ILE G 8 22.30 -13.41 39.23
N ALA G 9 21.51 -14.49 39.21
CA ALA G 9 21.46 -15.33 38.01
C ALA G 9 20.91 -14.56 36.82
N GLU G 10 19.86 -13.76 37.03
CA GLU G 10 19.30 -13.00 35.93
C GLU G 10 20.30 -11.98 35.39
N PHE G 11 21.02 -11.30 36.28
CA PHE G 11 22.00 -10.31 35.84
C PHE G 11 23.17 -10.98 35.13
N LYS G 12 23.59 -12.16 35.60
CA LYS G 12 24.65 -12.89 34.90
C LYS G 12 24.20 -13.32 33.52
N GLU G 13 22.94 -13.76 33.39
CA GLU G 13 22.42 -14.14 32.08
C GLU G 13 22.35 -12.93 31.16
N ALA G 14 21.97 -11.76 31.69
CA ALA G 14 21.98 -10.55 30.88
C ALA G 14 23.40 -10.17 30.45
N PHE G 15 24.37 -10.35 31.34
CA PHE G 15 25.76 -10.06 31.01
C PHE G 15 26.28 -10.99 29.92
N SER G 16 25.87 -12.26 29.96
CA SER G 16 26.34 -13.23 28.97
C SER G 16 25.91 -12.86 27.55
N LEU G 17 24.89 -12.03 27.39
CA LEU G 17 24.51 -11.56 26.06
C LEU G 17 25.63 -10.72 25.45
N PHE G 18 26.26 -9.86 26.25
CA PHE G 18 27.33 -9.01 25.77
C PHE G 18 28.68 -9.70 25.79
N ASP G 19 28.95 -10.54 26.79
CA ASP G 19 30.22 -11.26 26.87
C ASP G 19 30.06 -12.66 26.30
N LYS G 20 29.84 -12.71 24.98
CA LYS G 20 29.63 -13.99 24.31
C LYS G 20 30.92 -14.79 24.19
N ASP G 21 32.07 -14.10 24.07
CA ASP G 21 33.34 -14.80 23.90
C ASP G 21 33.75 -15.57 25.16
N GLY G 22 33.21 -15.21 26.32
CA GLY G 22 33.54 -15.91 27.55
C GLY G 22 34.81 -15.47 28.22
N ASP G 23 35.44 -14.38 27.75
CA ASP G 23 36.67 -13.91 28.38
C ASP G 23 36.44 -13.39 29.79
N GLY G 24 35.24 -12.88 30.07
CA GLY G 24 34.95 -12.27 31.35
C GLY G 24 34.98 -10.76 31.34
N THR G 25 35.22 -10.14 30.18
CA THR G 25 35.25 -8.69 30.05
C THR G 25 34.60 -8.29 28.74
N ILE G 26 34.10 -7.06 28.69
CA ILE G 26 33.46 -6.50 27.51
C ILE G 26 34.43 -5.54 26.83
N THR G 27 34.64 -5.73 25.53
CA THR G 27 35.51 -4.87 24.74
C THR G 27 34.69 -4.12 23.70
N THR G 28 35.37 -3.29 22.91
CA THR G 28 34.68 -2.45 21.94
C THR G 28 34.00 -3.27 20.85
N LYS G 29 34.64 -4.35 20.41
CA LYS G 29 34.10 -5.12 19.28
C LYS G 29 32.76 -5.76 19.60
N GLU G 30 32.62 -6.29 20.82
CA GLU G 30 31.39 -6.99 21.18
C GLU G 30 30.21 -6.02 21.26
N LEU G 31 30.42 -4.86 21.91
CA LEU G 31 29.37 -3.85 21.96
C LEU G 31 29.06 -3.34 20.55
N GLY G 32 30.09 -3.18 19.72
CA GLY G 32 29.86 -2.72 18.36
C GLY G 32 29.01 -3.70 17.56
N THR G 33 29.29 -5.00 17.69
CA THR G 33 28.51 -5.97 16.92
C THR G 33 27.10 -6.12 17.47
N VAL G 34 26.91 -5.95 18.79
CA VAL G 34 25.55 -5.95 19.32
C VAL G 34 24.77 -4.77 18.77
N MET G 35 25.39 -3.58 18.73
CA MET G 35 24.71 -2.42 18.18
C MET G 35 24.45 -2.58 16.68
N ARG G 36 25.37 -3.23 15.97
CA ARG G 36 25.12 -3.54 14.56
C ARG G 36 23.91 -4.44 14.40
N SER G 37 23.79 -5.46 15.26
CA SER G 37 22.62 -6.33 15.21
C SER G 37 21.34 -5.56 15.49
N LEU G 38 21.40 -4.63 16.44
CA LEU G 38 20.20 -3.85 16.78
C LEU G 38 19.79 -2.89 15.67
N GLY G 39 20.72 -2.49 14.81
CA GLY G 39 20.35 -1.64 13.68
C GLY G 39 21.19 -0.39 13.53
N GLN G 40 21.84 0.05 14.60
CA GLN G 40 22.67 1.25 14.54
C GLN G 40 24.04 0.92 13.96
N ASN G 41 24.76 1.98 13.58
CA ASN G 41 26.11 1.86 13.03
C ASN G 41 27.02 2.84 13.77
N PRO G 42 27.44 2.49 14.99
CA PRO G 42 28.25 3.41 15.79
C PRO G 42 29.65 3.58 15.22
N THR G 43 30.26 4.72 15.57
CA THR G 43 31.63 5.02 15.20
C THR G 43 32.58 4.67 16.35
N GLU G 44 33.88 4.70 16.04
CA GLU G 44 34.88 4.30 17.02
C GLU G 44 34.87 5.22 18.23
N ALA G 45 34.78 6.53 18.00
CA ALA G 45 34.76 7.48 19.12
C ALA G 45 33.52 7.29 19.98
N GLU G 46 32.36 7.08 19.35
CA GLU G 46 31.14 6.86 20.11
C GLU G 46 31.22 5.59 20.95
N LEU G 47 31.75 4.51 20.36
CA LEU G 47 31.91 3.27 21.12
C LEU G 47 32.88 3.46 22.29
N GLN G 48 33.99 4.16 22.06
CA GLN G 48 34.94 4.40 23.13
C GLN G 48 34.32 5.22 24.26
N ASP G 49 33.54 6.25 23.91
CA ASP G 49 32.89 7.06 24.93
C ASP G 49 31.88 6.25 25.73
N MET G 50 31.06 5.45 25.03
CA MET G 50 30.04 4.67 25.71
C MET G 50 30.64 3.55 26.56
N ILE G 51 31.84 3.08 26.21
CA ILE G 51 32.49 2.05 27.00
C ILE G 51 33.36 2.62 28.11
N ASN G 52 33.72 3.90 28.04
CA ASN G 52 34.51 4.53 29.08
C ASN G 52 33.68 5.31 30.09
N GLU G 53 32.43 5.64 29.76
CA GLU G 53 31.58 6.35 30.71
C GLU G 53 31.17 5.49 31.91
N VAL G 54 31.41 4.19 31.87
CA VAL G 54 30.94 3.27 32.89
C VAL G 54 32.08 2.74 33.76
N ASP G 55 33.22 2.39 33.14
CA ASP G 55 34.31 1.77 33.87
C ASP G 55 34.91 2.74 34.88
N ALA G 56 35.30 2.21 36.03
CA ALA G 56 35.89 2.99 37.11
C ALA G 56 37.37 2.71 37.33
N ASP G 57 37.80 1.45 37.18
CA ASP G 57 39.21 1.13 37.38
C ASP G 57 40.08 1.78 36.30
N GLY G 58 39.60 1.81 35.06
CA GLY G 58 40.33 2.41 33.96
C GLY G 58 41.11 1.45 33.11
N ASN G 59 40.92 0.14 33.26
CA ASN G 59 41.65 -0.84 32.47
C ASN G 59 41.18 -0.91 31.03
N GLY G 60 40.08 -0.25 30.69
CA GLY G 60 39.54 -0.30 29.34
C GLY G 60 38.51 -1.38 29.09
N THR G 61 38.23 -2.22 30.08
CA THR G 61 37.25 -3.29 29.95
C THR G 61 36.23 -3.18 31.08
N ILE G 62 35.04 -3.74 30.83
CA ILE G 62 33.94 -3.72 31.78
C ILE G 62 33.62 -5.15 32.18
N ASP G 63 33.59 -5.41 33.48
CA ASP G 63 33.27 -6.72 34.02
C ASP G 63 32.02 -6.62 34.90
N PHE G 64 31.69 -7.74 35.56
CA PHE G 64 30.45 -7.80 36.33
C PHE G 64 30.38 -6.78 37.45
N PRO G 65 31.41 -6.57 38.28
CA PRO G 65 31.29 -5.54 39.33
C PRO G 65 31.05 -4.14 38.79
N GLU G 66 31.56 -3.82 37.60
CA GLU G 66 31.30 -2.53 36.98
C GLU G 66 30.11 -2.56 36.05
N PHE G 67 29.44 -3.71 35.90
CA PHE G 67 28.23 -3.84 35.10
C PHE G 67 26.97 -3.83 35.94
N LEU G 68 27.02 -4.42 37.14
CA LEU G 68 25.87 -4.41 38.02
C LEU G 68 25.50 -2.99 38.43
N THR G 69 26.51 -2.15 38.69
CA THR G 69 26.25 -0.76 39.04
C THR G 69 25.53 -0.03 37.91
N MET G 70 25.96 -0.25 36.67
CA MET G 70 25.29 0.38 35.53
C MET G 70 23.87 -0.16 35.37
N MET G 71 23.68 -1.47 35.56
CA MET G 71 22.35 -2.04 35.43
C MET G 71 21.40 -1.59 36.52
N ALA G 72 21.94 -1.19 37.68
CA ALA G 72 21.08 -0.69 38.76
C ALA G 72 20.45 0.65 38.43
N ARG G 73 20.88 1.32 37.36
CA ARG G 73 20.36 2.62 37.00
C ARG G 73 19.41 2.61 35.80
N LYS G 74 19.60 1.68 34.87
CA LYS G 74 18.76 1.62 33.68
C LYS G 74 17.38 1.03 33.96
N MET G 75 17.18 0.38 35.10
CA MET G 75 15.88 -0.22 35.39
C MET G 75 14.84 0.82 35.74
N LYS G 76 15.21 1.81 36.55
CA LYS G 76 14.25 2.82 36.98
C LYS G 76 13.85 3.71 35.80
N ASP G 77 12.63 4.25 35.87
CA ASP G 77 12.10 5.04 34.78
C ASP G 77 12.57 6.48 34.83
N THR G 78 12.42 7.12 35.99
CA THR G 78 12.72 8.55 36.14
C THR G 78 14.19 8.71 36.51
N ASP G 79 15.03 8.86 35.50
CA ASP G 79 16.46 9.10 35.73
C ASP G 79 16.69 10.53 36.21
N SER G 80 17.80 10.71 36.94
CA SER G 80 18.19 12.04 37.39
C SER G 80 19.70 12.26 37.24
N GLU G 81 20.38 11.41 36.48
CA GLU G 81 21.79 11.58 36.19
C GLU G 81 22.06 11.78 34.71
N GLU G 82 21.39 11.02 33.85
CA GLU G 82 21.52 11.24 32.41
C GLU G 82 20.95 12.60 32.01
N GLU G 83 19.80 12.97 32.59
CA GLU G 83 19.21 14.27 32.29
C GLU G 83 20.00 15.42 32.88
N ILE G 84 20.88 15.15 33.85
CA ILE G 84 21.76 16.17 34.38
C ILE G 84 23.03 16.30 33.54
N ARG G 85 23.57 15.16 33.09
CA ARG G 85 24.75 15.21 32.22
C ARG G 85 24.41 15.70 30.81
N GLU G 86 23.16 15.56 30.38
CA GLU G 86 22.76 16.07 29.08
C GLU G 86 22.34 17.54 29.12
N ALA G 87 22.24 18.13 30.31
CA ALA G 87 22.13 19.58 30.46
C ALA G 87 23.49 20.23 30.56
N PHE G 88 24.56 19.45 30.42
CA PHE G 88 25.93 19.92 30.40
C PHE G 88 26.46 20.14 28.99
N ARG G 89 26.13 19.23 28.07
CA ARG G 89 26.59 19.37 26.69
C ARG G 89 25.91 20.53 25.98
N VAL G 90 24.65 20.81 26.32
CA VAL G 90 23.92 21.91 25.68
C VAL G 90 24.60 23.24 25.99
N PHE G 91 24.95 23.45 27.26
CA PHE G 91 25.63 24.68 27.64
C PHE G 91 27.07 24.71 27.14
N ASP G 92 27.67 23.54 26.91
CA ASP G 92 29.09 23.44 26.62
C ASP G 92 29.34 23.79 25.15
N LYS G 93 29.49 25.09 24.90
CA LYS G 93 29.96 25.58 23.61
C LYS G 93 31.47 25.80 23.61
N ASP G 94 32.13 25.58 24.75
CA ASP G 94 33.59 25.73 24.81
C ASP G 94 34.29 24.69 23.95
N GLY G 95 33.78 23.46 23.94
CA GLY G 95 34.40 22.36 23.24
C GLY G 95 35.22 21.45 24.13
N ASN G 96 35.61 21.92 25.32
CA ASN G 96 36.33 21.13 26.30
C ASN G 96 35.41 20.80 27.46
N GLY G 97 35.95 20.14 28.48
CA GLY G 97 35.18 19.78 29.64
C GLY G 97 35.06 20.90 30.65
N TYR G 98 34.63 22.08 30.19
CA TYR G 98 34.53 23.24 31.07
C TYR G 98 33.49 24.20 30.51
N ILE G 99 33.01 25.08 31.39
CA ILE G 99 32.02 26.09 31.03
C ILE G 99 32.63 27.47 31.31
N SER G 100 32.61 28.33 30.29
CA SER G 100 33.16 29.67 30.42
C SER G 100 32.06 30.66 30.81
N ALA G 101 32.48 31.86 31.19
CA ALA G 101 31.53 32.88 31.64
C ALA G 101 30.62 33.34 30.51
N ALA G 102 31.16 33.50 29.30
CA ALA G 102 30.36 34.02 28.20
C ALA G 102 29.23 33.04 27.83
N GLU G 103 29.52 31.75 27.86
CA GLU G 103 28.50 30.75 27.53
C GLU G 103 27.31 30.86 28.50
N LEU G 104 27.60 30.82 29.80
CA LEU G 104 26.54 30.95 30.79
C LEU G 104 25.81 32.28 30.64
N ARG G 105 26.55 33.36 30.39
CA ARG G 105 25.93 34.66 30.26
C ARG G 105 24.92 34.68 29.13
N HIS G 106 25.33 34.26 27.94
CA HIS G 106 24.41 34.38 26.80
C HIS G 106 23.41 33.24 26.73
N VAL G 107 23.53 32.21 27.58
CA VAL G 107 22.53 31.14 27.57
C VAL G 107 21.48 31.37 28.64
N MET G 108 21.84 32.08 29.71
CA MET G 108 20.93 32.29 30.82
C MET G 108 20.38 33.71 30.91
N THR G 109 21.20 34.73 30.71
CA THR G 109 20.72 36.10 30.81
C THR G 109 19.75 36.46 29.70
N ASN G 110 19.63 35.64 28.66
CA ASN G 110 18.73 35.88 27.56
C ASN G 110 17.54 34.92 27.55
N LEU G 111 17.80 33.61 27.64
CA LEU G 111 16.73 32.63 27.54
C LEU G 111 15.88 32.64 28.80
N GLY G 112 14.61 32.24 28.64
CA GLY G 112 13.68 32.25 29.76
C GLY G 112 13.50 33.65 30.31
N GLU G 113 13.53 33.75 31.64
CA GLU G 113 13.48 35.05 32.30
C GLU G 113 14.88 35.67 32.28
N LYS G 114 14.99 36.87 31.73
CA LYS G 114 16.29 37.51 31.57
C LYS G 114 16.95 37.73 32.92
N LEU G 115 18.22 37.32 33.02
CA LEU G 115 19.00 37.48 34.24
C LEU G 115 19.79 38.79 34.17
N THR G 116 20.71 38.97 35.10
CA THR G 116 21.54 40.16 35.17
C THR G 116 23.01 39.77 35.17
N ASP G 117 23.85 40.72 34.78
CA ASP G 117 25.29 40.47 34.75
C ASP G 117 25.83 40.19 36.14
N GLU G 118 25.36 40.94 37.15
CA GLU G 118 25.80 40.69 38.51
C GLU G 118 25.39 39.31 38.99
N GLU G 119 24.16 38.90 38.68
CA GLU G 119 23.69 37.57 39.08
C GLU G 119 24.50 36.48 38.38
N VAL G 120 24.80 36.66 37.10
CA VAL G 120 25.60 35.68 36.36
C VAL G 120 27.01 35.59 36.97
N ASP G 121 27.61 36.74 37.29
CA ASP G 121 28.93 36.73 37.90
C ASP G 121 28.91 36.05 39.26
N GLU G 122 27.88 36.30 40.06
CA GLU G 122 27.76 35.65 41.36
C GLU G 122 27.62 34.15 41.21
N MET G 123 26.81 33.70 40.24
CA MET G 123 26.66 32.27 40.01
C MET G 123 27.97 31.64 39.56
N ILE G 124 28.71 32.33 38.69
CA ILE G 124 30.00 31.81 38.24
C ILE G 124 30.98 31.71 39.40
N ARG G 125 31.02 32.73 40.25
CA ARG G 125 31.91 32.71 41.41
C ARG G 125 31.54 31.59 42.36
N GLU G 126 30.24 31.37 42.60
CA GLU G 126 29.81 30.31 43.48
C GLU G 126 30.15 28.93 42.91
N ALA G 127 29.97 28.75 41.60
CA ALA G 127 30.26 27.47 40.97
C ALA G 127 31.77 27.20 40.95
N ASP G 128 32.58 28.25 40.76
CA ASP G 128 34.03 28.10 40.67
C ASP G 128 34.58 27.88 42.08
N ILE G 129 34.58 26.61 42.49
CA ILE G 129 35.13 26.26 43.80
C ILE G 129 36.62 26.54 43.84
N ASP G 130 37.33 26.18 42.78
CA ASP G 130 38.77 26.43 42.70
C ASP G 130 39.11 27.88 42.37
N GLY G 131 38.12 28.69 42.02
CA GLY G 131 38.35 30.08 41.67
C GLY G 131 38.69 30.34 40.22
N ASP G 132 38.88 29.29 39.43
CA ASP G 132 39.18 29.47 38.00
C ASP G 132 37.93 29.91 37.25
N GLY G 133 38.15 30.59 36.12
CA GLY G 133 37.02 31.06 35.33
C GLY G 133 36.14 29.94 34.81
N GLN G 134 36.77 28.86 34.33
CA GLN G 134 36.02 27.74 33.80
C GLN G 134 35.36 26.95 34.92
N VAL G 135 34.28 26.25 34.59
CA VAL G 135 33.51 25.44 35.54
C VAL G 135 33.57 23.99 35.06
N ASN G 136 34.09 23.11 35.92
CA ASN G 136 34.21 21.70 35.57
C ASN G 136 32.89 20.98 35.82
N TYR G 137 32.81 19.74 35.32
CA TYR G 137 31.60 18.95 35.48
C TYR G 137 31.34 18.58 36.93
N GLU G 138 32.40 18.41 37.73
CA GLU G 138 32.21 18.06 39.14
C GLU G 138 31.45 19.16 39.87
N GLU G 139 31.88 20.42 39.70
CA GLU G 139 31.18 21.53 40.33
C GLU G 139 29.77 21.69 39.79
N PHE G 140 29.57 21.42 38.50
CA PHE G 140 28.24 21.49 37.90
C PHE G 140 27.29 20.49 38.57
N VAL G 141 27.72 19.23 38.66
CA VAL G 141 26.90 18.19 39.27
C VAL G 141 26.65 18.50 40.74
N GLN G 142 27.69 18.97 41.45
CA GLN G 142 27.53 19.31 42.86
C GLN G 142 26.54 20.45 43.04
N MET G 143 26.61 21.48 42.19
CA MET G 143 25.69 22.60 42.31
C MET G 143 24.25 22.16 42.08
N MET G 144 24.01 21.35 41.05
CA MET G 144 22.62 20.96 40.81
C MET G 144 22.12 19.92 41.80
N THR G 145 23.01 19.10 42.36
CA THR G 145 22.57 18.13 43.36
C THR G 145 22.26 18.81 44.70
N ALA G 146 23.12 19.74 45.13
CA ALA G 146 22.96 20.45 46.39
C ALA G 146 22.80 19.50 47.57
N ASP H 1 18.78 -52.44 -12.36
CA ASP H 1 18.09 -51.49 -11.49
C ASP H 1 16.59 -51.79 -11.42
N GLN H 2 16.01 -51.62 -10.23
CA GLN H 2 14.60 -51.89 -10.03
C GLN H 2 13.70 -50.77 -10.57
N LEU H 3 14.25 -49.62 -10.89
CA LEU H 3 13.45 -48.52 -11.42
C LEU H 3 13.06 -48.78 -12.87
N THR H 4 11.96 -48.16 -13.28
CA THR H 4 11.47 -48.28 -14.65
C THR H 4 12.17 -47.24 -15.53
N GLU H 5 11.76 -47.16 -16.80
CA GLU H 5 12.40 -46.22 -17.72
C GLU H 5 11.96 -44.79 -17.46
N GLU H 6 10.67 -44.57 -17.17
CA GLU H 6 10.16 -43.23 -16.99
C GLU H 6 10.81 -42.54 -15.79
N GLN H 7 10.98 -43.27 -14.69
CA GLN H 7 11.63 -42.70 -13.52
C GLN H 7 13.08 -42.33 -13.82
N ILE H 8 13.79 -43.18 -14.55
CA ILE H 8 15.17 -42.88 -14.92
C ILE H 8 15.23 -41.63 -15.78
N ALA H 9 14.30 -41.51 -16.74
CA ALA H 9 14.26 -40.33 -17.59
C ALA H 9 13.99 -39.07 -16.77
N GLU H 10 13.05 -39.14 -15.83
CA GLU H 10 12.75 -37.98 -15.00
C GLU H 10 13.94 -37.58 -14.15
N PHE H 11 14.64 -38.55 -13.57
CA PHE H 11 15.80 -38.23 -12.75
C PHE H 11 16.94 -37.67 -13.59
N LYS H 12 17.12 -38.18 -14.80
CA LYS H 12 18.14 -37.63 -15.70
C LYS H 12 17.79 -36.19 -16.09
N GLU H 13 16.51 -35.92 -16.35
CA GLU H 13 16.10 -34.55 -16.66
C GLU H 13 16.33 -33.62 -15.47
N ALA H 14 16.06 -34.10 -14.26
CA ALA H 14 16.34 -33.30 -13.07
C ALA H 14 17.85 -33.05 -12.91
N PHE H 15 18.67 -34.06 -13.21
CA PHE H 15 20.12 -33.90 -13.13
C PHE H 15 20.63 -32.88 -14.14
N SER H 16 20.03 -32.87 -15.34
CA SER H 16 20.47 -31.94 -16.38
C SER H 16 20.28 -30.48 -15.99
N LEU H 17 19.40 -30.20 -15.02
CA LEU H 17 19.26 -28.84 -14.52
C LEU H 17 20.55 -28.35 -13.86
N PHE H 18 21.20 -29.23 -13.09
CA PHE H 18 22.44 -28.89 -12.41
C PHE H 18 23.66 -29.06 -13.30
N ASP H 19 23.68 -30.08 -14.14
CA ASP H 19 24.81 -30.32 -15.04
C ASP H 19 24.51 -29.74 -16.41
N LYS H 20 24.45 -28.40 -16.46
CA LYS H 20 24.14 -27.71 -17.70
C LYS H 20 25.30 -27.74 -18.68
N ASP H 21 26.54 -27.76 -18.18
CA ASP H 21 27.70 -27.76 -19.06
C ASP H 21 27.84 -29.05 -19.87
N GLY H 22 27.22 -30.13 -19.41
CA GLY H 22 27.29 -31.39 -20.13
C GLY H 22 28.53 -32.22 -19.86
N ASP H 23 29.35 -31.84 -18.87
CA ASP H 23 30.56 -32.60 -18.60
C ASP H 23 30.24 -33.98 -18.03
N GLY H 24 29.11 -34.11 -17.33
CA GLY H 24 28.76 -35.34 -16.66
C GLY H 24 29.02 -35.33 -15.16
N THR H 25 29.48 -34.22 -14.61
CA THR H 25 29.76 -34.09 -13.18
C THR H 25 29.32 -32.71 -12.71
N ILE H 26 29.03 -32.60 -11.42
CA ILE H 26 28.62 -31.35 -10.80
C ILE H 26 29.79 -30.80 -10.00
N THR H 27 30.13 -29.53 -10.23
CA THR H 27 31.20 -28.85 -9.54
C THR H 27 30.63 -27.71 -8.69
N THR H 28 31.51 -27.01 -7.99
CA THR H 28 31.07 -25.96 -7.07
C THR H 28 30.41 -24.81 -7.81
N LYS H 29 30.94 -24.44 -8.97
CA LYS H 29 30.44 -23.25 -9.67
C LYS H 29 28.99 -23.41 -10.11
N GLU H 30 28.62 -24.61 -10.60
CA GLU H 30 27.27 -24.81 -11.09
C GLU H 30 26.25 -24.76 -9.95
N LEU H 31 26.55 -25.42 -8.84
CA LEU H 31 25.66 -25.34 -7.68
C LEU H 31 25.60 -23.91 -7.16
N GLY H 32 26.73 -23.21 -7.16
CA GLY H 32 26.73 -21.83 -6.70
C GLY H 32 25.85 -20.94 -7.56
N THR H 33 25.91 -21.10 -8.88
CA THR H 33 25.10 -20.24 -9.74
C THR H 33 23.63 -20.62 -9.68
N VAL H 34 23.31 -21.90 -9.46
CA VAL H 34 21.91 -22.27 -9.25
C VAL H 34 21.38 -21.62 -7.97
N MET H 35 22.17 -21.66 -6.89
CA MET H 35 21.75 -21.02 -5.65
C MET H 35 21.63 -19.51 -5.81
N ARG H 36 22.53 -18.90 -6.59
CA ARG H 36 22.42 -17.48 -6.89
C ARG H 36 21.11 -17.18 -7.60
N SER H 37 20.74 -18.02 -8.58
CA SER H 37 19.47 -17.82 -9.27
C SER H 37 18.29 -17.96 -8.31
N LEU H 38 18.38 -18.91 -7.37
CA LEU H 38 17.28 -19.10 -6.42
C LEU H 38 17.16 -17.95 -5.42
N GLY H 39 18.22 -17.18 -5.20
CA GLY H 39 18.13 -16.03 -4.32
C GLY H 39 19.15 -15.98 -3.21
N GLN H 40 19.72 -17.12 -2.85
CA GLN H 40 20.71 -17.17 -1.79
C GLN H 40 22.08 -16.75 -2.33
N ASN H 41 22.99 -16.46 -1.39
CA ASN H 41 24.36 -16.08 -1.70
C ASN H 41 25.30 -16.93 -0.86
N PRO H 42 25.52 -18.19 -1.24
CA PRO H 42 26.36 -19.08 -0.43
C PRO H 42 27.82 -18.69 -0.48
N THR H 43 28.55 -19.11 0.55
CA THR H 43 29.98 -18.91 0.65
C THR H 43 30.72 -20.16 0.18
N GLU H 44 32.04 -20.02 0.01
CA GLU H 44 32.85 -21.10 -0.51
C GLU H 44 32.83 -22.31 0.43
N ALA H 45 32.95 -22.07 1.74
CA ALA H 45 32.94 -23.17 2.70
C ALA H 45 31.59 -23.88 2.71
N GLU H 46 30.50 -23.11 2.65
CA GLU H 46 29.18 -23.72 2.62
C GLU H 46 28.98 -24.56 1.37
N LEU H 47 29.41 -24.05 0.21
CA LEU H 47 29.30 -24.82 -1.02
C LEU H 47 30.12 -26.09 -0.95
N GLN H 48 31.34 -26.00 -0.42
CA GLN H 48 32.19 -27.19 -0.31
C GLN H 48 31.56 -28.23 0.61
N ASP H 49 31.00 -27.79 1.73
CA ASP H 49 30.36 -28.72 2.65
C ASP H 49 29.15 -29.39 2.00
N MET H 50 28.31 -28.60 1.32
CA MET H 50 27.10 -29.16 0.71
C MET H 50 27.43 -30.06 -0.46
N ILE H 51 28.58 -29.86 -1.11
CA ILE H 51 28.97 -30.73 -2.22
C ILE H 51 29.78 -31.93 -1.76
N ASN H 52 30.33 -31.90 -0.55
CA ASN H 52 31.08 -33.03 -0.02
C ASN H 52 30.26 -33.93 0.89
N GLU H 53 29.11 -33.45 1.39
CA GLU H 53 28.27 -34.30 2.23
C GLU H 53 27.61 -35.44 1.46
N VAL H 54 27.64 -35.42 0.14
CA VAL H 54 26.93 -36.39 -0.68
C VAL H 54 27.87 -37.38 -1.35
N ASP H 55 29.01 -36.91 -1.87
CA ASP H 55 29.89 -37.77 -2.63
C ASP H 55 30.51 -38.84 -1.74
N ALA H 56 30.68 -40.04 -2.30
CA ALA H 56 31.25 -41.17 -1.59
C ALA H 56 32.63 -41.57 -2.08
N ASP H 57 32.88 -41.49 -3.40
CA ASP H 57 34.19 -41.85 -3.92
C ASP H 57 35.27 -40.89 -3.44
N GLY H 58 34.96 -39.60 -3.35
CA GLY H 58 35.89 -38.60 -2.89
C GLY H 58 36.63 -37.85 -3.98
N ASN H 59 36.22 -37.98 -5.24
CA ASN H 59 36.88 -37.28 -6.32
C ASN H 59 36.58 -35.79 -6.35
N GLY H 60 35.64 -35.32 -5.54
CA GLY H 60 35.27 -33.92 -5.52
C GLY H 60 34.13 -33.54 -6.45
N THR H 61 33.61 -34.49 -7.23
CA THR H 61 32.51 -34.23 -8.15
C THR H 61 31.40 -35.23 -7.88
N ILE H 62 30.18 -34.85 -8.25
CA ILE H 62 28.99 -35.66 -8.04
C ILE H 62 28.41 -36.01 -9.40
N ASP H 63 28.19 -37.30 -9.64
CA ASP H 63 27.62 -37.80 -10.88
C ASP H 63 26.30 -38.52 -10.59
N PHE H 64 25.73 -39.12 -11.62
CA PHE H 64 24.41 -39.74 -11.49
C PHE H 64 24.35 -40.86 -10.45
N PRO H 65 25.30 -41.79 -10.39
CA PRO H 65 25.21 -42.82 -9.34
C PRO H 65 25.24 -42.26 -7.92
N GLU H 66 25.94 -41.14 -7.70
CA GLU H 66 25.94 -40.50 -6.40
C GLU H 66 24.88 -39.42 -6.27
N PHE H 67 24.08 -39.20 -7.31
CA PHE H 67 22.97 -38.25 -7.26
C PHE H 67 21.62 -38.93 -7.07
N LEU H 68 21.45 -40.13 -7.64
CA LEU H 68 20.21 -40.86 -7.43
C LEU H 68 20.00 -41.23 -5.97
N THR H 69 21.09 -41.60 -5.29
CA THR H 69 20.99 -41.92 -3.87
C THR H 69 20.53 -40.71 -3.07
N MET H 70 21.08 -39.53 -3.36
CA MET H 70 20.64 -38.33 -2.67
C MET H 70 19.19 -37.99 -2.99
N MET H 71 18.79 -38.14 -4.25
CA MET H 71 17.42 -37.84 -4.64
C MET H 71 16.42 -38.82 -4.04
N ALA H 72 16.85 -40.03 -3.71
CA ALA H 72 15.96 -40.99 -3.09
C ALA H 72 15.56 -40.61 -1.67
N ARG H 73 16.22 -39.61 -1.07
CA ARG H 73 15.95 -39.20 0.29
C ARG H 73 15.17 -37.89 0.40
N LYS H 74 15.34 -36.97 -0.55
CA LYS H 74 14.64 -35.69 -0.50
C LYS H 74 13.17 -35.80 -0.87
N MET H 75 12.74 -36.92 -1.47
CA MET H 75 11.35 -37.04 -1.89
C MET H 75 10.43 -37.27 -0.69
N LYS H 76 10.84 -38.12 0.25
CA LYS H 76 10.00 -38.42 1.39
C LYS H 76 9.87 -37.21 2.31
N ASP H 77 8.74 -37.13 3.01
CA ASP H 77 8.45 -35.98 3.84
C ASP H 77 9.12 -36.09 5.21
N THR H 78 8.92 -37.22 5.89
CA THR H 78 9.41 -37.40 7.26
C THR H 78 10.83 -37.95 7.22
N ASP H 79 11.80 -37.03 7.22
CA ASP H 79 13.20 -37.44 7.26
C ASP H 79 13.60 -37.93 8.64
N SER H 80 14.60 -38.81 8.67
CA SER H 80 15.14 -39.30 9.93
C SER H 80 16.67 -39.34 9.93
N GLU H 81 17.30 -38.66 8.98
CA GLU H 81 18.75 -38.54 8.93
C GLU H 81 19.22 -37.10 9.07
N GLU H 82 18.56 -36.16 8.39
CA GLU H 82 18.89 -34.75 8.57
C GLU H 82 18.57 -34.28 9.98
N GLU H 83 17.41 -34.70 10.51
CA GLU H 83 17.05 -34.33 11.88
C GLU H 83 17.92 -35.01 12.92
N ILE H 84 18.63 -36.07 12.54
CA ILE H 84 19.57 -36.73 13.45
C ILE H 84 20.93 -36.09 13.38
N ARG H 85 21.38 -35.70 12.19
CA ARG H 85 22.65 -34.99 12.05
C ARG H 85 22.57 -33.55 12.56
N GLU H 86 21.38 -32.95 12.58
CA GLU H 86 21.22 -31.62 13.13
C GLU H 86 21.02 -31.61 14.63
N ALA H 87 20.86 -32.77 15.26
CA ALA H 87 20.96 -32.90 16.70
C ALA H 87 22.37 -33.16 17.17
N PHE H 88 23.33 -33.16 16.23
CA PHE H 88 24.75 -33.31 16.50
C PHE H 88 25.46 -31.97 16.61
N ARG H 89 25.12 -31.01 15.74
CA ARG H 89 25.76 -29.70 15.79
C ARG H 89 25.34 -28.91 17.03
N VAL H 90 24.11 -29.10 17.51
CA VAL H 90 23.64 -28.37 18.68
C VAL H 90 24.47 -28.75 19.90
N PHE H 91 24.70 -30.04 20.11
CA PHE H 91 25.52 -30.48 21.23
C PHE H 91 26.99 -30.15 21.01
N ASP H 92 27.41 -30.05 19.75
CA ASP H 92 28.84 -29.93 19.41
C ASP H 92 29.32 -28.50 19.69
N LYS H 93 29.67 -28.27 20.95
CA LYS H 93 30.37 -27.05 21.34
C LYS H 93 31.89 -27.23 21.34
N ASP H 94 32.37 -28.45 21.05
CA ASP H 94 33.81 -28.69 20.99
C ASP H 94 34.44 -27.93 19.84
N GLY H 95 33.77 -27.86 18.70
CA GLY H 95 34.30 -27.25 17.51
C GLY H 95 34.86 -28.24 16.50
N ASN H 96 35.17 -29.45 16.93
CA ASN H 96 35.63 -30.53 16.06
C ASN H 96 34.53 -31.56 15.88
N GLY H 97 34.86 -32.63 15.18
CA GLY H 97 33.90 -33.69 14.96
C GLY H 97 33.81 -34.68 16.10
N TYR H 98 33.62 -34.16 17.31
CA TYR H 98 33.59 -35.02 18.49
C TYR H 98 32.79 -34.34 19.59
N ILE H 99 32.33 -35.14 20.56
CA ILE H 99 31.56 -34.67 21.70
C ILE H 99 32.33 -35.01 22.96
N SER H 100 32.56 -34.00 23.80
CA SER H 100 33.28 -34.19 25.05
C SER H 100 32.29 -34.45 26.20
N ALA H 101 32.84 -34.88 27.33
CA ALA H 101 32.00 -35.23 28.47
C ALA H 101 31.33 -34.00 29.07
N ALA H 102 32.05 -32.88 29.14
CA ALA H 102 31.50 -31.68 29.77
C ALA H 102 30.30 -31.14 29.00
N GLU H 103 30.37 -31.17 27.67
CA GLU H 103 29.25 -30.69 26.85
C GLU H 103 27.99 -31.50 27.14
N LEU H 104 28.09 -32.82 27.04
CA LEU H 104 26.93 -33.67 27.31
C LEU H 104 26.44 -33.46 28.74
N ARG H 105 27.36 -33.36 29.69
CA ARG H 105 26.96 -33.18 31.09
C ARG H 105 26.12 -31.92 31.27
N HIS H 106 26.63 -30.77 30.79
CA HIS H 106 25.91 -29.54 31.07
C HIS H 106 24.73 -29.32 30.13
N VAL H 107 24.59 -30.11 29.07
CA VAL H 107 23.46 -29.91 28.17
C VAL H 107 22.34 -30.89 28.51
N MET H 108 22.67 -32.02 29.14
CA MET H 108 21.67 -33.04 29.45
C MET H 108 21.31 -33.10 30.92
N THR H 109 22.27 -33.01 31.83
CA THR H 109 21.97 -33.07 33.25
C THR H 109 21.18 -31.86 33.74
N ASN H 110 21.09 -30.81 32.93
CA ASN H 110 20.35 -29.60 33.29
C ASN H 110 19.05 -29.46 32.51
N LEU H 111 19.11 -29.58 31.18
CA LEU H 111 17.92 -29.36 30.36
C LEU H 111 16.93 -30.51 30.51
N GLY H 112 15.66 -30.20 30.30
CA GLY H 112 14.61 -31.19 30.46
C GLY H 112 14.56 -31.73 31.87
N GLU H 113 14.46 -33.04 31.99
CA GLU H 113 14.52 -33.70 33.29
C GLU H 113 15.98 -33.85 33.70
N LYS H 114 16.32 -33.32 34.87
CA LYS H 114 17.71 -33.31 35.31
C LYS H 114 18.24 -34.74 35.44
N LEU H 115 19.41 -34.98 34.86
CA LEU H 115 20.05 -36.29 34.92
C LEU H 115 21.02 -36.33 36.11
N THR H 116 21.84 -37.37 36.16
CA THR H 116 22.82 -37.54 37.21
C THR H 116 24.21 -37.72 36.61
N ASP H 117 25.23 -37.41 37.42
CA ASP H 117 26.60 -37.56 36.96
C ASP H 117 26.93 -39.01 36.63
N GLU H 118 26.46 -39.95 37.46
CA GLU H 118 26.70 -41.36 37.19
C GLU H 118 26.03 -41.80 35.89
N GLU H 119 24.79 -41.34 35.66
CA GLU H 119 24.10 -41.70 34.43
C GLU H 119 24.80 -41.12 33.21
N VAL H 120 25.27 -39.87 33.32
CA VAL H 120 25.99 -39.24 32.21
C VAL H 120 27.28 -39.99 31.92
N ASP H 121 28.01 -40.37 32.98
CA ASP H 121 29.25 -41.13 32.78
C ASP H 121 28.97 -42.48 32.15
N GLU H 122 27.90 -43.16 32.58
CA GLU H 122 27.55 -44.44 31.98
C GLU H 122 27.20 -44.29 30.51
N MET H 123 26.43 -43.24 30.16
CA MET H 123 26.09 -43.00 28.78
C MET H 123 27.33 -42.70 27.94
N ILE H 124 28.26 -41.91 28.48
CA ILE H 124 29.49 -41.60 27.76
C ILE H 124 30.31 -42.86 27.54
N ARG H 125 30.41 -43.72 28.57
CA ARG H 125 31.15 -44.96 28.43
C ARG H 125 30.52 -45.88 27.39
N GLU H 126 29.19 -45.96 27.39
CA GLU H 126 28.50 -46.80 26.41
C GLU H 126 28.70 -46.26 25.00
N ALA H 127 28.64 -44.94 24.83
CA ALA H 127 28.82 -44.35 23.50
C ALA H 127 30.25 -44.51 23.00
N ASP H 128 31.23 -44.41 23.91
CA ASP H 128 32.64 -44.49 23.55
C ASP H 128 32.99 -45.95 23.27
N ILE H 129 32.74 -46.37 22.03
CA ILE H 129 33.08 -47.74 21.63
C ILE H 129 34.58 -47.96 21.68
N ASP H 130 35.36 -46.99 21.20
CA ASP H 130 36.81 -47.08 21.23
C ASP H 130 37.41 -46.80 22.61
N GLY H 131 36.60 -46.33 23.55
CA GLY H 131 37.08 -46.03 24.88
C GLY H 131 37.62 -44.63 25.07
N ASP H 132 37.75 -43.85 23.99
CA ASP H 132 38.23 -42.49 24.10
C ASP H 132 37.16 -41.58 24.71
N GLY H 133 37.61 -40.48 25.33
CA GLY H 133 36.67 -39.57 25.95
C GLY H 133 35.72 -38.93 24.96
N GLN H 134 36.23 -38.54 23.80
CA GLN H 134 35.39 -37.91 22.78
C GLN H 134 34.50 -38.96 22.11
N VAL H 135 33.36 -38.48 21.59
CA VAL H 135 32.39 -39.33 20.91
C VAL H 135 32.28 -38.87 19.46
N ASN H 136 32.55 -39.77 18.53
CA ASN H 136 32.51 -39.45 17.12
C ASN H 136 31.07 -39.54 16.59
N TYR H 137 30.87 -39.04 15.37
CA TYR H 137 29.55 -39.05 14.77
C TYR H 137 29.07 -40.46 14.47
N GLU H 138 29.99 -41.39 14.18
CA GLU H 138 29.60 -42.76 13.88
C GLU H 138 28.93 -43.41 15.09
N GLU H 139 29.55 -43.32 16.26
CA GLU H 139 28.95 -43.88 17.47
C GLU H 139 27.66 -43.14 17.83
N PHE H 140 27.59 -41.84 17.56
CA PHE H 140 26.39 -41.07 17.81
C PHE H 140 25.20 -41.60 16.99
N VAL H 141 25.41 -41.74 15.69
CA VAL H 141 24.36 -42.25 14.81
C VAL H 141 24.02 -43.69 15.17
N GLN H 142 25.02 -44.50 15.51
CA GLN H 142 24.76 -45.88 15.90
C GLN H 142 23.91 -45.95 17.16
N MET H 143 24.22 -45.12 18.15
CA MET H 143 23.46 -45.11 19.40
C MET H 143 22.02 -44.70 19.16
N MET H 144 21.80 -43.67 18.34
CA MET H 144 20.42 -43.26 18.10
C MET H 144 19.66 -44.23 17.22
N THR H 145 20.33 -44.90 16.28
CA THR H 145 19.63 -45.87 15.44
C THR H 145 19.28 -47.14 16.21
N ALA H 146 20.23 -47.64 17.01
CA ALA H 146 20.03 -48.86 17.80
C ALA H 146 19.57 -50.03 16.94
K K I . -21.52 -0.28 2.90
K K J . -26.39 -0.34 3.55
K K K . -33.75 -0.44 4.54
CL1 1KP L . 20.95 3.39 -34.98
C4 1KP L . 19.82 2.19 -34.51
C3 1KP L . 20.21 0.86 -34.48
C2 1KP L . 19.31 -0.12 -34.10
C5 1KP L . 18.53 2.57 -34.18
CL 1KP L . 18.02 4.21 -34.21
C6 1KP L . 17.64 1.59 -33.80
C1 1KP L . 18.02 0.24 -33.76
N1 1KP L . 16.32 1.74 -33.43
C7 1KP L . 15.75 0.53 -33.13
O1 1KP L . 14.61 0.35 -32.77
C 1KP L . 16.83 -0.48 -33.33
N 1KP L . 16.56 -1.70 -33.12
O 1KP L . 16.83 -2.51 -34.16
CA CA M . 26.05 11.22 -33.99
CA CA N . 26.67 3.03 -42.98
CL1 1KP O . 25.26 32.17 -0.30
C4 1KP O . 23.91 31.86 -1.31
C3 1KP O . 24.09 31.76 -2.68
C2 1KP O . 23.01 31.51 -3.51
C5 1KP O . 22.65 31.70 -0.74
CL 1KP O . 22.40 31.81 0.96
C6 1KP O . 21.59 31.45 -1.58
C1 1KP O . 21.76 31.35 -2.96
N1 1KP O . 20.26 31.26 -1.23
C7 1KP O . 19.49 31.03 -2.32
O1 1KP O . 18.30 30.84 -2.34
C 1KP O . 20.43 31.09 -3.49
N 1KP O . 19.97 30.90 -4.67
O 1KP O . 20.26 31.89 -5.51
CA CA P . 31.27 30.60 6.73
CA CA Q . 31.76 39.44 -1.62
CL1 1KP R . 29.53 -2.72 28.17
C4 1KP R . 28.26 -1.57 28.03
C3 1KP R . 28.58 -0.23 27.87
C2 1KP R . 27.57 0.72 27.76
C5 1KP R . 26.94 -2.00 28.08
CL 1KP R . 26.53 -3.66 28.28
C6 1KP R . 25.95 -1.05 27.96
C1 1KP R . 26.25 0.31 27.81
N1 1KP R . 24.59 -1.25 27.98
C7 1KP R . 23.91 -0.07 27.84
O1 1KP R . 22.71 0.07 27.82
C 1KP R . 24.97 0.98 27.72
N 1KP R . 24.61 2.20 27.58
O 1KP R . 25.12 3.02 28.49
CA CA S . 34.38 -10.42 25.87
CA CA T . 37.15 -2.18 34.38
CL1 1KP U . 25.24 -31.55 -6.49
C4 1KP U . 24.20 -31.26 -5.16
C3 1KP U . 24.74 -31.16 -3.87
C2 1KP U . 23.91 -30.93 -2.78
C5 1KP U . 22.83 -31.12 -5.37
CL 1KP U . 22.14 -31.23 -6.93
C6 1KP U . 22.03 -30.89 -4.28
C1 1KP U . 22.55 -30.79 -2.98
N1 1KP U . 20.65 -30.73 -4.26
C7 1KP U . 20.19 -30.51 -2.99
O1 1KP U . 19.05 -30.33 -2.67
C 1KP U . 21.40 -30.54 -2.12
N 1KP U . 21.27 -30.37 -0.87
O 1KP U . 21.78 -31.36 -0.13
CA CA V . 29.14 -29.83 -14.84
CA CA W . 32.05 -38.63 -6.95
#